data_8W0T
#
_entry.id   8W0T
#
_cell.length_a   101.143
_cell.length_b   102.052
_cell.length_c   173.594
_cell.angle_alpha   90.00
_cell.angle_beta   90.00
_cell.angle_gamma   90.00
#
_symmetry.space_group_name_H-M   'P 21 21 21'
#
loop_
_entity.id
_entity.type
_entity.pdbx_description
1 polymer 'Long-chain specific acyl-CoA dehydrogenase, mitochondrial'
2 non-polymer 'FLAVIN-ADENINE DINUCLEOTIDE'
3 water water
#
_entity_poly.entity_id   1
_entity_poly.type   'polypeptide(L)'
_entity_poly.pdbx_seq_one_letter_code
;GGEERLETPSAKKLTDIGIRRIFSPEHDIFRKSVRKFFQEEVIPHHSEWEKAGEVSREVWEKAGKQGLLGVNIAEHLGGI
GGDLYSAAIVWEEQAYSNCSGPGFSIHSGIVMSYITNHGSEEQIKHFIPQMTAGKCIGAIAMTEPGAGSDLQGIKTNAKK
DGSDWILNGSKVFISNGSLSDVVIVVAVTNHEAPSPAHGISLFLVENGMKGFIKGRKLHKMGLKAQDTAELFFEDIRLPA
SALLGEENKGFYYIMKELPQERLLIADVAISASEFMFEETRNYVKQRKAFGKTVAHLQTVQHKLAELKTHICVTRAFVDN
CLQLHEAKRLDSATACMAKYWASELQNSVAYDCVQLHGGWGYMWEYPIAKAYVDARVQPIYGGTNEIMKELIAREIVFDK
;
_entity_poly.pdbx_strand_id   A,B,C,D
#
# COMPACT_ATOMS: atom_id res chain seq x y z
N GLU A 3 -7.18 38.84 6.46
CA GLU A 3 -8.27 39.01 5.47
C GLU A 3 -8.46 37.78 4.56
N GLU A 4 -7.50 37.53 3.67
CA GLU A 4 -7.57 36.40 2.75
C GLU A 4 -6.21 35.69 2.65
N ARG A 5 -6.23 34.38 2.90
CA ARG A 5 -5.00 33.57 2.88
C ARG A 5 -5.13 32.30 2.03
N LEU A 6 -4.01 31.85 1.49
CA LEU A 6 -3.98 30.63 0.68
C LEU A 6 -3.78 29.41 1.57
N GLU A 7 -4.13 28.25 1.06
CA GLU A 7 -3.90 27.02 1.81
C GLU A 7 -2.71 26.33 1.16
N THR A 8 -2.07 25.43 1.90
CA THR A 8 -0.89 24.73 1.43
C THR A 8 -0.90 24.30 -0.05
N PRO A 9 -2.02 23.74 -0.55
CA PRO A 9 -2.10 23.31 -1.94
C PRO A 9 -1.72 24.34 -3.01
N SER A 10 -2.31 25.53 -2.87
CA SER A 10 -2.11 26.62 -3.81
C SER A 10 -0.90 27.53 -3.56
N ALA A 11 -0.21 27.31 -2.44
CA ALA A 11 0.96 28.09 -2.10
C ALA A 11 2.05 27.87 -3.14
N LYS A 12 3.00 28.79 -3.19
CA LYS A 12 4.11 28.69 -4.13
C LYS A 12 5.03 27.62 -3.56
N LYS A 13 4.96 27.45 -2.23
CA LYS A 13 5.74 26.46 -1.51
C LYS A 13 4.95 26.07 -0.25
N LEU A 14 4.91 24.77 0.05
CA LEU A 14 4.18 24.26 1.21
C LEU A 14 4.63 24.93 2.51
N THR A 15 5.77 25.62 2.45
CA THR A 15 6.33 26.28 3.63
C THR A 15 6.24 27.81 3.70
N ASP A 16 5.88 28.48 2.61
CA ASP A 16 5.80 29.94 2.64
C ASP A 16 5.08 30.47 3.86
N ILE A 17 5.49 31.65 4.31
CA ILE A 17 4.87 32.29 5.45
C ILE A 17 3.70 33.09 4.94
N GLY A 18 2.64 33.17 5.72
CA GLY A 18 1.48 33.94 5.30
C GLY A 18 0.34 33.07 4.83
N ILE A 19 0.61 31.77 4.74
CA ILE A 19 -0.41 30.84 4.30
C ILE A 19 -0.99 30.08 5.49
N ARG A 20 -2.13 29.44 5.25
CA ARG A 20 -2.87 28.66 6.24
C ARG A 20 -3.79 29.68 6.91
N ARG A 21 -5.09 29.39 6.80
CA ARG A 21 -6.16 30.23 7.32
C ARG A 21 -6.10 30.44 8.85
N ILE A 22 -5.46 29.52 9.57
CA ILE A 22 -5.40 29.63 11.03
C ILE A 22 -4.36 30.57 11.66
N PHE A 23 -3.66 31.33 10.82
CA PHE A 23 -2.64 32.27 11.32
C PHE A 23 -2.94 33.74 10.99
N SER A 24 -2.57 34.63 11.92
CA SER A 24 -2.80 36.07 11.77
C SER A 24 -1.59 36.74 11.15
N PRO A 25 -1.77 37.99 10.67
CA PRO A 25 -0.63 38.69 10.06
C PRO A 25 0.48 38.77 11.09
N GLU A 26 0.09 38.76 12.37
CA GLU A 26 1.02 38.84 13.49
C GLU A 26 1.86 37.57 13.62
N HIS A 27 1.17 36.43 13.57
CA HIS A 27 1.83 35.13 13.66
C HIS A 27 2.95 35.03 12.63
N ASP A 28 2.71 35.58 11.44
CA ASP A 28 3.70 35.55 10.38
C ASP A 28 4.97 36.28 10.78
N ILE A 29 4.82 37.44 11.43
CA ILE A 29 5.99 38.20 11.86
C ILE A 29 6.85 37.33 12.77
N PHE A 30 6.18 36.63 13.67
CA PHE A 30 6.85 35.75 14.62
C PHE A 30 7.47 34.52 13.95
N ARG A 31 6.87 34.10 12.84
CA ARG A 31 7.35 32.93 12.10
C ARG A 31 8.59 33.34 11.31
N LYS A 32 8.53 34.53 10.74
CA LYS A 32 9.64 35.09 9.97
C LYS A 32 10.87 35.15 10.89
N SER A 33 10.63 35.58 12.13
CA SER A 33 11.70 35.71 13.11
C SER A 33 12.24 34.38 13.65
N VAL A 34 11.36 33.41 13.85
CA VAL A 34 11.78 32.11 14.35
C VAL A 34 12.49 31.35 13.24
N ARG A 35 12.00 31.52 12.01
CA ARG A 35 12.62 30.87 10.87
C ARG A 35 14.04 31.39 10.81
N LYS A 36 14.16 32.69 11.09
CA LYS A 36 15.43 33.39 11.09
C LYS A 36 16.36 32.79 12.12
N PHE A 37 15.88 32.68 13.35
CA PHE A 37 16.67 32.13 14.45
C PHE A 37 17.30 30.80 14.06
N PHE A 38 16.50 29.87 13.55
CA PHE A 38 17.02 28.57 13.18
C PHE A 38 18.05 28.59 12.06
N GLN A 39 17.88 29.47 11.08
CA GLN A 39 18.82 29.55 9.95
C GLN A 39 20.21 30.01 10.37
N GLU A 40 20.27 30.91 11.34
CA GLU A 40 21.54 31.43 11.82
C GLU A 40 22.05 30.72 13.08
N GLU A 41 21.24 30.76 14.14
CA GLU A 41 21.60 30.17 15.44
C GLU A 41 21.56 28.65 15.58
N VAL A 42 21.04 27.93 14.58
CA VAL A 42 20.95 26.48 14.71
C VAL A 42 21.58 25.61 13.62
N ILE A 43 21.03 25.70 12.41
CA ILE A 43 21.53 24.91 11.29
C ILE A 43 23.05 24.91 11.12
N PRO A 44 23.68 26.07 11.22
CA PRO A 44 25.15 26.15 11.07
C PRO A 44 25.95 25.22 11.97
N HIS A 45 25.53 25.09 13.23
CA HIS A 45 26.25 24.26 14.19
C HIS A 45 25.76 22.83 14.39
N HIS A 46 24.57 22.54 13.88
CA HIS A 46 23.96 21.21 14.06
C HIS A 46 24.86 20.04 13.71
N SER A 47 25.42 20.02 12.50
CA SER A 47 26.30 18.92 12.09
C SER A 47 27.42 18.65 13.10
N GLU A 48 27.82 19.68 13.84
CA GLU A 48 28.86 19.55 14.85
C GLU A 48 28.29 18.88 16.11
N TRP A 49 27.09 19.30 16.50
CA TRP A 49 26.46 18.71 17.66
C TRP A 49 26.19 17.22 17.43
N GLU A 50 25.99 16.86 16.16
CA GLU A 50 25.72 15.47 15.81
C GLU A 50 26.86 14.59 16.28
N LYS A 51 28.08 15.06 16.10
CA LYS A 51 29.25 14.30 16.53
C LYS A 51 29.25 14.25 18.06
N ALA A 52 28.98 15.39 18.69
CA ALA A 52 28.95 15.47 20.15
C ALA A 52 27.84 14.63 20.79
N GLY A 53 26.83 14.27 20.00
CA GLY A 53 25.73 13.50 20.54
C GLY A 53 24.74 14.37 21.30
N GLU A 54 24.92 15.68 21.26
CA GLU A 54 24.03 16.61 21.94
C GLU A 54 24.29 18.06 21.54
N VAL A 55 23.28 18.91 21.69
CA VAL A 55 23.41 20.32 21.34
C VAL A 55 24.09 21.04 22.50
N SER A 56 24.45 22.31 22.25
CA SER A 56 25.11 23.13 23.26
C SER A 56 24.09 23.78 24.19
N ARG A 57 24.50 24.04 25.42
CA ARG A 57 23.59 24.67 26.37
C ARG A 57 23.43 26.11 25.96
N GLU A 58 24.35 26.55 25.10
CA GLU A 58 24.38 27.91 24.60
C GLU A 58 23.21 28.14 23.65
N VAL A 59 23.08 27.27 22.64
CA VAL A 59 22.00 27.37 21.67
C VAL A 59 20.67 27.38 22.42
N TRP A 60 20.61 26.65 23.53
CA TRP A 60 19.42 26.59 24.35
C TRP A 60 19.09 27.96 24.93
N GLU A 61 20.04 28.53 25.67
CA GLU A 61 19.86 29.84 26.29
C GLU A 61 19.45 30.92 25.29
N LYS A 62 20.07 30.92 24.12
CA LYS A 62 19.74 31.90 23.08
C LYS A 62 18.24 31.88 22.82
N ALA A 63 17.73 30.69 22.49
CA ALA A 63 16.30 30.51 22.23
C ALA A 63 15.51 30.91 23.47
N GLY A 64 16.15 30.78 24.63
CA GLY A 64 15.50 31.14 25.87
C GLY A 64 15.20 32.62 25.86
N LYS A 65 16.24 33.45 25.75
CA LYS A 65 16.06 34.90 25.72
C LYS A 65 15.33 35.33 24.46
N GLN A 66 15.50 34.57 23.39
CA GLN A 66 14.85 34.85 22.11
C GLN A 66 13.34 34.64 22.20
N GLY A 67 12.90 34.09 23.33
CA GLY A 67 11.48 33.84 23.55
C GLY A 67 10.90 32.74 22.69
N LEU A 68 11.59 31.59 22.64
CA LEU A 68 11.11 30.46 21.86
C LEU A 68 10.66 29.32 22.76
N LEU A 69 11.01 29.43 24.03
CA LEU A 69 10.64 28.42 25.00
C LEU A 69 9.39 28.84 25.75
N GLY A 70 8.69 27.87 26.34
CA GLY A 70 7.48 28.15 27.08
C GLY A 70 6.50 29.09 26.40
N VAL A 71 6.52 29.12 25.07
CA VAL A 71 5.64 30.01 24.32
C VAL A 71 4.16 29.89 24.61
N ASN A 72 3.68 28.70 24.95
CA ASN A 72 2.26 28.53 25.24
C ASN A 72 2.02 28.56 26.74
N ILE A 73 3.09 28.80 27.49
CA ILE A 73 3.02 28.86 28.93
C ILE A 73 2.56 30.26 29.31
N ALA A 74 1.52 30.33 30.13
CA ALA A 74 0.97 31.61 30.57
C ALA A 74 2.06 32.56 31.08
N GLU A 75 2.01 33.81 30.61
CA GLU A 75 3.00 34.82 30.99
C GLU A 75 3.13 35.09 32.49
N HIS A 76 1.99 35.24 33.17
CA HIS A 76 1.99 35.52 34.59
C HIS A 76 2.49 34.34 35.43
N LEU A 77 2.89 33.27 34.77
CA LEU A 77 3.41 32.09 35.46
C LEU A 77 4.90 31.92 35.16
N GLY A 78 5.47 32.82 34.37
CA GLY A 78 6.88 32.74 34.03
C GLY A 78 7.03 32.44 32.55
N GLY A 79 5.90 32.30 31.86
CA GLY A 79 5.92 32.02 30.45
C GLY A 79 5.82 33.24 29.56
N ILE A 80 6.05 33.06 28.26
CA ILE A 80 5.99 34.17 27.33
C ILE A 80 4.53 34.51 26.97
N GLY A 81 3.59 33.75 27.54
CA GLY A 81 2.17 33.98 27.34
C GLY A 81 1.52 34.10 25.98
N GLY A 82 2.01 33.34 24.99
CA GLY A 82 1.42 33.41 23.66
C GLY A 82 0.23 32.48 23.54
N ASP A 83 -0.14 32.13 22.31
CA ASP A 83 -1.27 31.22 22.08
C ASP A 83 -0.77 29.92 21.43
N LEU A 84 -1.63 28.90 21.41
CA LEU A 84 -1.25 27.61 20.85
C LEU A 84 -0.54 27.69 19.50
N TYR A 85 -1.13 28.44 18.58
CA TYR A 85 -0.56 28.60 17.25
C TYR A 85 0.90 29.07 17.31
N SER A 86 1.14 30.16 18.05
CA SER A 86 2.49 30.71 18.18
C SER A 86 3.45 29.58 18.56
N ALA A 87 3.03 28.74 19.50
CA ALA A 87 3.83 27.62 19.95
C ALA A 87 4.04 26.67 18.79
N ALA A 88 2.94 26.32 18.11
CA ALA A 88 3.01 25.40 16.97
C ALA A 88 4.07 25.87 15.98
N ILE A 89 4.11 27.17 15.74
CA ILE A 89 5.08 27.77 14.84
C ILE A 89 6.48 27.27 15.16
N VAL A 90 6.84 27.34 16.43
CA VAL A 90 8.15 26.90 16.91
C VAL A 90 8.45 25.46 16.50
N TRP A 91 7.49 24.56 16.74
CA TRP A 91 7.67 23.14 16.39
C TRP A 91 7.94 23.06 14.90
N GLU A 92 7.05 23.70 14.15
CA GLU A 92 7.09 23.68 12.70
C GLU A 92 8.38 24.21 12.09
N GLU A 93 8.87 25.33 12.62
CA GLU A 93 10.08 25.90 12.07
C GLU A 93 11.29 25.01 12.34
N GLN A 94 11.36 24.38 13.50
CA GLN A 94 12.49 23.50 13.78
C GLN A 94 12.43 22.32 12.83
N ALA A 95 11.23 21.80 12.61
CA ALA A 95 11.08 20.68 11.71
C ALA A 95 11.50 21.13 10.32
N TYR A 96 11.14 22.35 9.96
CA TYR A 96 11.47 22.88 8.65
C TYR A 96 12.97 23.09 8.49
N SER A 97 13.67 23.21 9.61
CA SER A 97 15.11 23.39 9.57
C SER A 97 15.82 22.05 9.34
N ASN A 98 15.14 20.96 9.68
CA ASN A 98 15.68 19.60 9.51
C ASN A 98 16.70 19.29 10.60
N CYS A 99 16.60 20.03 11.70
CA CYS A 99 17.49 19.90 12.84
C CYS A 99 16.73 19.36 14.05
N SER A 100 16.91 18.07 14.31
CA SER A 100 16.21 17.42 15.40
C SER A 100 16.88 17.46 16.77
N GLY A 101 18.08 18.01 16.84
CA GLY A 101 18.82 18.06 18.10
C GLY A 101 18.13 18.74 19.28
N PRO A 102 17.83 20.03 19.16
CA PRO A 102 17.17 20.75 20.25
C PRO A 102 15.91 20.08 20.77
N GLY A 103 15.94 19.68 22.03
CA GLY A 103 14.78 19.05 22.63
C GLY A 103 13.80 20.14 23.03
N PHE A 104 13.84 21.25 22.29
CA PHE A 104 12.97 22.39 22.55
C PHE A 104 11.51 22.01 22.78
N SER A 105 10.94 21.31 21.79
CA SER A 105 9.54 20.88 21.83
C SER A 105 9.12 20.19 23.14
N ILE A 106 9.84 19.14 23.53
CA ILE A 106 9.51 18.42 24.77
C ILE A 106 9.63 19.34 25.97
N HIS A 107 10.58 20.27 25.90
CA HIS A 107 10.81 21.24 26.97
C HIS A 107 9.56 22.12 27.17
N SER A 108 9.24 22.90 26.14
CA SER A 108 8.11 23.82 26.18
C SER A 108 6.77 23.11 26.11
N GLY A 109 6.62 22.25 25.11
CA GLY A 109 5.36 21.54 24.92
C GLY A 109 4.92 20.48 25.90
N ILE A 110 5.85 19.85 26.60
CA ILE A 110 5.44 18.81 27.52
C ILE A 110 5.81 19.02 28.98
N VAL A 111 7.09 19.18 29.29
CA VAL A 111 7.51 19.36 30.68
C VAL A 111 6.94 20.61 31.31
N MET A 112 7.25 21.77 30.75
CA MET A 112 6.75 23.04 31.28
C MET A 112 5.24 23.03 31.43
N SER A 113 4.55 22.44 30.46
CA SER A 113 3.10 22.37 30.50
C SER A 113 2.65 21.50 31.68
N TYR A 114 3.40 20.44 31.97
CA TYR A 114 3.11 19.54 33.07
C TYR A 114 3.22 20.31 34.38
N ILE A 115 4.33 21.04 34.51
CA ILE A 115 4.60 21.83 35.69
C ILE A 115 3.56 22.92 35.95
N THR A 116 3.24 23.73 34.93
CA THR A 116 2.27 24.79 35.11
C THR A 116 0.85 24.29 35.29
N ASN A 117 0.44 23.34 34.46
CA ASN A 117 -0.92 22.79 34.54
C ASN A 117 -1.17 22.00 35.82
N HIS A 118 -0.14 21.40 36.40
CA HIS A 118 -0.36 20.58 37.58
C HIS A 118 0.47 20.88 38.83
N GLY A 119 1.50 21.70 38.69
CA GLY A 119 2.31 22.03 39.84
C GLY A 119 1.62 22.99 40.78
N SER A 120 2.40 23.45 41.76
CA SER A 120 1.93 24.43 42.77
C SER A 120 2.73 25.71 42.61
N GLU A 121 2.40 26.73 43.42
CA GLU A 121 3.06 28.04 43.42
C GLU A 121 4.58 28.11 43.48
N GLU A 122 5.17 27.43 44.45
CA GLU A 122 6.63 27.43 44.61
C GLU A 122 7.20 26.72 43.41
N GLN A 123 6.65 25.54 43.11
CA GLN A 123 7.11 24.74 41.98
C GLN A 123 7.09 25.55 40.68
N ILE A 124 6.01 26.28 40.47
CA ILE A 124 5.90 27.09 39.26
C ILE A 124 6.86 28.26 39.25
N LYS A 125 6.97 28.96 40.38
CA LYS A 125 7.87 30.11 40.44
C LYS A 125 9.34 29.71 40.51
N HIS A 126 9.58 28.47 40.93
CA HIS A 126 10.93 27.95 41.03
C HIS A 126 11.42 27.33 39.73
N PHE A 127 10.49 26.83 38.90
CA PHE A 127 10.91 26.18 37.67
C PHE A 127 10.76 26.94 36.37
N ILE A 128 9.54 27.33 36.04
CA ILE A 128 9.27 28.02 34.78
C ILE A 128 10.28 29.08 34.34
N PRO A 129 10.55 30.09 35.19
CA PRO A 129 11.51 31.13 34.81
C PRO A 129 12.82 30.56 34.26
N GLN A 130 13.51 29.75 35.05
CA GLN A 130 14.78 29.15 34.62
C GLN A 130 14.57 28.46 33.25
N MET A 131 13.39 27.87 33.10
CA MET A 131 13.04 27.15 31.88
C MET A 131 12.71 28.07 30.71
N THR A 132 11.80 29.02 30.93
CA THR A 132 11.44 29.95 29.86
C THR A 132 12.71 30.65 29.43
N ALA A 133 13.66 30.71 30.36
CA ALA A 133 14.95 31.35 30.17
C ALA A 133 15.92 30.52 29.36
N GLY A 134 15.71 29.21 29.37
CA GLY A 134 16.59 28.32 28.62
C GLY A 134 17.81 27.92 29.41
N LYS A 135 17.79 28.18 30.71
CA LYS A 135 18.91 27.84 31.58
C LYS A 135 18.69 26.49 32.25
N CYS A 136 17.45 26.23 32.65
CA CYS A 136 17.07 24.97 33.30
C CYS A 136 16.31 24.07 32.33
N ILE A 137 17.04 23.25 31.57
CA ILE A 137 16.45 22.34 30.60
C ILE A 137 15.62 21.22 31.21
N GLY A 138 14.57 20.81 30.49
CA GLY A 138 13.69 19.75 30.97
C GLY A 138 13.54 18.50 30.14
N ALA A 139 13.13 17.44 30.81
CA ALA A 139 12.92 16.14 30.19
C ALA A 139 11.87 15.38 31.00
N ILE A 140 11.22 14.43 30.37
CA ILE A 140 10.20 13.65 31.07
C ILE A 140 10.52 12.17 30.87
N ALA A 141 10.52 11.41 31.96
CA ALA A 141 10.86 9.99 31.87
C ALA A 141 9.79 9.07 32.40
N MET A 142 9.40 8.12 31.56
CA MET A 142 8.38 7.14 31.91
C MET A 142 8.77 5.76 31.42
N THR A 143 9.08 5.67 30.14
CA THR A 143 9.47 4.41 29.53
C THR A 143 10.56 3.69 30.32
N GLU A 144 10.46 2.36 30.31
CA GLU A 144 11.42 1.51 31.00
C GLU A 144 11.90 0.39 30.09
N PRO A 145 12.98 -0.29 30.48
CA PRO A 145 13.53 -1.38 29.69
C PRO A 145 12.50 -2.47 29.37
N GLY A 146 11.68 -2.79 30.36
CA GLY A 146 10.67 -3.82 30.19
C GLY A 146 9.29 -3.33 29.83
N ALA A 147 8.99 -2.06 30.11
CA ALA A 147 7.59 -1.64 29.84
C ALA A 147 7.33 -0.19 29.39
N GLY A 148 7.06 -0.04 28.08
CA GLY A 148 6.59 1.19 27.48
C GLY A 148 5.13 1.34 27.18
N SER A 149 4.63 0.44 26.35
CA SER A 149 3.24 0.46 25.96
C SER A 149 2.37 -0.04 27.11
N ASP A 150 2.99 -0.74 28.07
CA ASP A 150 2.29 -1.28 29.24
C ASP A 150 2.63 -0.50 30.52
N LEU A 151 1.60 -0.20 31.31
CA LEU A 151 1.79 0.54 32.54
C LEU A 151 1.90 -0.34 33.78
N GLN A 152 1.41 -1.57 33.68
CA GLN A 152 1.48 -2.51 34.81
C GLN A 152 2.86 -3.11 34.70
N GLY A 153 3.65 -2.56 33.78
CA GLY A 153 5.00 -3.04 33.56
C GLY A 153 6.08 -2.16 34.12
N ILE A 154 5.75 -0.96 34.59
CA ILE A 154 6.79 -0.10 35.14
C ILE A 154 6.97 -0.42 36.63
N LYS A 155 8.24 -0.48 37.04
CA LYS A 155 8.59 -0.83 38.41
C LYS A 155 9.32 0.26 39.20
N THR A 156 9.60 1.39 38.57
CA THR A 156 10.28 2.50 39.25
C THR A 156 9.33 2.92 40.36
N ASN A 157 9.81 3.02 41.59
CA ASN A 157 8.90 3.40 42.67
C ASN A 157 9.44 4.37 43.72
N ALA A 158 8.55 4.81 44.59
CA ALA A 158 8.87 5.75 45.66
C ALA A 158 8.08 5.43 46.93
N LYS A 159 8.79 5.30 48.04
CA LYS A 159 8.16 4.99 49.32
C LYS A 159 8.31 6.15 50.28
N LYS A 160 7.27 6.36 51.09
CA LYS A 160 7.25 7.45 52.07
C LYS A 160 8.13 7.16 53.27
N ASP A 161 8.71 8.22 53.81
CA ASP A 161 9.55 8.16 55.00
C ASP A 161 9.36 9.53 55.63
N GLY A 162 8.25 9.66 56.36
CA GLY A 162 7.91 10.92 56.97
C GLY A 162 7.20 11.77 55.94
N SER A 163 7.92 12.75 55.40
CA SER A 163 7.36 13.63 54.39
C SER A 163 8.30 13.63 53.20
N ASP A 164 9.24 12.70 53.22
CA ASP A 164 10.21 12.55 52.15
C ASP A 164 9.82 11.36 51.30
N TRP A 165 10.42 11.26 50.12
CA TRP A 165 10.15 10.15 49.21
C TRP A 165 11.46 9.53 48.75
N ILE A 166 11.65 8.25 49.07
CA ILE A 166 12.85 7.55 48.64
C ILE A 166 12.54 6.95 47.26
N LEU A 167 13.21 7.46 46.22
CA LEU A 167 12.98 6.99 44.85
C LEU A 167 14.00 6.00 44.33
N ASN A 168 13.50 4.94 43.69
CA ASN A 168 14.33 3.88 43.14
C ASN A 168 13.86 3.39 41.79
N GLY A 169 14.80 2.87 41.00
CA GLY A 169 14.46 2.36 39.68
C GLY A 169 15.26 3.02 38.58
N SER A 170 14.82 2.82 37.34
CA SER A 170 15.49 3.41 36.19
C SER A 170 14.48 3.78 35.11
N LYS A 171 14.97 4.46 34.08
CA LYS A 171 14.16 4.87 32.95
C LYS A 171 15.06 4.84 31.73
N VAL A 172 14.48 4.74 30.54
CA VAL A 172 15.29 4.67 29.32
C VAL A 172 14.69 5.45 28.15
N PHE A 173 15.48 5.69 27.11
CA PHE A 173 15.05 6.44 25.92
C PHE A 173 14.68 7.89 26.24
N ILE A 174 15.27 8.45 27.30
CA ILE A 174 14.94 9.81 27.69
C ILE A 174 15.55 10.93 26.86
N SER A 175 14.68 11.81 26.37
CA SER A 175 15.08 12.94 25.54
C SER A 175 15.60 14.06 26.42
N ASN A 176 16.67 14.71 25.96
CA ASN A 176 17.33 15.77 26.72
C ASN A 176 17.87 15.12 27.98
N GLY A 177 18.00 13.80 27.97
CA GLY A 177 18.48 13.07 29.12
C GLY A 177 19.80 13.55 29.71
N SER A 178 20.75 13.89 28.84
CA SER A 178 22.04 14.39 29.29
C SER A 178 22.15 15.86 29.68
N LEU A 179 21.46 16.73 28.94
CA LEU A 179 21.49 18.17 29.17
C LEU A 179 20.33 18.59 30.06
N SER A 180 19.70 17.67 30.78
CA SER A 180 18.55 18.03 31.62
C SER A 180 18.91 18.47 33.03
N ASP A 181 18.07 19.33 33.60
CA ASP A 181 18.27 19.85 34.95
C ASP A 181 17.12 19.38 35.82
N VAL A 182 15.93 19.31 35.23
CA VAL A 182 14.78 18.84 35.94
C VAL A 182 14.20 17.73 35.07
N VAL A 183 13.65 16.71 35.72
CA VAL A 183 13.07 15.58 35.02
C VAL A 183 11.83 15.11 35.75
N ILE A 184 10.73 14.97 35.01
CA ILE A 184 9.50 14.50 35.62
C ILE A 184 9.50 12.98 35.55
N VAL A 185 9.73 12.34 36.70
CA VAL A 185 9.76 10.89 36.77
C VAL A 185 8.41 10.32 37.14
N VAL A 186 8.07 9.20 36.51
CA VAL A 186 6.80 8.55 36.76
C VAL A 186 7.12 7.33 37.61
N ALA A 187 6.56 7.28 38.81
CA ALA A 187 6.83 6.16 39.69
C ALA A 187 5.58 5.57 40.33
N VAL A 188 5.70 4.34 40.83
CA VAL A 188 4.60 3.67 41.50
C VAL A 188 4.67 4.01 42.99
N THR A 189 3.54 4.37 43.57
CA THR A 189 3.52 4.74 44.97
C THR A 189 2.49 3.96 45.78
N ASN A 190 1.71 3.15 45.07
CA ASN A 190 0.70 2.29 45.69
C ASN A 190 0.67 1.00 44.90
N HIS A 191 1.41 0.01 45.37
CA HIS A 191 1.47 -1.28 44.71
C HIS A 191 0.19 -2.07 44.98
N GLU A 192 -0.76 -1.46 45.69
CA GLU A 192 -2.02 -2.12 46.02
C GLU A 192 -3.24 -1.73 45.17
N ALA A 193 -3.14 -0.63 44.45
CA ALA A 193 -4.23 -0.15 43.61
C ALA A 193 -4.62 -1.27 42.66
N PRO A 194 -5.93 -1.37 42.34
CA PRO A 194 -6.41 -2.41 41.43
C PRO A 194 -5.66 -2.34 40.09
N SER A 195 -5.58 -1.13 39.57
CA SER A 195 -4.90 -0.85 38.30
C SER A 195 -3.73 0.07 38.60
N PRO A 196 -2.66 0.02 37.79
CA PRO A 196 -1.50 0.87 37.99
C PRO A 196 -1.86 2.33 37.72
N ALA A 197 -3.04 2.51 37.14
CA ALA A 197 -3.55 3.85 36.83
C ALA A 197 -4.02 4.54 38.09
N HIS A 198 -3.98 3.83 39.22
CA HIS A 198 -4.41 4.39 40.49
C HIS A 198 -3.28 4.35 41.51
N GLY A 199 -2.09 4.01 41.07
CA GLY A 199 -1.00 3.94 42.01
C GLY A 199 0.28 4.63 41.54
N ILE A 200 0.15 5.47 40.51
CA ILE A 200 1.32 6.15 39.96
C ILE A 200 1.34 7.64 40.31
N SER A 201 2.53 8.17 40.55
CA SER A 201 2.69 9.58 40.88
C SER A 201 3.79 10.21 40.03
N LEU A 202 3.78 11.54 39.97
CA LEU A 202 4.80 12.27 39.21
C LEU A 202 5.79 12.93 40.17
N PHE A 203 7.07 12.87 39.82
CA PHE A 203 8.10 13.47 40.66
C PHE A 203 9.09 14.34 39.90
N LEU A 204 9.44 15.46 40.52
CA LEU A 204 10.36 16.43 39.95
C LEU A 204 11.77 16.26 40.53
N VAL A 205 12.57 15.44 39.86
CA VAL A 205 13.95 15.17 40.26
C VAL A 205 14.85 16.20 39.60
N GLU A 206 15.80 16.75 40.36
CA GLU A 206 16.70 17.77 39.80
C GLU A 206 18.15 17.31 39.75
N ASN A 207 18.79 17.52 38.60
CA ASN A 207 20.19 17.16 38.39
C ASN A 207 21.03 17.65 39.56
N GLY A 208 21.72 16.74 40.22
CA GLY A 208 22.54 17.11 41.36
C GLY A 208 22.17 16.33 42.62
N MET A 209 20.96 15.77 42.63
CA MET A 209 20.49 15.00 43.78
C MET A 209 21.26 13.70 43.92
N LYS A 210 21.63 13.37 45.15
CA LYS A 210 22.37 12.15 45.44
C LYS A 210 21.47 11.00 45.03
N GLY A 211 22.00 10.12 44.18
CA GLY A 211 21.21 8.98 43.73
C GLY A 211 20.87 9.12 42.26
N PHE A 212 20.53 10.35 41.86
CA PHE A 212 20.19 10.62 40.47
C PHE A 212 21.45 10.40 39.64
N ILE A 213 21.38 9.54 38.65
CA ILE A 213 22.55 9.26 37.82
C ILE A 213 22.27 9.32 36.32
N LYS A 214 23.08 10.07 35.60
CA LYS A 214 22.94 10.18 34.16
C LYS A 214 23.62 8.97 33.56
N GLY A 215 22.90 8.22 32.75
CA GLY A 215 23.48 7.03 32.17
C GLY A 215 24.10 7.26 30.82
N ARG A 216 24.40 6.15 30.15
CA ARG A 216 25.00 6.11 28.82
C ARG A 216 24.18 6.90 27.78
N LYS A 217 24.86 7.60 26.87
CA LYS A 217 24.12 8.31 25.84
C LYS A 217 23.97 7.24 24.79
N LEU A 218 22.73 6.78 24.61
CA LEU A 218 22.36 5.75 23.67
C LEU A 218 22.79 6.08 22.24
N HIS A 219 23.23 5.06 21.52
CA HIS A 219 23.67 5.19 20.13
C HIS A 219 22.48 4.79 19.24
N LYS A 220 21.81 5.80 18.69
CA LYS A 220 20.64 5.57 17.85
C LYS A 220 20.94 5.57 16.35
N MET A 221 19.92 5.35 15.54
CA MET A 221 20.09 5.33 14.08
C MET A 221 19.78 6.71 13.50
N GLY A 222 19.17 7.55 14.33
CA GLY A 222 18.80 8.91 13.94
C GLY A 222 18.85 9.82 15.14
N LEU A 223 18.45 11.07 14.98
CA LEU A 223 18.49 12.04 16.08
C LEU A 223 19.87 11.89 16.73
N LYS A 224 20.90 11.91 15.88
CA LYS A 224 22.27 11.76 16.31
C LYS A 224 22.70 12.98 17.14
N ALA A 225 21.86 14.02 17.16
CA ALA A 225 22.16 15.23 17.93
C ALA A 225 21.24 15.39 19.15
N GLN A 226 20.32 14.45 19.31
CA GLN A 226 19.42 14.49 20.45
C GLN A 226 20.19 13.66 21.48
N ASP A 227 20.33 14.18 22.70
CA ASP A 227 21.09 13.47 23.72
C ASP A 227 20.17 12.48 24.44
N THR A 228 19.68 11.49 23.71
CA THR A 228 18.79 10.46 24.26
C THR A 228 19.59 9.61 25.25
N ALA A 229 19.17 9.60 26.51
CA ALA A 229 19.91 8.85 27.53
C ALA A 229 19.11 7.89 28.40
N GLU A 230 19.79 7.31 29.38
CA GLU A 230 19.19 6.38 30.30
C GLU A 230 19.30 7.00 31.69
N LEU A 231 18.34 6.73 32.57
CA LEU A 231 18.37 7.30 33.90
C LEU A 231 18.29 6.29 35.02
N PHE A 232 19.00 6.57 36.10
CA PHE A 232 19.01 5.70 37.27
C PHE A 232 18.67 6.50 38.51
N PHE A 233 17.93 5.87 39.42
CA PHE A 233 17.53 6.48 40.67
C PHE A 233 17.87 5.47 41.76
N GLU A 234 19.01 5.68 42.41
CA GLU A 234 19.45 4.78 43.48
C GLU A 234 19.25 5.42 44.85
N ASP A 235 18.17 5.01 45.54
CA ASP A 235 17.84 5.53 46.87
C ASP A 235 17.86 7.05 47.08
N ILE A 236 17.20 7.77 46.18
CA ILE A 236 17.12 9.22 46.26
C ILE A 236 16.11 9.77 47.25
N ARG A 237 16.57 10.52 48.24
CA ARG A 237 15.68 11.11 49.22
C ARG A 237 15.08 12.40 48.66
N LEU A 238 13.85 12.30 48.18
CA LEU A 238 13.15 13.43 47.61
C LEU A 238 12.27 14.13 48.66
N PRO A 239 12.41 15.45 48.80
CA PRO A 239 11.59 16.19 49.77
C PRO A 239 10.13 16.17 49.32
N ALA A 240 9.21 16.57 50.20
CA ALA A 240 7.79 16.57 49.84
C ALA A 240 7.51 17.53 48.69
N SER A 241 8.46 18.43 48.42
CA SER A 241 8.31 19.40 47.35
C SER A 241 8.43 18.78 45.96
N ALA A 242 9.06 17.62 45.87
CA ALA A 242 9.22 16.94 44.58
C ALA A 242 7.90 16.40 44.02
N LEU A 243 7.00 16.01 44.91
CA LEU A 243 5.72 15.48 44.47
C LEU A 243 4.94 16.54 43.66
N LEU A 244 4.62 16.19 42.42
CA LEU A 244 3.89 17.08 41.52
C LEU A 244 2.46 16.56 41.39
N GLY A 245 1.53 17.26 42.04
CA GLY A 245 0.13 16.85 42.02
C GLY A 245 -0.11 15.97 43.23
N GLU A 246 -1.30 15.40 43.36
CA GLU A 246 -1.58 14.53 44.50
C GLU A 246 -0.83 13.20 44.32
N GLU A 247 -0.71 12.46 45.41
CA GLU A 247 -0.06 11.16 45.38
C GLU A 247 -1.07 10.25 44.67
N ASN A 248 -0.59 9.29 43.89
CA ASN A 248 -1.45 8.34 43.18
C ASN A 248 -2.37 8.93 42.11
N LYS A 249 -2.08 10.14 41.67
CA LYS A 249 -2.90 10.78 40.64
C LYS A 249 -2.08 10.97 39.36
N GLY A 250 -0.80 10.63 39.43
CA GLY A 250 0.09 10.77 38.29
C GLY A 250 -0.47 10.37 36.94
N PHE A 251 -1.04 9.17 36.85
CA PHE A 251 -1.60 8.69 35.60
C PHE A 251 -2.71 9.59 35.12
N TYR A 252 -3.52 10.10 36.04
CA TYR A 252 -4.62 10.97 35.65
C TYR A 252 -4.11 12.23 34.94
N TYR A 253 -2.96 12.75 35.36
CA TYR A 253 -2.37 13.94 34.74
C TYR A 253 -1.81 13.61 33.37
N ILE A 254 -1.08 12.49 33.29
CA ILE A 254 -0.49 12.01 32.06
C ILE A 254 -1.60 11.88 31.04
N MET A 255 -2.77 11.45 31.50
CA MET A 255 -3.92 11.30 30.64
C MET A 255 -4.30 12.64 30.02
N LYS A 256 -4.29 13.70 30.83
CA LYS A 256 -4.66 15.02 30.34
C LYS A 256 -3.63 15.66 29.40
N GLU A 257 -2.36 15.33 29.59
CA GLU A 257 -1.30 15.93 28.79
C GLU A 257 -0.96 15.21 27.49
N LEU A 258 -1.23 13.91 27.41
CA LEU A 258 -0.89 13.16 26.21
C LEU A 258 -1.40 13.76 24.90
N PRO A 259 -2.67 14.21 24.86
CA PRO A 259 -3.22 14.79 23.64
C PRO A 259 -2.31 15.87 23.07
N GLN A 260 -1.79 16.74 23.95
CA GLN A 260 -0.91 17.78 23.45
C GLN A 260 0.38 17.18 22.93
N GLU A 261 0.82 16.07 23.54
CA GLU A 261 2.05 15.40 23.11
C GLU A 261 1.87 14.80 21.72
N ARG A 262 0.68 14.27 21.49
CA ARG A 262 0.38 13.66 20.22
C ARG A 262 0.14 14.68 19.11
N LEU A 263 -0.57 15.76 19.42
CA LEU A 263 -0.80 16.82 18.42
C LEU A 263 0.55 17.37 17.97
N LEU A 264 1.41 17.69 18.94
CA LEU A 264 2.75 18.22 18.66
C LEU A 264 3.47 17.31 17.66
N ILE A 265 3.70 16.06 18.06
CA ILE A 265 4.35 15.09 17.21
C ILE A 265 3.70 15.04 15.82
N ALA A 266 2.38 15.18 15.79
CA ALA A 266 1.67 15.17 14.51
C ALA A 266 2.08 16.36 13.66
N ASP A 267 2.04 17.54 14.27
CA ASP A 267 2.41 18.74 13.55
C ASP A 267 3.87 18.62 13.16
N VAL A 268 4.70 18.19 14.10
CA VAL A 268 6.11 18.08 13.78
C VAL A 268 6.26 17.12 12.60
N ALA A 269 5.53 16.01 12.66
CA ALA A 269 5.58 14.99 11.61
C ALA A 269 5.24 15.52 10.21
N ILE A 270 4.05 16.09 10.09
CA ILE A 270 3.60 16.60 8.80
C ILE A 270 4.51 17.74 8.34
N SER A 271 4.95 18.57 9.29
CA SER A 271 5.83 19.68 8.97
C SER A 271 7.12 19.15 8.37
N ALA A 272 7.60 18.07 8.96
CA ALA A 272 8.82 17.43 8.49
C ALA A 272 8.64 16.94 7.06
N SER A 273 7.40 16.55 6.73
CA SER A 273 7.06 16.06 5.40
C SER A 273 7.00 17.24 4.43
N GLU A 274 6.47 18.35 4.92
CA GLU A 274 6.37 19.54 4.09
C GLU A 274 7.77 19.99 3.65
N PHE A 275 8.75 19.79 4.51
CA PHE A 275 10.11 20.15 4.18
C PHE A 275 10.68 19.23 3.12
N MET A 276 10.64 17.93 3.39
CA MET A 276 11.18 16.94 2.46
C MET A 276 10.63 17.08 1.06
N PHE A 277 9.35 17.49 0.95
CA PHE A 277 8.75 17.64 -0.35
C PHE A 277 9.44 18.72 -1.18
N GLU A 278 9.52 19.93 -0.65
CA GLU A 278 10.16 21.03 -1.36
C GLU A 278 11.63 20.70 -1.65
N GLU A 279 12.31 20.20 -0.63
CA GLU A 279 13.71 19.81 -0.72
C GLU A 279 13.91 18.77 -1.82
N THR A 280 12.86 18.01 -2.11
CA THR A 280 12.92 16.98 -3.14
C THR A 280 12.36 17.53 -4.45
N ARG A 281 11.36 18.41 -4.36
CA ARG A 281 10.81 18.98 -5.57
C ARG A 281 11.96 19.70 -6.26
N ASN A 282 12.52 20.67 -5.53
CA ASN A 282 13.62 21.50 -6.00
C ASN A 282 14.78 20.67 -6.53
N TYR A 283 15.18 19.66 -5.78
CA TYR A 283 16.29 18.83 -6.21
C TYR A 283 16.07 18.13 -7.55
N VAL A 284 14.90 17.52 -7.76
CA VAL A 284 14.68 16.81 -9.02
C VAL A 284 14.37 17.75 -10.18
N LYS A 285 14.09 19.00 -9.86
CA LYS A 285 13.83 19.98 -10.89
C LYS A 285 15.18 20.37 -11.48
N GLN A 286 16.19 20.44 -10.62
CA GLN A 286 17.55 20.82 -11.03
C GLN A 286 18.44 19.65 -11.48
N ARG A 287 18.00 18.42 -11.25
CA ARG A 287 18.79 17.25 -11.63
C ARG A 287 18.66 16.92 -13.12
N LYS A 288 19.72 17.22 -13.87
CA LYS A 288 19.76 17.01 -15.33
C LYS A 288 19.83 15.51 -15.67
N ALA A 289 19.09 15.09 -16.70
CA ALA A 289 19.06 13.68 -17.14
C ALA A 289 18.28 13.55 -18.45
N PHE A 290 18.87 12.88 -19.45
CA PHE A 290 18.24 12.65 -20.78
C PHE A 290 17.91 13.97 -21.50
N GLY A 291 18.72 15.02 -21.25
CA GLY A 291 18.53 16.32 -21.92
C GLY A 291 17.75 17.31 -21.06
N LYS A 292 16.64 16.87 -20.48
CA LYS A 292 15.87 17.75 -19.62
C LYS A 292 16.24 17.45 -18.18
N THR A 293 15.37 17.79 -17.25
CA THR A 293 15.63 17.44 -15.82
C THR A 293 14.75 16.23 -15.44
N VAL A 294 15.07 15.56 -14.35
CA VAL A 294 14.27 14.39 -13.93
C VAL A 294 12.81 14.74 -13.68
N ALA A 295 12.54 16.03 -13.45
CA ALA A 295 11.18 16.51 -13.21
C ALA A 295 10.33 16.44 -14.48
N HIS A 296 10.96 16.18 -15.62
CA HIS A 296 10.25 16.08 -16.88
C HIS A 296 9.72 14.66 -17.11
N LEU A 297 10.14 13.75 -16.24
CA LEU A 297 9.69 12.37 -16.32
C LEU A 297 8.26 12.35 -15.76
N GLN A 298 7.32 11.77 -16.50
CA GLN A 298 5.95 11.74 -16.01
C GLN A 298 5.82 10.97 -14.69
N THR A 299 6.50 9.84 -14.58
CA THR A 299 6.44 9.07 -13.36
C THR A 299 6.86 9.94 -12.17
N VAL A 300 7.96 10.66 -12.33
CA VAL A 300 8.44 11.53 -11.27
C VAL A 300 7.43 12.64 -11.01
N GLN A 301 6.64 12.95 -12.03
CA GLN A 301 5.62 13.98 -11.90
C GLN A 301 4.46 13.49 -11.06
N HIS A 302 4.07 12.23 -11.26
CA HIS A 302 2.97 11.65 -10.52
C HIS A 302 3.33 11.31 -9.07
N LYS A 303 4.49 10.71 -8.87
CA LYS A 303 4.91 10.39 -7.50
C LYS A 303 4.89 11.72 -6.76
N LEU A 304 5.28 12.77 -7.46
CA LEU A 304 5.32 14.10 -6.88
C LEU A 304 3.91 14.61 -6.56
N ALA A 305 2.96 14.31 -7.43
CA ALA A 305 1.59 14.75 -7.19
C ALA A 305 1.02 13.98 -6.02
N GLU A 306 1.32 12.68 -5.98
CA GLU A 306 0.84 11.82 -4.91
C GLU A 306 1.24 12.32 -3.53
N LEU A 307 2.53 12.60 -3.34
CA LEU A 307 3.03 13.08 -2.05
C LEU A 307 2.39 14.41 -1.64
N LYS A 308 2.30 15.34 -2.59
CA LYS A 308 1.72 16.65 -2.31
C LYS A 308 0.26 16.55 -1.86
N THR A 309 -0.50 15.70 -2.54
CA THR A 309 -1.90 15.50 -2.21
C THR A 309 -1.99 14.94 -0.79
N HIS A 310 -1.23 13.88 -0.50
CA HIS A 310 -1.26 13.30 0.84
C HIS A 310 -0.75 14.28 1.90
N ILE A 311 0.27 15.06 1.56
CA ILE A 311 0.80 16.00 2.53
C ILE A 311 -0.22 17.12 2.78
N CYS A 312 -0.86 17.60 1.72
CA CYS A 312 -1.82 18.66 1.85
C CYS A 312 -3.10 18.24 2.57
N VAL A 313 -3.57 17.03 2.29
CA VAL A 313 -4.78 16.51 2.92
C VAL A 313 -4.57 16.31 4.41
N THR A 314 -3.37 15.87 4.80
CA THR A 314 -3.10 15.66 6.21
C THR A 314 -2.90 17.02 6.89
N ARG A 315 -2.21 17.94 6.20
CA ARG A 315 -2.01 19.25 6.78
C ARG A 315 -3.35 19.79 7.25
N ALA A 316 -4.30 19.85 6.32
CA ALA A 316 -5.63 20.36 6.63
C ALA A 316 -6.17 19.80 7.95
N PHE A 317 -6.01 18.50 8.14
CA PHE A 317 -6.48 17.82 9.35
C PHE A 317 -5.69 18.25 10.61
N VAL A 318 -4.36 18.37 10.47
CA VAL A 318 -3.54 18.79 11.59
C VAL A 318 -3.89 20.21 12.05
N ASP A 319 -4.13 21.14 11.12
CA ASP A 319 -4.48 22.50 11.52
C ASP A 319 -5.87 22.43 12.15
N ASN A 320 -6.69 21.49 11.68
CA ASN A 320 -8.03 21.29 12.20
C ASN A 320 -7.88 20.96 13.68
N CYS A 321 -6.86 20.17 14.00
CA CYS A 321 -6.60 19.76 15.37
C CYS A 321 -5.92 20.87 16.19
N LEU A 322 -5.17 21.75 15.53
CA LEU A 322 -4.53 22.85 16.25
C LEU A 322 -5.64 23.78 16.73
N GLN A 323 -6.57 24.07 15.82
CA GLN A 323 -7.69 24.95 16.10
C GLN A 323 -8.52 24.40 17.25
N LEU A 324 -8.81 23.10 17.21
CA LEU A 324 -9.60 22.49 18.28
C LEU A 324 -8.89 22.58 19.62
N HIS A 325 -7.58 22.32 19.61
CA HIS A 325 -6.80 22.34 20.83
C HIS A 325 -6.63 23.77 21.36
N GLU A 326 -6.63 24.75 20.46
CA GLU A 326 -6.50 26.15 20.86
C GLU A 326 -7.72 26.48 21.71
N ALA A 327 -8.82 25.84 21.37
CA ALA A 327 -10.10 26.01 22.04
C ALA A 327 -10.21 24.99 23.16
N LYS A 328 -9.12 24.27 23.39
CA LYS A 328 -9.11 23.25 24.43
C LYS A 328 -10.30 22.29 24.30
N ARG A 329 -10.52 21.85 23.06
CA ARG A 329 -11.60 20.92 22.73
C ARG A 329 -11.09 19.80 21.82
N LEU A 330 -9.86 19.33 22.10
CA LEU A 330 -9.24 18.27 21.30
C LEU A 330 -9.20 16.96 22.06
N ASP A 331 -10.21 16.12 21.89
CA ASP A 331 -10.27 14.84 22.60
C ASP A 331 -9.15 13.89 22.18
N SER A 332 -8.85 12.93 23.05
CA SER A 332 -7.77 11.97 22.83
C SER A 332 -7.74 11.21 21.50
N ALA A 333 -8.89 10.69 21.08
CA ALA A 333 -8.99 9.94 19.84
C ALA A 333 -8.50 10.75 18.63
N THR A 334 -8.96 11.99 18.52
CA THR A 334 -8.56 12.87 17.42
C THR A 334 -7.04 13.08 17.50
N ALA A 335 -6.56 13.32 18.72
CA ALA A 335 -5.14 13.52 18.94
C ALA A 335 -4.43 12.31 18.37
N CYS A 336 -4.87 11.12 18.75
CA CYS A 336 -4.26 9.90 18.27
C CYS A 336 -4.27 9.73 16.76
N MET A 337 -5.37 10.09 16.12
CA MET A 337 -5.44 9.97 14.67
C MET A 337 -4.37 10.84 14.04
N ALA A 338 -4.22 12.05 14.59
CA ALA A 338 -3.22 12.96 14.05
C ALA A 338 -1.84 12.36 14.14
N LYS A 339 -1.47 11.95 15.35
CA LYS A 339 -0.16 11.37 15.61
C LYS A 339 0.11 10.18 14.73
N TYR A 340 -0.82 9.23 14.76
CA TYR A 340 -0.70 8.02 13.99
C TYR A 340 -0.58 8.26 12.48
N TRP A 341 -1.57 8.87 11.85
CA TRP A 341 -1.49 9.06 10.41
C TRP A 341 -0.38 10.02 9.92
N ALA A 342 -0.08 11.06 10.69
CA ALA A 342 0.97 11.99 10.29
C ALA A 342 2.37 11.35 10.37
N SER A 343 2.66 10.69 11.48
CA SER A 343 3.96 10.07 11.61
C SER A 343 4.15 9.02 10.52
N GLU A 344 3.11 8.24 10.28
CA GLU A 344 3.17 7.20 9.24
C GLU A 344 3.49 7.81 7.88
N LEU A 345 2.69 8.81 7.49
CA LEU A 345 2.89 9.50 6.22
C LEU A 345 4.34 9.96 6.14
N GLN A 346 4.79 10.66 7.18
CA GLN A 346 6.15 11.17 7.24
C GLN A 346 7.15 10.17 6.69
N ASN A 347 7.04 8.93 7.14
CA ASN A 347 7.95 7.86 6.72
C ASN A 347 7.85 7.35 5.28
N SER A 348 6.64 7.29 4.71
CA SER A 348 6.55 6.83 3.32
C SER A 348 6.89 7.99 2.40
N VAL A 349 6.95 9.19 2.96
CA VAL A 349 7.33 10.39 2.21
C VAL A 349 8.86 10.41 2.23
N ALA A 350 9.42 10.27 3.43
CA ALA A 350 10.86 10.26 3.57
C ALA A 350 11.45 9.16 2.69
N TYR A 351 10.74 8.05 2.54
CA TYR A 351 11.23 6.96 1.71
C TYR A 351 11.20 7.31 0.22
N ASP A 352 10.10 7.88 -0.25
CA ASP A 352 10.03 8.22 -1.67
C ASP A 352 10.96 9.35 -2.02
N CYS A 353 11.08 10.31 -1.10
CA CYS A 353 11.95 11.45 -1.34
C CYS A 353 13.39 10.96 -1.47
N VAL A 354 13.80 10.05 -0.61
CA VAL A 354 15.14 9.52 -0.73
C VAL A 354 15.30 8.95 -2.14
N GLN A 355 14.38 8.07 -2.51
CA GLN A 355 14.40 7.40 -3.81
C GLN A 355 14.54 8.34 -5.01
N LEU A 356 13.94 9.52 -4.92
CA LEU A 356 14.02 10.49 -6.01
C LEU A 356 15.37 11.22 -5.99
N HIS A 357 16.08 11.08 -4.86
CA HIS A 357 17.38 11.70 -4.67
C HIS A 357 18.43 10.70 -5.12
N GLY A 358 17.99 9.61 -5.73
CA GLY A 358 18.93 8.60 -6.16
C GLY A 358 19.95 8.26 -5.07
N GLY A 359 21.16 7.92 -5.50
CA GLY A 359 22.20 7.57 -4.55
C GLY A 359 22.51 8.64 -3.51
N TRP A 360 22.53 9.90 -3.94
CA TRP A 360 22.84 11.00 -3.02
C TRP A 360 21.86 11.12 -1.85
N GLY A 361 20.74 10.43 -1.93
CA GLY A 361 19.77 10.47 -0.85
C GLY A 361 20.27 9.57 0.25
N TYR A 362 21.41 8.93 -0.01
CA TYR A 362 21.99 8.03 0.95
C TYR A 362 23.18 8.66 1.65
N MET A 363 23.67 9.78 1.13
CA MET A 363 24.81 10.46 1.73
C MET A 363 24.30 11.43 2.79
N TRP A 364 24.98 11.46 3.92
CA TRP A 364 24.59 12.32 5.04
C TRP A 364 24.73 13.81 4.71
N GLU A 365 25.42 14.11 3.61
CA GLU A 365 25.64 15.49 3.15
C GLU A 365 24.32 16.16 2.80
N TYR A 366 23.42 15.39 2.18
CA TYR A 366 22.11 15.89 1.77
C TYR A 366 21.11 15.85 2.91
N PRO A 367 20.29 16.90 3.04
CA PRO A 367 19.30 16.95 4.12
C PRO A 367 18.35 15.75 4.20
N ILE A 368 17.86 15.28 3.06
CA ILE A 368 16.92 14.17 3.07
C ILE A 368 17.43 12.93 3.82
N ALA A 369 18.62 12.48 3.50
CA ALA A 369 19.17 11.30 4.14
C ALA A 369 18.90 11.28 5.63
N LYS A 370 19.24 12.36 6.33
CA LYS A 370 19.02 12.40 7.78
C LYS A 370 17.55 12.52 8.16
N ALA A 371 16.76 13.16 7.31
CA ALA A 371 15.34 13.32 7.57
C ALA A 371 14.65 11.96 7.51
N TYR A 372 15.31 11.01 6.83
CA TYR A 372 14.78 9.67 6.69
C TYR A 372 14.92 8.90 7.98
N VAL A 373 16.15 8.84 8.51
CA VAL A 373 16.42 8.15 9.76
C VAL A 373 15.82 8.92 10.92
N ASP A 374 15.54 10.21 10.73
CA ASP A 374 14.93 10.98 11.79
C ASP A 374 13.44 10.68 11.85
N ALA A 375 12.83 10.53 10.67
CA ALA A 375 11.41 10.23 10.61
C ALA A 375 10.96 8.92 11.25
N ARG A 376 11.85 7.92 11.18
CA ARG A 376 11.53 6.58 11.70
C ARG A 376 11.18 6.53 13.20
N VAL A 377 11.59 7.53 13.97
CA VAL A 377 11.33 7.50 15.40
C VAL A 377 9.91 7.97 15.77
N GLN A 378 9.25 8.66 14.83
CA GLN A 378 7.91 9.19 15.05
C GLN A 378 6.81 8.14 15.25
N PRO A 379 6.80 7.07 14.44
CA PRO A 379 5.74 6.06 14.64
C PRO A 379 5.91 5.27 15.95
N ILE A 380 6.97 5.56 16.70
CA ILE A 380 7.23 4.86 17.95
C ILE A 380 6.99 5.62 19.25
N TYR A 381 7.48 6.86 19.37
CA TYR A 381 7.28 7.60 20.62
C TYR A 381 5.94 8.29 20.81
N GLY A 382 5.63 8.64 22.06
CA GLY A 382 4.35 9.25 22.36
C GLY A 382 3.26 8.18 22.34
N GLY A 383 3.72 6.94 22.20
CA GLY A 383 2.84 5.79 22.10
C GLY A 383 3.01 5.30 20.67
N THR A 384 3.29 4.01 20.48
CA THR A 384 3.46 3.49 19.12
C THR A 384 2.16 3.64 18.36
N ASN A 385 2.24 3.70 17.03
CA ASN A 385 1.04 3.82 16.24
C ASN A 385 0.10 2.67 16.54
N GLU A 386 0.65 1.52 16.92
CA GLU A 386 -0.20 0.39 17.27
C GLU A 386 -1.09 0.81 18.44
N ILE A 387 -0.50 1.45 19.45
CA ILE A 387 -1.28 1.90 20.60
C ILE A 387 -2.32 2.95 20.17
N MET A 388 -1.92 3.83 19.27
CA MET A 388 -2.84 4.86 18.80
C MET A 388 -4.11 4.16 18.36
N LYS A 389 -3.96 3.17 17.48
CA LYS A 389 -5.09 2.40 16.97
C LYS A 389 -5.94 1.76 18.05
N GLU A 390 -5.31 1.25 19.10
CA GLU A 390 -6.05 0.63 20.20
C GLU A 390 -7.03 1.69 20.72
N LEU A 391 -6.51 2.87 20.99
CA LEU A 391 -7.30 3.96 21.51
C LEU A 391 -8.42 4.42 20.57
N ILE A 392 -8.08 4.71 19.32
CA ILE A 392 -9.07 5.16 18.37
C ILE A 392 -10.17 4.10 18.17
N ALA A 393 -9.86 2.84 18.46
CA ALA A 393 -10.82 1.76 18.30
C ALA A 393 -11.77 1.66 19.49
N ARG A 394 -11.38 2.24 20.61
CA ARG A 394 -12.20 2.19 21.79
C ARG A 394 -13.59 2.77 21.52
N GLU A 395 -13.63 3.99 20.99
CA GLU A 395 -14.92 4.62 20.71
C GLU A 395 -15.69 3.97 19.58
N ILE A 396 -14.97 3.26 18.72
CA ILE A 396 -15.61 2.62 17.60
C ILE A 396 -16.40 1.40 18.05
N VAL A 397 -15.84 0.67 19.00
CA VAL A 397 -16.43 -0.57 19.50
C VAL A 397 -17.07 -0.61 20.89
N PHE A 398 -16.55 0.17 21.84
CA PHE A 398 -17.11 0.13 23.19
C PHE A 398 -17.91 1.36 23.58
N ASP A 399 -19.23 1.28 23.40
CA ASP A 399 -20.12 2.37 23.74
C ASP A 399 -20.16 2.49 25.28
N LYS A 400 -19.58 3.58 25.80
CA LYS A 400 -19.53 3.81 27.26
C LYS A 400 -20.87 4.27 27.85
N GLU B 3 17.79 -36.41 0.22
CA GLU B 3 16.48 -37.05 -0.08
C GLU B 3 15.36 -36.02 -0.14
N GLU B 4 14.69 -35.84 0.99
CA GLU B 4 13.58 -34.91 1.13
C GLU B 4 14.11 -33.53 1.50
N ARG B 5 13.42 -32.49 1.07
CA ARG B 5 13.79 -31.10 1.37
C ARG B 5 12.54 -30.23 1.42
N LEU B 6 12.44 -29.43 2.47
CA LEU B 6 11.31 -28.53 2.64
C LEU B 6 11.64 -27.19 2.00
N GLU B 7 10.63 -26.33 1.86
CA GLU B 7 10.82 -24.99 1.32
C GLU B 7 10.74 -24.10 2.55
N THR B 8 10.96 -22.79 2.39
CA THR B 8 10.95 -21.87 3.53
C THR B 8 9.70 -21.89 4.43
N PRO B 9 8.49 -21.95 3.83
CA PRO B 9 7.25 -21.98 4.61
C PRO B 9 7.20 -23.09 5.65
N SER B 10 7.60 -24.28 5.21
CA SER B 10 7.60 -25.49 6.02
C SER B 10 8.76 -25.52 7.01
N ALA B 11 9.86 -24.90 6.64
CA ALA B 11 11.05 -24.86 7.49
C ALA B 11 10.74 -24.35 8.89
N LYS B 12 11.47 -24.87 9.89
CA LYS B 12 11.29 -24.44 11.27
C LYS B 12 11.64 -22.95 11.33
N LYS B 13 12.79 -22.60 10.76
CA LYS B 13 13.24 -21.21 10.65
C LYS B 13 13.49 -21.01 9.15
N LEU B 14 13.36 -19.78 8.67
CA LEU B 14 13.55 -19.49 7.26
C LEU B 14 15.02 -19.65 6.86
N THR B 15 15.89 -19.44 7.85
CA THR B 15 17.33 -19.50 7.66
C THR B 15 17.94 -20.86 8.02
N ASP B 16 17.12 -21.91 7.96
CA ASP B 16 17.58 -23.26 8.27
C ASP B 16 18.44 -23.86 7.16
N ILE B 17 19.44 -24.63 7.55
CA ILE B 17 20.34 -25.27 6.59
C ILE B 17 19.78 -26.63 6.21
N GLY B 18 19.65 -26.89 4.92
CA GLY B 18 19.11 -28.16 4.46
C GLY B 18 17.71 -28.03 3.89
N ILE B 19 17.39 -26.89 3.31
CA ILE B 19 16.07 -26.63 2.72
C ILE B 19 16.22 -25.94 1.36
N ARG B 20 15.12 -25.96 0.58
CA ARG B 20 15.07 -25.36 -0.77
C ARG B 20 15.58 -26.33 -1.84
N ARG B 21 14.68 -26.77 -2.70
CA ARG B 21 15.00 -27.73 -3.77
C ARG B 21 16.33 -27.55 -4.49
N ILE B 22 16.70 -26.31 -4.82
CA ILE B 22 17.94 -26.03 -5.56
C ILE B 22 19.28 -26.45 -4.95
N PHE B 23 19.30 -26.76 -3.65
CA PHE B 23 20.54 -27.16 -2.99
C PHE B 23 20.60 -28.67 -2.71
N SER B 24 21.81 -29.18 -2.51
CA SER B 24 22.04 -30.60 -2.21
C SER B 24 22.82 -30.73 -0.91
N PRO B 25 22.95 -31.97 -0.38
CA PRO B 25 23.70 -32.12 0.87
C PRO B 25 25.08 -31.51 0.66
N GLU B 26 25.56 -31.58 -0.58
CA GLU B 26 26.87 -31.04 -0.93
C GLU B 26 26.89 -29.57 -0.49
N HIS B 27 25.90 -28.82 -0.97
CA HIS B 27 25.74 -27.41 -0.67
C HIS B 27 25.48 -27.14 0.82
N ASP B 28 24.75 -28.04 1.47
CA ASP B 28 24.45 -27.88 2.87
C ASP B 28 25.72 -27.90 3.73
N ILE B 29 26.62 -28.83 3.43
CA ILE B 29 27.86 -28.91 4.19
C ILE B 29 28.69 -27.65 4.00
N PHE B 30 28.75 -27.16 2.77
CA PHE B 30 29.51 -25.95 2.48
C PHE B 30 28.88 -24.73 3.15
N ARG B 31 27.56 -24.74 3.30
CA ARG B 31 26.86 -23.64 3.93
C ARG B 31 27.15 -23.57 5.41
N LYS B 32 27.07 -24.71 6.10
CA LYS B 32 27.36 -24.71 7.53
C LYS B 32 28.81 -24.24 7.69
N SER B 33 29.60 -24.58 6.67
CA SER B 33 31.02 -24.22 6.61
C SER B 33 31.18 -22.70 6.58
N VAL B 34 30.41 -22.06 5.70
CA VAL B 34 30.46 -20.61 5.54
C VAL B 34 29.87 -19.85 6.73
N ARG B 35 28.76 -20.34 7.25
CA ARG B 35 28.09 -19.71 8.38
C ARG B 35 29.08 -19.55 9.52
N LYS B 36 29.75 -20.64 9.84
CA LYS B 36 30.74 -20.66 10.90
C LYS B 36 31.74 -19.51 10.69
N PHE B 37 32.24 -19.39 9.46
CA PHE B 37 33.20 -18.34 9.14
C PHE B 37 32.74 -16.93 9.53
N PHE B 38 31.47 -16.65 9.28
CA PHE B 38 30.91 -15.33 9.59
C PHE B 38 30.66 -15.08 11.08
N GLN B 39 30.31 -16.11 11.82
CA GLN B 39 30.06 -15.97 13.26
C GLN B 39 31.37 -15.79 14.00
N GLU B 40 32.39 -16.50 13.53
CA GLU B 40 33.70 -16.46 14.18
C GLU B 40 34.69 -15.42 13.66
N GLU B 41 34.62 -15.11 12.37
CA GLU B 41 35.57 -14.16 11.80
C GLU B 41 35.03 -12.78 11.39
N VAL B 42 33.71 -12.64 11.30
CA VAL B 42 33.12 -11.38 10.88
C VAL B 42 32.35 -10.63 11.96
N ILE B 43 31.32 -11.27 12.49
CA ILE B 43 30.48 -10.67 13.52
C ILE B 43 31.26 -10.05 14.69
N PRO B 44 32.19 -10.80 15.28
CA PRO B 44 32.98 -10.28 16.40
C PRO B 44 33.59 -8.90 16.22
N HIS B 45 34.16 -8.64 15.05
CA HIS B 45 34.82 -7.37 14.77
C HIS B 45 33.99 -6.29 14.07
N HIS B 46 32.81 -6.66 13.58
CA HIS B 46 31.99 -5.68 12.87
C HIS B 46 31.78 -4.41 13.70
N SER B 47 31.58 -4.59 14.99
CA SER B 47 31.38 -3.45 15.89
C SER B 47 32.45 -2.40 15.63
N GLU B 48 33.69 -2.84 15.48
CA GLU B 48 34.80 -1.92 15.25
C GLU B 48 34.86 -1.35 13.83
N TRP B 49 34.85 -2.21 12.81
CA TRP B 49 34.90 -1.75 11.44
C TRP B 49 33.90 -0.63 11.16
N GLU B 50 32.76 -0.65 11.87
CA GLU B 50 31.76 0.39 11.67
C GLU B 50 32.27 1.74 12.13
N LYS B 51 33.30 1.75 12.96
CA LYS B 51 33.88 2.98 13.46
C LYS B 51 35.07 3.42 12.62
N ALA B 52 35.55 2.51 11.78
CA ALA B 52 36.70 2.81 10.92
C ALA B 52 36.23 3.09 9.49
N GLY B 53 34.93 2.91 9.24
CA GLY B 53 34.40 3.14 7.90
C GLY B 53 34.76 2.03 6.94
N GLU B 54 35.85 1.33 7.24
CA GLU B 54 36.29 0.23 6.40
C GLU B 54 36.54 -0.99 7.28
N VAL B 55 36.58 -2.17 6.65
CA VAL B 55 36.82 -3.40 7.38
C VAL B 55 38.30 -3.74 7.30
N SER B 56 38.72 -4.78 8.03
CA SER B 56 40.13 -5.17 8.05
C SER B 56 40.57 -5.83 6.75
N ARG B 57 41.80 -5.53 6.30
CA ARG B 57 42.32 -6.15 5.09
C ARG B 57 42.62 -7.60 5.40
N GLU B 58 42.76 -7.90 6.69
CA GLU B 58 43.08 -9.26 7.11
C GLU B 58 41.93 -10.24 6.90
N VAL B 59 40.76 -9.90 7.45
CA VAL B 59 39.58 -10.76 7.33
C VAL B 59 39.37 -11.19 5.88
N TRP B 60 39.76 -10.33 4.94
CA TRP B 60 39.64 -10.63 3.52
C TRP B 60 40.58 -11.77 3.11
N GLU B 61 41.80 -11.78 3.66
CA GLU B 61 42.77 -12.83 3.36
C GLU B 61 42.30 -14.12 4.01
N LYS B 62 41.69 -14.00 5.17
CA LYS B 62 41.16 -15.17 5.88
C LYS B 62 40.06 -15.81 5.01
N ALA B 63 39.13 -14.98 4.56
CA ALA B 63 38.03 -15.43 3.72
C ALA B 63 38.60 -16.19 2.54
N GLY B 64 39.36 -15.48 1.71
CA GLY B 64 39.98 -16.09 0.54
C GLY B 64 40.70 -17.39 0.83
N LYS B 65 41.64 -17.36 1.76
CA LYS B 65 42.38 -18.57 2.10
C LYS B 65 41.38 -19.67 2.43
N GLN B 66 40.29 -19.29 3.09
CA GLN B 66 39.23 -20.22 3.50
C GLN B 66 38.38 -20.79 2.37
N GLY B 67 38.35 -20.10 1.22
CA GLY B 67 37.57 -20.59 0.09
C GLY B 67 36.22 -19.92 -0.12
N LEU B 68 36.17 -18.59 0.02
CA LEU B 68 34.94 -17.83 -0.16
C LEU B 68 35.01 -16.87 -1.32
N LEU B 69 36.15 -16.18 -1.43
CA LEU B 69 36.34 -15.28 -2.55
C LEU B 69 36.69 -16.09 -3.78
N GLY B 70 36.01 -15.82 -4.89
CA GLY B 70 36.26 -16.50 -6.13
C GLY B 70 35.61 -17.83 -6.17
N VAL B 71 34.28 -17.87 -6.05
CA VAL B 71 33.68 -19.20 -5.94
C VAL B 71 32.99 -19.64 -7.21
N ASN B 72 32.37 -18.70 -7.93
CA ASN B 72 31.71 -19.05 -9.18
C ASN B 72 32.76 -18.93 -10.28
N ILE B 73 33.98 -18.63 -9.86
CA ILE B 73 35.10 -18.47 -10.78
C ILE B 73 35.69 -19.82 -11.11
N ALA B 74 35.56 -20.23 -12.37
CA ALA B 74 36.08 -21.52 -12.84
C ALA B 74 37.49 -21.80 -12.32
N GLU B 75 37.74 -23.06 -11.93
CA GLU B 75 39.04 -23.47 -11.40
C GLU B 75 40.22 -23.42 -12.38
N HIS B 76 39.94 -23.64 -13.66
CA HIS B 76 40.96 -23.64 -14.71
C HIS B 76 41.57 -22.23 -14.83
N LEU B 77 40.95 -21.24 -14.18
CA LEU B 77 41.43 -19.83 -14.30
C LEU B 77 41.78 -19.22 -12.94
N GLY B 78 41.89 -20.03 -11.88
CA GLY B 78 42.24 -19.50 -10.57
C GLY B 78 41.09 -19.21 -9.63
N GLY B 79 40.10 -20.09 -9.58
CA GLY B 79 38.96 -19.91 -8.71
C GLY B 79 38.52 -21.22 -8.11
N ILE B 80 37.73 -21.17 -7.04
CA ILE B 80 37.27 -22.39 -6.39
C ILE B 80 36.45 -23.29 -7.32
N GLY B 81 35.92 -22.70 -8.39
CA GLY B 81 35.16 -23.45 -9.36
C GLY B 81 33.78 -24.01 -9.06
N GLY B 82 33.28 -23.78 -7.85
CA GLY B 82 31.97 -24.29 -7.46
C GLY B 82 30.87 -23.71 -8.34
N ASP B 83 29.67 -24.29 -8.25
CA ASP B 83 28.54 -23.81 -9.03
C ASP B 83 27.99 -22.49 -8.51
N LEU B 84 26.96 -21.97 -9.17
CA LEU B 84 26.33 -20.72 -8.75
C LEU B 84 25.73 -20.85 -7.36
N TYR B 85 25.07 -21.97 -7.10
CA TYR B 85 24.48 -22.24 -5.79
C TYR B 85 25.52 -22.04 -4.70
N SER B 86 26.78 -22.32 -5.03
CA SER B 86 27.86 -22.19 -4.08
C SER B 86 28.14 -20.73 -3.78
N ALA B 87 28.22 -19.91 -4.82
CA ALA B 87 28.47 -18.48 -4.63
C ALA B 87 27.26 -17.85 -3.94
N ALA B 88 26.08 -18.36 -4.28
CA ALA B 88 24.83 -17.87 -3.71
C ALA B 88 24.89 -18.06 -2.22
N ILE B 89 25.29 -19.26 -1.81
CA ILE B 89 25.42 -19.58 -0.40
C ILE B 89 26.27 -18.55 0.35
N VAL B 90 27.25 -17.97 -0.33
CA VAL B 90 28.10 -16.98 0.32
C VAL B 90 27.38 -15.64 0.47
N TRP B 91 26.65 -15.22 -0.57
CA TRP B 91 25.92 -13.96 -0.52
C TRP B 91 24.91 -14.01 0.63
N GLU B 92 24.17 -15.12 0.65
CA GLU B 92 23.12 -15.35 1.64
C GLU B 92 23.63 -15.38 3.06
N GLU B 93 24.58 -16.27 3.32
CA GLU B 93 25.11 -16.37 4.67
C GLU B 93 25.57 -15.03 5.24
N GLN B 94 26.15 -14.19 4.39
CA GLN B 94 26.60 -12.89 4.88
C GLN B 94 25.38 -12.04 5.20
N ALA B 95 24.34 -12.15 4.39
CA ALA B 95 23.12 -11.40 4.60
C ALA B 95 22.53 -11.83 5.94
N TYR B 96 22.59 -13.14 6.22
CA TYR B 96 22.07 -13.67 7.46
C TYR B 96 22.88 -13.17 8.65
N SER B 97 24.16 -12.86 8.42
CA SER B 97 25.03 -12.38 9.49
C SER B 97 24.80 -10.91 9.83
N ASN B 98 23.94 -10.26 9.06
CA ASN B 98 23.62 -8.87 9.30
C ASN B 98 24.88 -7.99 9.27
N CYS B 99 25.90 -8.47 8.56
CA CYS B 99 27.15 -7.74 8.45
C CYS B 99 27.40 -7.30 7.02
N SER B 100 27.27 -6.00 6.79
CA SER B 100 27.41 -5.41 5.47
C SER B 100 28.75 -4.77 5.11
N GLY B 101 29.68 -4.78 6.05
CA GLY B 101 30.99 -4.24 5.77
C GLY B 101 31.72 -4.86 4.61
N PRO B 102 32.02 -6.16 4.69
CA PRO B 102 32.72 -6.85 3.62
C PRO B 102 32.14 -6.70 2.21
N GLY B 103 32.85 -6.05 1.28
CA GLY B 103 32.37 -6.02 -0.09
C GLY B 103 32.72 -7.31 -0.84
N PHE B 104 32.66 -8.44 -0.13
CA PHE B 104 32.99 -9.72 -0.74
C PHE B 104 32.21 -10.03 -2.04
N SER B 105 30.91 -9.72 -2.05
CA SER B 105 30.09 -10.00 -3.22
C SER B 105 30.42 -9.20 -4.48
N ILE B 106 30.67 -7.91 -4.35
CA ILE B 106 31.02 -7.11 -5.53
C ILE B 106 32.34 -7.68 -6.04
N HIS B 107 33.23 -8.00 -5.10
CA HIS B 107 34.61 -8.47 -5.41
C HIS B 107 34.67 -9.78 -6.23
N SER B 108 34.00 -10.85 -5.78
CA SER B 108 34.11 -12.16 -6.40
C SER B 108 32.84 -12.49 -7.19
N GLY B 109 31.84 -11.61 -7.16
CA GLY B 109 30.62 -11.88 -7.90
C GLY B 109 30.52 -11.02 -9.13
N ILE B 110 31.21 -9.88 -9.09
CA ILE B 110 31.22 -8.94 -10.21
C ILE B 110 32.62 -8.73 -10.78
N VAL B 111 33.49 -8.11 -9.99
CA VAL B 111 34.86 -7.81 -10.39
C VAL B 111 35.62 -8.99 -10.99
N MET B 112 35.41 -10.18 -10.44
CA MET B 112 36.11 -11.37 -10.92
C MET B 112 35.46 -12.01 -12.15
N SER B 113 34.16 -11.82 -12.31
CA SER B 113 33.49 -12.37 -13.48
C SER B 113 33.98 -11.56 -14.68
N TYR B 114 33.83 -10.25 -14.61
CA TYR B 114 34.24 -9.35 -15.68
C TYR B 114 35.59 -9.73 -16.27
N ILE B 115 36.62 -9.65 -15.43
CA ILE B 115 37.97 -9.98 -15.85
C ILE B 115 38.04 -11.31 -16.59
N THR B 116 37.51 -12.37 -15.99
CA THR B 116 37.54 -13.70 -16.59
C THR B 116 36.54 -13.97 -17.72
N ASN B 117 35.58 -13.07 -17.94
CA ASN B 117 34.59 -13.29 -19.00
C ASN B 117 34.95 -12.57 -20.29
N HIS B 118 35.77 -11.53 -20.20
CA HIS B 118 36.15 -10.78 -21.38
C HIS B 118 37.62 -10.37 -21.34
N GLY B 119 38.40 -11.04 -20.47
CA GLY B 119 39.80 -10.69 -20.34
C GLY B 119 40.80 -11.64 -20.98
N SER B 120 41.99 -11.10 -21.24
CA SER B 120 43.08 -11.85 -21.85
C SER B 120 43.60 -12.84 -20.81
N GLU B 121 44.29 -13.88 -21.28
CA GLU B 121 44.85 -14.92 -20.41
C GLU B 121 45.88 -14.30 -19.47
N GLU B 122 46.34 -13.09 -19.81
CA GLU B 122 47.32 -12.39 -18.99
C GLU B 122 46.64 -11.80 -17.76
N GLN B 123 45.69 -10.90 -18.01
CA GLN B 123 44.95 -10.24 -16.95
C GLN B 123 44.38 -11.26 -15.98
N ILE B 124 43.96 -12.41 -16.51
CA ILE B 124 43.41 -13.47 -15.68
C ILE B 124 44.48 -14.02 -14.75
N LYS B 125 45.53 -14.60 -15.34
CA LYS B 125 46.65 -15.15 -14.57
C LYS B 125 47.19 -14.13 -13.57
N HIS B 126 47.31 -12.88 -14.02
CA HIS B 126 47.91 -11.78 -13.20
C HIS B 126 47.10 -11.43 -11.95
N PHE B 127 45.77 -11.31 -12.02
CA PHE B 127 45.06 -10.85 -10.79
C PHE B 127 44.08 -11.83 -10.11
N ILE B 128 43.42 -12.68 -10.89
CA ILE B 128 42.35 -13.58 -10.40
C ILE B 128 42.94 -14.31 -9.18
N PRO B 129 44.00 -15.11 -9.35
CA PRO B 129 44.57 -15.88 -8.23
C PRO B 129 44.83 -15.07 -6.96
N GLN B 130 45.23 -13.81 -7.11
CA GLN B 130 45.51 -12.93 -5.98
C GLN B 130 44.25 -12.44 -5.27
N MET B 131 43.15 -12.41 -6.01
CA MET B 131 41.87 -11.98 -5.46
C MET B 131 41.26 -13.17 -4.72
N THR B 132 41.30 -14.33 -5.37
CA THR B 132 40.78 -15.56 -4.78
C THR B 132 41.45 -15.79 -3.44
N ALA B 133 42.71 -15.37 -3.34
CA ALA B 133 43.49 -15.52 -2.11
C ALA B 133 43.13 -14.43 -1.12
N GLY B 134 42.49 -13.37 -1.61
CA GLY B 134 42.07 -12.27 -0.76
C GLY B 134 43.12 -11.20 -0.62
N LYS B 135 44.11 -11.24 -1.50
CA LYS B 135 45.20 -10.27 -1.45
C LYS B 135 44.85 -9.03 -2.28
N CYS B 136 44.29 -9.25 -3.46
CA CYS B 136 43.93 -8.14 -4.34
C CYS B 136 42.41 -7.87 -4.33
N ILE B 137 41.99 -6.87 -3.55
CA ILE B 137 40.57 -6.50 -3.44
C ILE B 137 40.10 -5.72 -4.66
N GLY B 138 39.03 -6.21 -5.29
CA GLY B 138 38.50 -5.56 -6.49
C GLY B 138 37.26 -4.70 -6.30
N ALA B 139 37.06 -3.79 -7.24
CA ALA B 139 35.91 -2.89 -7.21
C ALA B 139 35.57 -2.49 -8.64
N ILE B 140 34.51 -1.70 -8.82
CA ILE B 140 34.09 -1.24 -10.13
C ILE B 140 33.38 0.10 -10.02
N ALA B 141 33.65 1.00 -10.97
CA ALA B 141 33.06 2.33 -10.94
C ALA B 141 32.48 2.77 -12.29
N MET B 142 31.22 3.19 -12.28
CA MET B 142 30.55 3.63 -13.50
C MET B 142 29.70 4.89 -13.31
N THR B 143 29.26 5.11 -12.07
CA THR B 143 28.43 6.26 -11.75
C THR B 143 29.27 7.51 -11.47
N GLU B 144 28.76 8.67 -11.84
CA GLU B 144 29.46 9.94 -11.63
C GLU B 144 28.47 10.96 -11.07
N PRO B 145 28.98 12.01 -10.33
CA PRO B 145 27.98 12.90 -9.72
C PRO B 145 26.93 13.45 -10.67
N GLY B 146 27.11 13.25 -11.97
CA GLY B 146 26.19 13.82 -12.92
C GLY B 146 25.10 12.87 -13.39
N ALA B 147 25.41 11.58 -13.39
CA ALA B 147 24.43 10.58 -13.82
C ALA B 147 24.92 9.16 -13.55
N GLY B 148 23.94 8.31 -13.18
CA GLY B 148 24.13 6.88 -12.92
C GLY B 148 23.20 6.13 -13.84
N SER B 149 22.15 6.82 -14.32
CA SER B 149 21.14 6.18 -15.21
C SER B 149 21.15 6.77 -16.63
N ASP B 150 21.82 7.92 -16.86
CA ASP B 150 21.82 8.50 -18.20
C ASP B 150 22.29 7.51 -19.26
N LEU B 151 23.30 6.70 -18.93
CA LEU B 151 23.83 5.68 -19.84
C LEU B 151 24.88 6.37 -20.72
N GLN B 152 24.88 7.69 -20.69
CA GLN B 152 25.91 8.48 -21.37
C GLN B 152 26.36 9.62 -20.46
N GLY B 153 25.72 9.72 -19.29
CA GLY B 153 26.10 10.76 -18.36
C GLY B 153 27.57 10.65 -18.01
N ILE B 154 28.14 9.47 -18.23
CA ILE B 154 29.56 9.23 -17.95
C ILE B 154 30.42 10.15 -18.81
N LYS B 155 31.31 10.90 -18.19
CA LYS B 155 32.17 11.80 -18.93
C LYS B 155 33.64 11.42 -18.89
N THR B 156 33.98 10.48 -18.03
CA THR B 156 35.37 10.02 -17.92
C THR B 156 35.78 9.48 -19.29
N ASN B 157 36.73 10.15 -19.93
CA ASN B 157 37.20 9.74 -21.24
C ASN B 157 38.58 9.11 -21.19
N ALA B 158 38.91 8.37 -22.23
CA ALA B 158 40.21 7.70 -22.33
C ALA B 158 40.71 7.75 -23.77
N LYS B 159 41.47 8.79 -24.07
CA LYS B 159 42.03 8.97 -25.40
C LYS B 159 43.40 8.31 -25.53
N LYS B 160 43.60 7.64 -26.66
CA LYS B 160 44.84 6.92 -26.94
C LYS B 160 46.03 7.84 -27.21
N ASP B 161 47.21 7.31 -26.93
CA ASP B 161 48.47 8.03 -27.14
C ASP B 161 49.47 6.91 -27.37
N GLY B 162 49.45 6.36 -28.59
CA GLY B 162 50.34 5.27 -28.95
C GLY B 162 49.80 3.90 -28.61
N SER B 163 50.27 3.33 -27.51
CA SER B 163 49.85 2.01 -27.07
C SER B 163 49.31 2.16 -25.65
N ASP B 164 49.63 3.31 -25.06
CA ASP B 164 49.21 3.61 -23.70
C ASP B 164 48.12 4.69 -23.66
N TRP B 165 46.98 4.34 -23.07
CA TRP B 165 45.83 5.24 -22.97
C TRP B 165 45.93 6.24 -21.83
N ILE B 166 45.50 7.47 -22.10
CA ILE B 166 45.49 8.54 -21.11
C ILE B 166 44.06 8.64 -20.59
N LEU B 167 43.87 8.27 -19.33
CA LEU B 167 42.55 8.29 -18.70
C LEU B 167 42.26 9.66 -18.06
N ASN B 168 40.98 10.00 -17.96
CA ASN B 168 40.56 11.28 -17.37
C ASN B 168 39.06 11.27 -17.01
N GLY B 169 38.77 11.71 -15.79
CA GLY B 169 37.38 11.76 -15.32
C GLY B 169 37.30 11.60 -13.80
N SER B 170 36.19 11.05 -13.32
CA SER B 170 35.99 10.82 -11.88
C SER B 170 34.80 9.90 -11.64
N LYS B 171 34.72 9.34 -10.43
CA LYS B 171 33.61 8.46 -10.06
C LYS B 171 33.08 8.78 -8.66
N VAL B 172 31.91 8.24 -8.35
CA VAL B 172 31.28 8.46 -7.05
C VAL B 172 30.59 7.17 -6.60
N PHE B 173 30.25 7.09 -5.31
CA PHE B 173 29.60 5.92 -4.74
C PHE B 173 30.29 4.61 -5.12
N ILE B 174 31.59 4.51 -4.89
CA ILE B 174 32.30 3.29 -5.25
C ILE B 174 32.52 2.37 -4.07
N SER B 175 31.99 1.14 -4.18
CA SER B 175 32.11 0.13 -3.15
C SER B 175 33.54 -0.40 -3.07
N ASN B 176 33.97 -0.76 -1.85
CA ASN B 176 35.34 -1.22 -1.67
C ASN B 176 36.27 -0.12 -2.16
N GLY B 177 35.80 1.11 -2.06
CA GLY B 177 36.59 2.25 -2.50
C GLY B 177 38.00 2.45 -1.99
N SER B 178 38.17 2.42 -0.68
CA SER B 178 39.48 2.61 -0.07
C SER B 178 40.37 1.36 -0.16
N LEU B 179 39.85 0.20 0.21
CA LEU B 179 40.61 -1.05 0.21
C LEU B 179 40.82 -1.60 -1.21
N SER B 180 40.29 -0.90 -2.22
CA SER B 180 40.41 -1.35 -3.61
C SER B 180 41.82 -1.33 -4.20
N ASP B 181 42.34 -2.51 -4.49
CA ASP B 181 43.67 -2.62 -5.09
C ASP B 181 43.53 -2.42 -6.60
N VAL B 182 42.52 -3.06 -7.17
CA VAL B 182 42.21 -2.96 -8.59
C VAL B 182 40.76 -2.44 -8.74
N VAL B 183 40.52 -1.58 -9.72
CA VAL B 183 39.18 -1.02 -9.92
C VAL B 183 38.75 -0.83 -11.38
N ILE B 184 37.93 -1.74 -11.89
CA ILE B 184 37.46 -1.63 -13.26
C ILE B 184 36.78 -0.26 -13.46
N VAL B 185 37.06 0.40 -14.57
CA VAL B 185 36.47 1.72 -14.87
C VAL B 185 35.88 1.81 -16.28
N VAL B 186 34.73 2.47 -16.37
CA VAL B 186 34.00 2.64 -17.64
C VAL B 186 34.26 4.03 -18.22
N ALA B 187 34.84 4.09 -19.42
CA ALA B 187 35.16 5.37 -20.06
C ALA B 187 34.62 5.53 -21.48
N VAL B 188 34.71 6.75 -22.00
CA VAL B 188 34.25 7.06 -23.35
C VAL B 188 35.46 7.01 -24.30
N THR B 189 35.62 5.89 -25.01
CA THR B 189 36.73 5.72 -25.95
C THR B 189 36.47 6.29 -27.35
N ASN B 190 35.21 6.54 -27.69
CA ASN B 190 34.85 7.10 -28.99
C ASN B 190 33.58 7.94 -28.89
N HIS B 191 33.73 9.12 -28.32
CA HIS B 191 32.65 10.09 -28.12
C HIS B 191 31.89 10.39 -29.41
N GLU B 192 32.53 10.11 -30.54
CA GLU B 192 31.93 10.37 -31.84
C GLU B 192 30.83 9.36 -32.15
N ALA B 193 30.77 8.30 -31.33
CA ALA B 193 29.81 7.22 -31.48
C ALA B 193 28.38 7.66 -31.79
N PRO B 194 27.65 6.84 -32.58
CA PRO B 194 26.27 7.09 -32.98
C PRO B 194 25.41 7.31 -31.73
N SER B 195 25.59 6.40 -30.78
CA SER B 195 24.90 6.42 -29.49
C SER B 195 26.04 5.97 -28.57
N PRO B 196 26.23 6.60 -27.36
CA PRO B 196 27.42 6.19 -26.58
C PRO B 196 27.47 4.72 -26.18
N ALA B 197 26.42 3.95 -26.39
CA ALA B 197 26.51 2.52 -26.15
C ALA B 197 27.58 1.90 -27.04
N HIS B 198 28.21 2.68 -27.94
CA HIS B 198 29.29 2.13 -28.72
C HIS B 198 30.62 2.87 -28.49
N GLY B 199 30.58 3.92 -27.68
CA GLY B 199 31.79 4.67 -27.40
C GLY B 199 32.30 4.48 -25.99
N ILE B 200 32.25 3.24 -25.49
CA ILE B 200 32.68 2.90 -24.14
C ILE B 200 33.68 1.75 -24.10
N SER B 201 34.59 1.79 -23.13
CA SER B 201 35.59 0.74 -22.97
C SER B 201 35.90 0.52 -21.48
N LEU B 202 36.54 -0.61 -21.17
CA LEU B 202 36.88 -0.94 -19.80
C LEU B 202 38.39 -0.97 -19.53
N PHE B 203 38.81 -0.36 -18.43
CA PHE B 203 40.22 -0.31 -18.05
C PHE B 203 40.47 -0.79 -16.63
N LEU B 204 41.50 -1.61 -16.45
CA LEU B 204 41.80 -2.15 -15.13
C LEU B 204 42.76 -1.29 -14.30
N VAL B 205 42.25 -0.18 -13.76
CA VAL B 205 43.06 0.72 -12.94
C VAL B 205 43.59 -0.01 -11.70
N GLU B 206 44.83 0.26 -11.32
CA GLU B 206 45.45 -0.37 -10.15
C GLU B 206 46.01 0.64 -9.17
N ASN B 207 45.74 0.40 -7.89
CA ASN B 207 46.21 1.29 -6.83
C ASN B 207 47.71 1.51 -6.96
N GLY B 208 48.10 2.76 -7.15
CA GLY B 208 49.51 3.09 -7.30
C GLY B 208 49.78 3.91 -8.55
N MET B 209 49.08 3.59 -9.64
CA MET B 209 49.25 4.30 -10.91
C MET B 209 49.22 5.80 -10.67
N LYS B 210 50.14 6.51 -11.32
CA LYS B 210 50.25 7.95 -11.17
C LYS B 210 48.97 8.65 -11.67
N GLY B 211 48.46 9.58 -10.87
CA GLY B 211 47.26 10.30 -11.25
C GLY B 211 45.95 9.70 -10.76
N PHE B 212 46.01 8.49 -10.23
CA PHE B 212 44.84 7.78 -9.71
C PHE B 212 44.66 8.11 -8.23
N ILE B 213 43.95 9.20 -7.95
CA ILE B 213 43.70 9.64 -6.57
C ILE B 213 42.44 8.97 -6.01
N LYS B 214 42.34 8.93 -4.68
CA LYS B 214 41.20 8.32 -3.99
C LYS B 214 40.56 9.24 -2.97
N GLY B 215 39.43 9.86 -3.33
CA GLY B 215 38.74 10.75 -2.41
C GLY B 215 38.53 10.04 -1.08
N ARG B 216 38.32 10.80 0.00
CA ARG B 216 38.12 10.20 1.32
C ARG B 216 36.80 9.43 1.49
N LYS B 217 36.66 8.81 2.67
CA LYS B 217 35.49 8.01 3.01
C LYS B 217 34.20 8.81 3.05
N LEU B 218 33.23 8.38 2.24
CA LEU B 218 31.93 9.03 2.17
C LEU B 218 31.14 8.72 3.43
N HIS B 219 30.49 9.75 3.98
CA HIS B 219 29.68 9.60 5.19
C HIS B 219 28.25 9.20 4.81
N LYS B 220 27.96 7.90 4.90
CA LYS B 220 26.65 7.35 4.55
C LYS B 220 25.68 7.17 5.71
N MET B 221 24.41 7.00 5.36
CA MET B 221 23.33 6.79 6.32
C MET B 221 23.37 5.35 6.84
N GLY B 222 23.77 4.43 5.98
CA GLY B 222 23.86 3.02 6.35
C GLY B 222 25.14 2.43 5.78
N LEU B 223 25.27 1.11 5.83
CA LEU B 223 26.48 0.45 5.32
C LEU B 223 27.71 1.12 5.93
N LYS B 224 27.74 1.22 7.25
CA LYS B 224 28.86 1.87 7.90
C LYS B 224 30.28 1.33 7.75
N ALA B 225 30.42 0.00 7.71
CA ALA B 225 31.73 -0.62 7.58
C ALA B 225 31.95 -0.93 6.09
N GLN B 226 31.27 -0.19 5.22
CA GLN B 226 31.44 -0.40 3.78
C GLN B 226 32.13 0.88 3.36
N ASP B 227 33.38 0.75 2.93
CA ASP B 227 34.22 1.88 2.53
C ASP B 227 33.84 2.34 1.14
N THR B 228 33.00 3.37 1.08
CA THR B 228 32.56 3.92 -0.19
C THR B 228 33.17 5.32 -0.33
N ALA B 229 33.93 5.54 -1.40
CA ALA B 229 34.53 6.86 -1.59
C ALA B 229 34.53 7.24 -3.06
N GLU B 230 34.95 8.48 -3.34
CA GLU B 230 35.01 8.99 -4.71
C GLU B 230 36.35 8.60 -5.32
N LEU B 231 36.41 8.55 -6.65
CA LEU B 231 37.64 8.20 -7.36
C LEU B 231 37.94 9.17 -8.50
N PHE B 232 39.17 9.68 -8.55
CA PHE B 232 39.57 10.60 -9.61
C PHE B 232 40.66 10.04 -10.52
N PHE B 233 40.74 10.59 -11.73
CA PHE B 233 41.71 10.18 -12.72
C PHE B 233 42.32 11.43 -13.37
N GLU B 234 43.36 11.97 -12.73
CA GLU B 234 44.05 13.17 -13.19
C GLU B 234 45.25 12.67 -14.00
N ASP B 235 44.98 12.29 -15.25
CA ASP B 235 46.03 11.90 -16.23
C ASP B 235 46.97 10.69 -16.02
N ILE B 236 46.44 9.47 -16.08
CA ILE B 236 47.29 8.25 -15.86
C ILE B 236 47.55 7.50 -17.17
N ARG B 237 48.83 7.29 -17.50
CA ARG B 237 49.31 6.51 -18.63
C ARG B 237 49.07 5.04 -18.29
N LEU B 238 48.30 4.37 -19.14
CA LEU B 238 47.97 2.96 -18.93
C LEU B 238 48.49 2.10 -20.06
N PRO B 239 49.22 0.98 -19.71
CA PRO B 239 49.67 0.18 -20.87
C PRO B 239 48.60 -0.47 -21.71
N ALA B 240 49.03 -1.27 -22.67
CA ALA B 240 48.08 -1.82 -23.63
C ALA B 240 47.31 -2.95 -22.94
N SER B 241 47.69 -3.19 -21.68
CA SER B 241 47.07 -4.25 -20.89
C SER B 241 45.82 -3.83 -20.09
N ALA B 242 45.82 -2.59 -19.61
CA ALA B 242 44.70 -2.04 -18.83
C ALA B 242 43.36 -2.21 -19.56
N LEU B 243 43.39 -2.17 -20.89
CA LEU B 243 42.19 -2.32 -21.69
C LEU B 243 41.63 -3.75 -21.55
N LEU B 244 40.42 -3.84 -21.02
CA LEU B 244 39.77 -5.13 -20.82
C LEU B 244 38.88 -5.42 -22.03
N GLY B 245 39.03 -6.61 -22.60
CA GLY B 245 38.24 -6.97 -23.77
C GLY B 245 38.50 -5.97 -24.88
N GLU B 246 37.59 -5.89 -25.85
CA GLU B 246 37.75 -4.96 -26.97
C GLU B 246 37.49 -3.49 -26.65
N GLU B 247 38.07 -2.63 -27.49
CA GLU B 247 37.92 -1.19 -27.37
C GLU B 247 36.57 -0.82 -28.01
N ASN B 248 35.81 0.03 -27.31
CA ASN B 248 34.50 0.49 -27.77
C ASN B 248 33.40 -0.58 -27.80
N LYS B 249 33.76 -1.84 -27.58
CA LYS B 249 32.77 -2.91 -27.55
C LYS B 249 32.66 -3.18 -26.06
N GLY B 250 32.95 -2.16 -25.26
CA GLY B 250 32.89 -2.29 -23.82
C GLY B 250 31.50 -2.42 -23.24
N PHE B 251 30.57 -1.66 -23.78
CA PHE B 251 29.19 -1.69 -23.30
C PHE B 251 28.63 -3.11 -23.34
N TYR B 252 28.81 -3.78 -24.46
CA TYR B 252 28.31 -5.15 -24.61
C TYR B 252 28.62 -5.97 -23.36
N TYR B 253 29.72 -5.62 -22.68
CA TYR B 253 30.13 -6.34 -21.48
C TYR B 253 29.24 -5.99 -20.29
N ILE B 254 29.13 -4.69 -19.99
CA ILE B 254 28.31 -4.26 -18.87
C ILE B 254 26.96 -4.97 -18.99
N MET B 255 26.40 -4.94 -20.19
CA MET B 255 25.13 -5.58 -20.47
C MET B 255 25.09 -7.06 -20.11
N LYS B 256 26.00 -7.83 -20.69
CA LYS B 256 26.05 -9.26 -20.47
C LYS B 256 26.28 -9.70 -19.02
N GLU B 257 26.71 -8.78 -18.16
CA GLU B 257 26.96 -9.13 -16.76
C GLU B 257 25.91 -8.59 -15.79
N LEU B 258 25.18 -7.55 -16.22
CA LEU B 258 24.15 -6.94 -15.39
C LEU B 258 23.11 -7.92 -14.84
N PRO B 259 22.61 -8.84 -15.67
CA PRO B 259 21.63 -9.78 -15.15
C PRO B 259 22.11 -10.38 -13.83
N GLN B 260 23.40 -10.70 -13.75
CA GLN B 260 23.98 -11.29 -12.55
C GLN B 260 24.16 -10.33 -11.39
N GLU B 261 24.47 -9.07 -11.68
CA GLU B 261 24.66 -8.10 -10.61
C GLU B 261 23.31 -7.98 -9.88
N ARG B 262 22.26 -7.90 -10.67
CA ARG B 262 20.91 -7.76 -10.13
C ARG B 262 20.34 -9.00 -9.45
N LEU B 263 20.63 -10.20 -9.97
CA LEU B 263 20.15 -11.41 -9.32
C LEU B 263 20.83 -11.47 -7.95
N LEU B 264 22.05 -10.97 -7.89
CA LEU B 264 22.82 -10.95 -6.66
C LEU B 264 22.07 -10.13 -5.62
N ILE B 265 21.84 -8.86 -5.92
CA ILE B 265 21.14 -7.98 -4.99
C ILE B 265 19.82 -8.60 -4.55
N ALA B 266 19.12 -9.22 -5.50
CA ALA B 266 17.86 -9.86 -5.20
C ALA B 266 18.03 -10.89 -4.09
N ASP B 267 18.83 -11.93 -4.34
CA ASP B 267 19.02 -12.95 -3.33
C ASP B 267 19.48 -12.37 -2.00
N VAL B 268 20.27 -11.31 -2.06
CA VAL B 268 20.74 -10.67 -0.84
C VAL B 268 19.52 -10.11 -0.11
N ALA B 269 18.82 -9.20 -0.79
CA ALA B 269 17.65 -8.56 -0.23
C ALA B 269 16.71 -9.53 0.46
N ILE B 270 16.23 -10.53 -0.26
CA ILE B 270 15.33 -11.49 0.32
C ILE B 270 15.99 -12.26 1.46
N SER B 271 17.31 -12.43 1.38
CA SER B 271 18.02 -13.15 2.42
C SER B 271 18.12 -12.31 3.69
N ALA B 272 18.30 -11.00 3.52
CA ALA B 272 18.36 -10.12 4.68
C ALA B 272 16.95 -10.13 5.27
N SER B 273 15.94 -10.22 4.39
CA SER B 273 14.55 -10.25 4.80
C SER B 273 14.26 -11.53 5.57
N GLU B 274 14.83 -12.64 5.13
CA GLU B 274 14.63 -13.89 5.86
C GLU B 274 15.29 -13.73 7.22
N PHE B 275 16.38 -12.96 7.28
CA PHE B 275 17.05 -12.73 8.55
C PHE B 275 16.17 -11.95 9.51
N MET B 276 15.79 -10.73 9.11
CA MET B 276 14.94 -9.87 9.92
C MET B 276 13.66 -10.54 10.45
N PHE B 277 13.04 -11.38 9.64
CA PHE B 277 11.82 -12.05 10.07
C PHE B 277 12.08 -12.87 11.32
N GLU B 278 13.09 -13.73 11.26
CA GLU B 278 13.44 -14.60 12.38
C GLU B 278 13.97 -13.84 13.59
N GLU B 279 14.72 -12.77 13.35
CA GLU B 279 15.23 -11.97 14.45
C GLU B 279 14.00 -11.38 15.17
N THR B 280 13.12 -10.75 14.41
CA THR B 280 11.92 -10.15 14.97
C THR B 280 10.95 -11.16 15.61
N ARG B 281 10.75 -12.31 14.97
CA ARG B 281 9.86 -13.32 15.53
C ARG B 281 10.39 -13.76 16.89
N ASN B 282 11.71 -13.79 17.03
CA ASN B 282 12.32 -14.17 18.29
C ASN B 282 12.02 -13.10 19.34
N TYR B 283 12.24 -11.85 18.98
CA TYR B 283 12.00 -10.75 19.91
C TYR B 283 10.57 -10.78 20.46
N VAL B 284 9.59 -10.77 19.58
CA VAL B 284 8.19 -10.74 20.00
C VAL B 284 7.78 -11.89 20.93
N LYS B 285 8.28 -13.09 20.65
CA LYS B 285 7.95 -14.26 21.43
C LYS B 285 8.47 -14.23 22.86
N GLN B 286 9.30 -13.23 23.18
CA GLN B 286 9.83 -13.14 24.53
C GLN B 286 9.65 -11.77 25.18
N ARG B 287 9.15 -10.82 24.42
CA ARG B 287 8.92 -9.49 24.95
C ARG B 287 7.62 -9.54 25.72
N LYS B 288 7.70 -9.57 27.05
CA LYS B 288 6.49 -9.62 27.90
C LYS B 288 5.60 -8.39 27.69
N ALA B 289 4.30 -8.60 27.76
CA ALA B 289 3.34 -7.50 27.60
C ALA B 289 1.90 -7.92 27.95
N PHE B 290 1.26 -7.12 28.79
CA PHE B 290 -0.13 -7.34 29.21
C PHE B 290 -0.37 -8.75 29.76
N GLY B 291 0.58 -9.25 30.54
CA GLY B 291 0.44 -10.57 31.12
C GLY B 291 0.91 -11.73 30.27
N LYS B 292 1.41 -11.44 29.07
CA LYS B 292 1.90 -12.48 28.18
C LYS B 292 2.74 -11.70 27.19
N THR B 293 3.29 -12.41 26.20
CA THR B 293 4.20 -11.80 25.19
C THR B 293 3.40 -11.05 24.12
N VAL B 294 4.00 -10.01 23.54
CA VAL B 294 3.34 -9.21 22.47
C VAL B 294 3.01 -10.16 21.32
N ALA B 295 3.71 -11.30 21.25
CA ALA B 295 3.47 -12.28 20.21
C ALA B 295 2.09 -12.92 20.38
N HIS B 296 1.41 -12.58 21.48
CA HIS B 296 0.08 -13.12 21.76
C HIS B 296 -1.03 -12.23 21.19
N LEU B 297 -0.65 -11.04 20.73
CA LEU B 297 -1.59 -10.09 20.15
C LEU B 297 -1.92 -10.53 18.74
N GLN B 298 -3.20 -10.56 18.40
CA GLN B 298 -3.64 -11.02 17.09
C GLN B 298 -3.08 -10.19 15.94
N THR B 299 -3.10 -8.88 16.12
CA THR B 299 -2.56 -7.98 15.12
C THR B 299 -1.11 -8.35 14.78
N VAL B 300 -0.32 -8.65 15.81
CA VAL B 300 1.07 -9.03 15.60
C VAL B 300 1.11 -10.35 14.82
N GLN B 301 0.35 -11.33 15.27
CA GLN B 301 0.31 -12.63 14.61
C GLN B 301 0.00 -12.46 13.14
N HIS B 302 -0.92 -11.55 12.83
CA HIS B 302 -1.25 -11.32 11.44
C HIS B 302 -0.13 -10.55 10.73
N LYS B 303 0.39 -9.51 11.37
CA LYS B 303 1.48 -8.77 10.74
C LYS B 303 2.58 -9.79 10.41
N LEU B 304 2.84 -10.73 11.32
CA LEU B 304 3.86 -11.74 11.09
C LEU B 304 3.54 -12.63 9.91
N ALA B 305 2.27 -13.00 9.74
CA ALA B 305 1.87 -13.85 8.62
C ALA B 305 2.06 -13.14 7.28
N GLU B 306 1.78 -11.84 7.23
CA GLU B 306 1.94 -11.10 5.98
C GLU B 306 3.41 -11.07 5.62
N LEU B 307 4.26 -10.84 6.61
CA LEU B 307 5.69 -10.80 6.37
C LEU B 307 6.22 -12.15 5.91
N LYS B 308 5.78 -13.22 6.56
CA LYS B 308 6.27 -14.54 6.18
C LYS B 308 5.83 -14.91 4.76
N THR B 309 4.56 -14.65 4.47
CA THR B 309 4.04 -14.99 3.17
C THR B 309 4.79 -14.28 2.05
N HIS B 310 5.04 -12.98 2.21
CA HIS B 310 5.76 -12.25 1.17
C HIS B 310 7.18 -12.74 1.01
N ILE B 311 7.85 -12.93 2.15
CA ILE B 311 9.22 -13.42 2.14
C ILE B 311 9.29 -14.82 1.50
N CYS B 312 8.21 -15.60 1.66
CA CYS B 312 8.17 -16.92 1.08
C CYS B 312 7.79 -16.88 -0.40
N VAL B 313 6.78 -16.06 -0.72
CA VAL B 313 6.37 -15.96 -2.10
C VAL B 313 7.58 -15.54 -2.92
N THR B 314 8.25 -14.48 -2.47
CA THR B 314 9.42 -13.95 -3.14
C THR B 314 10.60 -14.91 -3.18
N ARG B 315 11.00 -15.43 -2.02
CA ARG B 315 12.10 -16.38 -1.99
C ARG B 315 11.94 -17.38 -3.14
N ALA B 316 10.76 -17.98 -3.26
CA ALA B 316 10.52 -18.94 -4.32
C ALA B 316 10.95 -18.37 -5.66
N PHE B 317 10.58 -17.13 -5.92
CA PHE B 317 10.94 -16.52 -7.19
C PHE B 317 12.45 -16.40 -7.32
N VAL B 318 13.10 -15.83 -6.32
CA VAL B 318 14.54 -15.68 -6.39
C VAL B 318 15.21 -17.05 -6.61
N ASP B 319 14.68 -18.08 -5.95
CA ASP B 319 15.23 -19.42 -6.11
C ASP B 319 15.02 -19.88 -7.55
N ASN B 320 13.87 -19.53 -8.10
CA ASN B 320 13.57 -19.88 -9.48
C ASN B 320 14.56 -19.17 -10.41
N CYS B 321 14.90 -17.92 -10.08
CA CYS B 321 15.85 -17.15 -10.88
C CYS B 321 17.25 -17.74 -10.79
N LEU B 322 17.54 -18.40 -9.67
CA LEU B 322 18.85 -19.02 -9.46
C LEU B 322 18.98 -20.27 -10.30
N GLN B 323 17.95 -21.11 -10.27
CA GLN B 323 17.99 -22.33 -11.06
C GLN B 323 18.14 -21.99 -12.55
N LEU B 324 17.57 -20.86 -12.96
CA LEU B 324 17.65 -20.44 -14.35
C LEU B 324 19.04 -19.92 -14.70
N HIS B 325 19.59 -19.11 -13.81
CA HIS B 325 20.90 -18.53 -14.04
C HIS B 325 21.96 -19.62 -14.01
N GLU B 326 21.75 -20.64 -13.18
CA GLU B 326 22.71 -21.74 -13.10
C GLU B 326 22.74 -22.38 -14.47
N ALA B 327 21.66 -22.20 -15.23
CA ALA B 327 21.59 -22.77 -16.56
C ALA B 327 21.86 -21.77 -17.69
N LYS B 328 22.46 -20.64 -17.33
CA LYS B 328 22.78 -19.59 -18.31
C LYS B 328 21.58 -19.17 -19.15
N ARG B 329 20.43 -19.07 -18.51
CA ARG B 329 19.20 -18.66 -19.20
C ARG B 329 18.31 -17.76 -18.35
N LEU B 330 18.91 -16.72 -17.81
CA LEU B 330 18.17 -15.76 -17.00
C LEU B 330 18.28 -14.41 -17.68
N ASP B 331 17.27 -14.02 -18.44
CA ASP B 331 17.33 -12.74 -19.15
C ASP B 331 17.33 -11.52 -18.25
N SER B 332 17.62 -10.38 -18.85
CA SER B 332 17.69 -9.12 -18.13
C SER B 332 16.39 -8.86 -17.38
N ALA B 333 15.28 -8.91 -18.10
CA ALA B 333 13.96 -8.68 -17.52
C ALA B 333 13.64 -9.46 -16.25
N THR B 334 13.79 -10.77 -16.30
CA THR B 334 13.51 -11.65 -15.17
C THR B 334 14.37 -11.22 -13.99
N ALA B 335 15.67 -11.05 -14.23
CA ALA B 335 16.57 -10.65 -13.14
C ALA B 335 16.16 -9.31 -12.55
N CYS B 336 15.79 -8.37 -13.41
CA CYS B 336 15.38 -7.06 -12.96
C CYS B 336 14.20 -7.15 -12.00
N MET B 337 13.20 -7.94 -12.39
CA MET B 337 12.05 -8.16 -11.53
C MET B 337 12.53 -8.58 -10.15
N ALA B 338 13.28 -9.67 -10.10
CA ALA B 338 13.77 -10.15 -8.82
C ALA B 338 14.48 -9.02 -8.07
N LYS B 339 15.19 -8.18 -8.81
CA LYS B 339 15.94 -7.08 -8.20
C LYS B 339 15.01 -5.99 -7.65
N TYR B 340 14.01 -5.64 -8.45
CA TYR B 340 13.06 -4.62 -8.05
C TYR B 340 12.23 -5.04 -6.84
N TRP B 341 11.52 -6.15 -6.95
CA TRP B 341 10.69 -6.59 -5.84
C TRP B 341 11.43 -7.00 -4.58
N ALA B 342 12.47 -7.82 -4.71
CA ALA B 342 13.21 -8.25 -3.53
C ALA B 342 13.68 -7.04 -2.72
N SER B 343 14.37 -6.12 -3.38
CA SER B 343 14.90 -4.93 -2.72
C SER B 343 13.86 -4.05 -2.04
N GLU B 344 12.68 -3.92 -2.65
CA GLU B 344 11.66 -3.09 -2.03
C GLU B 344 11.16 -3.83 -0.81
N LEU B 345 10.73 -5.08 -1.00
CA LEU B 345 10.23 -5.90 0.09
C LEU B 345 11.14 -5.82 1.31
N GLN B 346 12.45 -5.93 1.06
CA GLN B 346 13.43 -5.87 2.12
C GLN B 346 13.18 -4.64 3.01
N ASN B 347 12.82 -3.53 2.38
CA ASN B 347 12.58 -2.30 3.11
C ASN B 347 11.30 -2.30 3.91
N SER B 348 10.19 -2.71 3.29
CA SER B 348 8.93 -2.75 4.01
C SER B 348 9.09 -3.72 5.20
N VAL B 349 9.70 -4.87 4.93
CA VAL B 349 9.95 -5.87 5.96
C VAL B 349 10.79 -5.21 7.06
N ALA B 350 11.69 -4.32 6.66
CA ALA B 350 12.54 -3.65 7.63
C ALA B 350 11.74 -2.64 8.45
N TYR B 351 10.87 -1.88 7.80
CA TYR B 351 10.06 -0.90 8.51
C TYR B 351 9.19 -1.62 9.55
N ASP B 352 8.48 -2.67 9.15
CA ASP B 352 7.62 -3.38 10.10
C ASP B 352 8.41 -4.07 11.19
N CYS B 353 9.54 -4.66 10.84
CA CYS B 353 10.32 -5.31 11.86
C CYS B 353 10.79 -4.35 12.93
N VAL B 354 11.17 -3.15 12.53
CA VAL B 354 11.62 -2.16 13.50
C VAL B 354 10.45 -1.90 14.46
N GLN B 355 9.28 -1.67 13.88
CA GLN B 355 8.07 -1.37 14.65
C GLN B 355 7.75 -2.37 15.74
N LEU B 356 7.99 -3.64 15.45
CA LEU B 356 7.72 -4.69 16.41
C LEU B 356 8.76 -4.73 17.52
N HIS B 357 9.85 -3.99 17.33
CA HIS B 357 10.91 -3.92 18.34
C HIS B 357 10.65 -2.71 19.25
N GLY B 358 9.84 -1.78 18.75
CA GLY B 358 9.54 -0.58 19.52
C GLY B 358 10.76 0.32 19.63
N GLY B 359 10.86 1.07 20.72
CA GLY B 359 12.00 1.94 20.89
C GLY B 359 13.30 1.24 20.56
N TRP B 360 13.42 0.01 21.04
CA TRP B 360 14.63 -0.77 20.83
C TRP B 360 15.01 -1.01 19.37
N GLY B 361 14.06 -0.84 18.46
CA GLY B 361 14.35 -1.07 17.06
C GLY B 361 15.05 0.15 16.48
N TYR B 362 15.23 1.16 17.32
CA TYR B 362 15.86 2.40 16.91
C TYR B 362 17.21 2.55 17.60
N MET B 363 17.71 1.46 18.16
CA MET B 363 18.99 1.48 18.85
C MET B 363 20.03 0.68 18.05
N TRP B 364 21.18 1.28 17.79
CA TRP B 364 22.24 0.61 17.03
C TRP B 364 22.64 -0.71 17.71
N GLU B 365 22.25 -0.83 18.98
CA GLU B 365 22.48 -2.00 19.82
C GLU B 365 21.81 -3.24 19.20
N TYR B 366 20.54 -3.08 18.81
CA TYR B 366 19.75 -4.15 18.18
C TYR B 366 20.03 -4.30 16.67
N PRO B 367 20.30 -5.54 16.24
CA PRO B 367 20.60 -5.86 14.83
C PRO B 367 19.65 -5.28 13.78
N ILE B 368 18.35 -5.23 14.08
CA ILE B 368 17.35 -4.72 13.14
C ILE B 368 17.58 -3.26 12.73
N ALA B 369 18.07 -2.45 13.67
CA ALA B 369 18.35 -1.03 13.42
C ALA B 369 19.31 -0.82 12.23
N LYS B 370 20.48 -1.45 12.28
CA LYS B 370 21.43 -1.30 11.18
C LYS B 370 20.83 -1.90 9.91
N ALA B 371 20.10 -3.00 10.08
CA ALA B 371 19.47 -3.69 8.97
C ALA B 371 18.54 -2.74 8.24
N TYR B 372 17.86 -1.90 8.99
CA TYR B 372 16.92 -0.96 8.40
C TYR B 372 17.60 -0.01 7.41
N VAL B 373 18.69 0.62 7.83
CA VAL B 373 19.41 1.54 6.95
C VAL B 373 20.24 0.82 5.89
N ASP B 374 20.62 -0.43 6.14
CA ASP B 374 21.42 -1.17 5.15
C ASP B 374 20.53 -1.72 4.04
N ALA B 375 19.22 -1.62 4.24
CA ALA B 375 18.26 -2.10 3.25
C ALA B 375 17.85 -0.98 2.33
N ARG B 376 17.95 0.25 2.82
CA ARG B 376 17.56 1.41 2.04
C ARG B 376 18.44 1.64 0.81
N VAL B 377 19.54 0.91 0.70
CA VAL B 377 20.41 1.09 -0.45
C VAL B 377 20.10 0.19 -1.64
N GLN B 378 19.60 -1.02 -1.38
CA GLN B 378 19.26 -1.97 -2.47
C GLN B 378 18.32 -1.36 -3.53
N PRO B 379 17.27 -0.64 -3.10
CA PRO B 379 16.34 -0.05 -4.05
C PRO B 379 17.03 0.96 -4.97
N ILE B 380 18.20 1.43 -4.53
CA ILE B 380 18.95 2.41 -5.29
C ILE B 380 20.08 1.89 -6.16
N TYR B 381 21.01 1.11 -5.62
CA TYR B 381 22.11 0.65 -6.46
C TYR B 381 21.85 -0.55 -7.36
N GLY B 382 22.78 -0.78 -8.28
CA GLY B 382 22.65 -1.88 -9.22
C GLY B 382 21.59 -1.47 -10.23
N GLY B 383 21.31 -0.16 -10.24
CA GLY B 383 20.28 0.39 -11.11
C GLY B 383 19.01 0.53 -10.27
N THR B 384 18.54 1.75 -10.07
CA THR B 384 17.36 1.98 -9.26
C THR B 384 16.15 1.18 -9.72
N ASN B 385 15.21 0.95 -8.79
CA ASN B 385 14.03 0.18 -9.11
C ASN B 385 13.18 0.82 -10.21
N GLU B 386 13.42 2.10 -10.48
CA GLU B 386 12.66 2.78 -11.54
C GLU B 386 13.21 2.31 -12.88
N ILE B 387 14.54 2.19 -12.97
CA ILE B 387 15.21 1.74 -14.18
C ILE B 387 14.81 0.30 -14.44
N MET B 388 14.58 -0.44 -13.35
CA MET B 388 14.16 -1.83 -13.42
C MET B 388 12.81 -1.88 -14.11
N LYS B 389 11.98 -0.89 -13.81
CA LYS B 389 10.66 -0.84 -14.43
C LYS B 389 10.80 -0.46 -15.90
N GLU B 390 11.64 0.52 -16.21
CA GLU B 390 11.83 0.90 -17.62
C GLU B 390 12.16 -0.36 -18.40
N LEU B 391 13.16 -1.09 -17.90
CA LEU B 391 13.63 -2.32 -18.54
C LEU B 391 12.58 -3.42 -18.66
N ILE B 392 11.74 -3.59 -17.65
CA ILE B 392 10.73 -4.63 -17.73
C ILE B 392 9.63 -4.23 -18.72
N ALA B 393 9.24 -2.97 -18.67
CA ALA B 393 8.21 -2.41 -19.54
C ALA B 393 8.43 -2.60 -21.03
N ARG B 394 9.70 -2.56 -21.45
CA ARG B 394 10.01 -2.70 -22.88
C ARG B 394 9.31 -3.86 -23.57
N GLU B 395 9.58 -5.10 -23.17
CA GLU B 395 8.93 -6.25 -23.81
C GLU B 395 7.43 -6.15 -23.70
N ILE B 396 6.97 -5.53 -22.61
CA ILE B 396 5.54 -5.36 -22.38
C ILE B 396 4.93 -4.49 -23.47
N VAL B 397 5.46 -3.27 -23.58
CA VAL B 397 4.97 -2.31 -24.56
C VAL B 397 5.58 -2.40 -25.96
N PHE B 398 6.88 -2.14 -26.06
CA PHE B 398 7.57 -2.16 -27.35
C PHE B 398 7.98 -3.54 -27.84
N ASP B 399 7.06 -4.21 -28.55
CA ASP B 399 7.30 -5.54 -29.08
C ASP B 399 8.65 -5.65 -29.79
N LYS B 400 9.38 -6.72 -29.49
CA LYS B 400 10.70 -6.98 -30.06
C LYS B 400 10.67 -7.02 -31.60
N GLU C 3 12.16 -29.48 -22.52
CA GLU C 3 13.44 -29.08 -23.16
C GLU C 3 13.94 -27.73 -22.64
N GLU C 4 13.60 -26.67 -23.37
CA GLU C 4 14.04 -25.33 -23.00
C GLU C 4 12.87 -24.45 -22.53
N ARG C 5 11.83 -25.07 -21.97
CA ARG C 5 10.64 -24.34 -21.52
C ARG C 5 11.00 -23.05 -20.78
N LEU C 6 10.25 -21.99 -21.06
CA LEU C 6 10.47 -20.68 -20.44
C LEU C 6 9.50 -20.42 -19.28
N GLU C 7 9.89 -19.52 -18.39
CA GLU C 7 9.03 -19.14 -17.27
C GLU C 7 8.27 -17.89 -17.71
N THR C 8 7.10 -17.66 -17.13
CA THR C 8 6.25 -16.52 -17.50
C THR C 8 6.91 -15.16 -17.81
N PRO C 9 7.87 -14.71 -16.99
CA PRO C 9 8.52 -13.41 -17.26
C PRO C 9 9.19 -13.25 -18.63
N SER C 10 9.36 -14.35 -19.35
CA SER C 10 10.03 -14.26 -20.64
C SER C 10 9.19 -14.72 -21.83
N ALA C 11 8.03 -15.31 -21.56
CA ALA C 11 7.14 -15.78 -22.64
C ALA C 11 6.52 -14.59 -23.37
N LYS C 12 6.07 -14.81 -24.61
CA LYS C 12 5.45 -13.73 -25.36
C LYS C 12 4.24 -13.20 -24.61
N LYS C 13 3.41 -14.11 -24.12
CA LYS C 13 2.21 -13.78 -23.34
C LYS C 13 2.22 -14.67 -22.09
N LEU C 14 1.93 -14.12 -20.92
CA LEU C 14 1.94 -14.94 -19.71
C LEU C 14 1.01 -16.14 -19.86
N THR C 15 0.13 -16.10 -20.84
CA THR C 15 -0.83 -17.18 -21.05
C THR C 15 -0.47 -18.12 -22.21
N ASP C 16 0.69 -17.90 -22.84
CA ASP C 16 1.10 -18.75 -23.95
C ASP C 16 1.26 -20.19 -23.53
N ILE C 17 0.85 -21.09 -24.40
CA ILE C 17 0.99 -22.51 -24.11
C ILE C 17 2.47 -22.87 -24.32
N GLY C 18 2.92 -23.94 -23.68
CA GLY C 18 4.31 -24.34 -23.85
C GLY C 18 5.28 -23.72 -22.88
N ILE C 19 4.80 -22.85 -22.00
CA ILE C 19 5.69 -22.22 -21.02
C ILE C 19 5.53 -22.85 -19.62
N ARG C 20 6.36 -22.38 -18.68
CA ARG C 20 6.36 -22.87 -17.30
C ARG C 20 6.96 -24.29 -17.26
N ARG C 21 7.95 -24.49 -16.41
CA ARG C 21 8.65 -25.76 -16.31
C ARG C 21 7.98 -27.00 -15.70
N ILE C 22 6.89 -26.82 -14.96
CA ILE C 22 6.26 -27.97 -14.33
C ILE C 22 5.42 -28.78 -15.32
N PHE C 23 5.36 -28.33 -16.58
CA PHE C 23 4.55 -29.02 -17.58
C PHE C 23 5.34 -29.81 -18.64
N SER C 24 4.66 -30.76 -19.27
CA SER C 24 5.24 -31.62 -20.31
C SER C 24 4.53 -31.47 -21.64
N PRO C 25 5.18 -31.90 -22.74
CA PRO C 25 4.61 -31.82 -24.10
C PRO C 25 3.20 -32.38 -24.25
N GLU C 26 2.84 -33.33 -23.38
CA GLU C 26 1.50 -33.95 -23.40
C GLU C 26 0.55 -33.01 -22.68
N HIS C 27 1.09 -32.30 -21.70
CA HIS C 27 0.36 -31.31 -20.90
C HIS C 27 -0.05 -30.13 -21.79
N ASP C 28 0.84 -29.74 -22.70
CA ASP C 28 0.53 -28.65 -23.59
C ASP C 28 -0.50 -29.12 -24.62
N ILE C 29 -0.37 -30.37 -25.03
CA ILE C 29 -1.32 -30.91 -26.00
C ILE C 29 -2.70 -30.88 -25.37
N PHE C 30 -2.77 -31.24 -24.09
CA PHE C 30 -4.03 -31.23 -23.37
C PHE C 30 -4.52 -29.79 -23.21
N ARG C 31 -3.58 -28.88 -22.96
CA ARG C 31 -3.95 -27.48 -22.77
C ARG C 31 -4.61 -26.89 -24.00
N LYS C 32 -4.16 -27.26 -25.19
CA LYS C 32 -4.79 -26.72 -26.40
C LYS C 32 -6.21 -27.26 -26.51
N SER C 33 -6.37 -28.52 -26.13
CA SER C 33 -7.67 -29.16 -26.17
C SER C 33 -8.67 -28.46 -25.28
N VAL C 34 -8.24 -28.15 -24.05
CA VAL C 34 -9.11 -27.50 -23.09
C VAL C 34 -9.36 -26.03 -23.41
N ARG C 35 -8.32 -25.33 -23.84
CA ARG C 35 -8.46 -23.93 -24.18
C ARG C 35 -9.47 -23.84 -25.30
N LYS C 36 -9.37 -24.79 -26.22
CA LYS C 36 -10.27 -24.83 -27.36
C LYS C 36 -11.70 -25.09 -26.92
N PHE C 37 -11.88 -26.06 -26.03
CA PHE C 37 -13.21 -26.41 -25.53
C PHE C 37 -13.86 -25.18 -24.91
N PHE C 38 -13.08 -24.43 -24.14
CA PHE C 38 -13.59 -23.25 -23.49
C PHE C 38 -13.98 -22.18 -24.49
N GLN C 39 -13.26 -22.11 -25.61
CA GLN C 39 -13.56 -21.12 -26.64
C GLN C 39 -14.82 -21.49 -27.41
N GLU C 40 -15.00 -22.78 -27.66
CA GLU C 40 -16.15 -23.28 -28.42
C GLU C 40 -17.44 -23.49 -27.63
N GLU C 41 -17.39 -24.39 -26.64
CA GLU C 41 -18.54 -24.75 -25.82
C GLU C 41 -18.95 -23.87 -24.65
N VAL C 42 -18.03 -23.05 -24.14
CA VAL C 42 -18.33 -22.19 -23.00
C VAL C 42 -18.51 -20.71 -23.31
N ILE C 43 -17.41 -20.04 -23.67
CA ILE C 43 -17.44 -18.61 -23.98
C ILE C 43 -18.67 -18.11 -24.75
N PRO C 44 -18.97 -18.70 -25.91
CA PRO C 44 -20.13 -18.26 -26.69
C PRO C 44 -21.48 -18.21 -25.96
N HIS C 45 -21.72 -19.12 -25.02
CA HIS C 45 -23.01 -19.16 -24.33
C HIS C 45 -23.04 -18.48 -22.98
N HIS C 46 -21.88 -18.13 -22.43
CA HIS C 46 -21.82 -17.52 -21.11
C HIS C 46 -22.70 -16.30 -20.83
N SER C 47 -22.78 -15.34 -21.75
CA SER C 47 -23.61 -14.16 -21.49
C SER C 47 -25.08 -14.52 -21.29
N GLU C 48 -25.55 -15.62 -21.89
CA GLU C 48 -26.93 -16.04 -21.69
C GLU C 48 -27.04 -16.78 -20.37
N TRP C 49 -26.03 -17.57 -20.01
CA TRP C 49 -26.06 -18.27 -18.74
C TRP C 49 -26.06 -17.22 -17.63
N GLU C 50 -25.44 -16.08 -17.91
CA GLU C 50 -25.39 -15.00 -16.93
C GLU C 50 -26.78 -14.46 -16.67
N LYS C 51 -27.58 -14.33 -17.71
CA LYS C 51 -28.95 -13.85 -17.56
C LYS C 51 -29.77 -14.88 -16.80
N ALA C 52 -29.48 -16.15 -17.07
CA ALA C 52 -30.17 -17.24 -16.40
C ALA C 52 -29.79 -17.40 -14.91
N GLY C 53 -28.52 -17.17 -14.60
CA GLY C 53 -28.09 -17.31 -13.23
C GLY C 53 -27.53 -18.69 -12.97
N GLU C 54 -27.39 -19.47 -14.05
CA GLU C 54 -26.86 -20.84 -14.00
C GLU C 54 -26.56 -21.35 -15.41
N VAL C 55 -25.51 -22.14 -15.54
CA VAL C 55 -25.16 -22.69 -16.86
C VAL C 55 -26.09 -23.85 -17.18
N SER C 56 -25.94 -24.38 -18.40
CA SER C 56 -26.77 -25.48 -18.86
C SER C 56 -26.21 -26.82 -18.47
N ARG C 57 -27.08 -27.82 -18.38
CA ARG C 57 -26.62 -29.15 -18.05
C ARG C 57 -25.87 -29.69 -19.26
N GLU C 58 -26.20 -29.16 -20.43
CA GLU C 58 -25.57 -29.56 -21.67
C GLU C 58 -24.06 -29.34 -21.64
N VAL C 59 -23.64 -28.19 -21.13
CA VAL C 59 -22.21 -27.90 -21.08
C VAL C 59 -21.49 -28.86 -20.14
N TRP C 60 -22.21 -29.32 -19.12
CA TRP C 60 -21.61 -30.26 -18.18
C TRP C 60 -21.41 -31.61 -18.82
N GLU C 61 -22.46 -32.16 -19.41
CA GLU C 61 -22.37 -33.47 -20.05
C GLU C 61 -21.32 -33.42 -21.14
N LYS C 62 -21.17 -32.26 -21.78
CA LYS C 62 -20.15 -32.08 -22.81
C LYS C 62 -18.79 -32.23 -22.15
N ALA C 63 -18.52 -31.32 -21.21
CA ALA C 63 -17.27 -31.32 -20.46
C ALA C 63 -16.91 -32.75 -20.08
N GLY C 64 -17.84 -33.42 -19.40
CA GLY C 64 -17.63 -34.79 -18.98
C GLY C 64 -17.18 -35.68 -20.13
N LYS C 65 -17.95 -35.69 -21.21
CA LYS C 65 -17.62 -36.51 -22.37
C LYS C 65 -16.21 -36.25 -22.88
N GLN C 66 -15.84 -34.98 -23.01
CA GLN C 66 -14.51 -34.63 -23.52
C GLN C 66 -13.40 -34.77 -22.51
N GLY C 67 -13.72 -35.40 -21.38
CA GLY C 67 -12.72 -35.65 -20.36
C GLY C 67 -12.20 -34.52 -19.50
N LEU C 68 -13.03 -33.53 -19.21
CA LEU C 68 -12.60 -32.41 -18.37
C LEU C 68 -13.07 -32.51 -16.92
N LEU C 69 -13.92 -33.47 -16.60
CA LEU C 69 -14.37 -33.61 -15.23
C LEU C 69 -13.70 -34.80 -14.56
N GLY C 70 -13.27 -34.60 -13.32
CA GLY C 70 -12.60 -35.66 -12.59
C GLY C 70 -11.30 -35.96 -13.30
N VAL C 71 -10.48 -34.94 -13.53
CA VAL C 71 -9.22 -35.14 -14.23
C VAL C 71 -8.13 -35.76 -13.37
N ASN C 72 -8.00 -35.28 -12.14
CA ASN C 72 -6.96 -35.82 -11.29
C ASN C 72 -7.50 -36.94 -10.39
N ILE C 73 -8.61 -37.57 -10.79
CA ILE C 73 -9.16 -38.66 -10.00
C ILE C 73 -8.76 -40.01 -10.61
N ALA C 74 -8.44 -40.98 -9.76
CA ALA C 74 -8.01 -42.33 -10.18
C ALA C 74 -8.92 -43.00 -11.22
N GLU C 75 -8.30 -43.44 -12.33
CA GLU C 75 -9.05 -44.09 -13.41
C GLU C 75 -9.76 -45.37 -12.98
N HIS C 76 -9.14 -46.17 -12.12
CA HIS C 76 -9.78 -47.39 -11.67
C HIS C 76 -10.91 -47.06 -10.70
N LEU C 77 -10.82 -45.87 -10.10
CA LEU C 77 -11.83 -45.40 -9.14
C LEU C 77 -13.03 -44.75 -9.81
N GLY C 78 -13.02 -44.66 -11.13
CA GLY C 78 -14.16 -44.06 -11.83
C GLY C 78 -13.84 -42.78 -12.57
N GLY C 79 -12.86 -42.03 -12.08
CA GLY C 79 -12.47 -40.79 -12.72
C GLY C 79 -11.77 -41.09 -14.02
N ILE C 80 -10.98 -40.15 -14.53
CA ILE C 80 -10.28 -40.39 -15.78
C ILE C 80 -8.79 -40.55 -15.57
N GLY C 81 -8.36 -40.59 -14.32
CA GLY C 81 -6.96 -40.74 -14.02
C GLY C 81 -6.19 -39.53 -14.51
N GLY C 82 -4.95 -39.38 -14.07
CA GLY C 82 -4.17 -38.24 -14.51
C GLY C 82 -3.63 -37.51 -13.30
N ASP C 83 -2.51 -36.84 -13.45
CA ASP C 83 -1.90 -36.14 -12.34
C ASP C 83 -2.51 -34.77 -12.07
N LEU C 84 -1.92 -34.04 -11.12
CA LEU C 84 -2.40 -32.72 -10.73
C LEU C 84 -2.22 -31.64 -11.79
N TYR C 85 -1.03 -31.55 -12.36
CA TYR C 85 -0.80 -30.54 -13.38
C TYR C 85 -1.92 -30.56 -14.44
N SER C 86 -2.40 -31.75 -14.79
CA SER C 86 -3.47 -31.87 -15.78
C SER C 86 -4.78 -31.31 -15.22
N ALA C 87 -4.98 -31.47 -13.92
CA ALA C 87 -6.19 -30.96 -13.26
C ALA C 87 -6.06 -29.45 -13.13
N ALA C 88 -4.84 -28.99 -12.90
CA ALA C 88 -4.57 -27.57 -12.76
C ALA C 88 -4.89 -26.83 -14.06
N ILE C 89 -4.55 -27.43 -15.20
CA ILE C 89 -4.80 -26.83 -16.50
C ILE C 89 -6.28 -26.58 -16.77
N VAL C 90 -7.15 -27.48 -16.33
CA VAL C 90 -8.57 -27.26 -16.53
C VAL C 90 -9.02 -26.05 -15.68
N TRP C 91 -8.37 -25.87 -14.53
CA TRP C 91 -8.72 -24.75 -13.65
C TRP C 91 -8.27 -23.46 -14.31
N GLU C 92 -6.98 -23.42 -14.61
CA GLU C 92 -6.35 -22.27 -15.21
C GLU C 92 -7.04 -21.81 -16.48
N GLU C 93 -7.27 -22.75 -17.40
CA GLU C 93 -7.88 -22.41 -18.68
C GLU C 93 -9.23 -21.75 -18.51
N GLN C 94 -10.05 -22.30 -17.61
CA GLN C 94 -11.37 -21.70 -17.35
C GLN C 94 -11.13 -20.27 -16.89
N ALA C 95 -10.16 -20.11 -15.99
CA ALA C 95 -9.83 -18.81 -15.49
C ALA C 95 -9.40 -17.92 -16.65
N TYR C 96 -8.76 -18.52 -17.66
CA TYR C 96 -8.32 -17.76 -18.82
C TYR C 96 -9.45 -17.40 -19.76
N SER C 97 -10.54 -18.15 -19.70
CA SER C 97 -11.69 -17.87 -20.57
C SER C 97 -12.53 -16.78 -19.91
N ASN C 98 -12.18 -16.46 -18.67
CA ASN C 98 -12.88 -15.44 -17.92
C ASN C 98 -14.37 -15.81 -17.88
N CYS C 99 -14.64 -17.05 -17.47
CA CYS C 99 -16.02 -17.53 -17.35
C CYS C 99 -16.16 -18.29 -16.05
N SER C 100 -16.67 -17.63 -15.03
CA SER C 100 -16.81 -18.25 -13.73
C SER C 100 -18.08 -19.07 -13.57
N GLY C 101 -18.99 -18.96 -14.54
CA GLY C 101 -20.25 -19.67 -14.46
C GLY C 101 -20.25 -21.14 -14.07
N PRO C 102 -19.57 -22.00 -14.85
CA PRO C 102 -19.47 -23.45 -14.62
C PRO C 102 -18.70 -23.78 -13.35
N GLY C 103 -19.33 -24.54 -12.47
CA GLY C 103 -18.65 -24.90 -11.23
C GLY C 103 -17.89 -26.20 -11.39
N PHE C 104 -17.08 -26.31 -12.44
CA PHE C 104 -16.33 -27.52 -12.71
C PHE C 104 -15.29 -27.89 -11.65
N SER C 105 -14.61 -26.90 -11.09
CA SER C 105 -13.57 -27.16 -10.10
C SER C 105 -14.09 -27.64 -8.76
N ILE C 106 -15.07 -26.93 -8.21
CA ILE C 106 -15.64 -27.35 -6.93
C ILE C 106 -16.16 -28.78 -7.04
N HIS C 107 -16.54 -29.15 -8.26
CA HIS C 107 -17.05 -30.47 -8.60
C HIS C 107 -15.91 -31.50 -8.61
N SER C 108 -14.91 -31.29 -9.48
CA SER C 108 -13.79 -32.19 -9.64
C SER C 108 -12.69 -32.05 -8.59
N GLY C 109 -12.29 -30.80 -8.33
CA GLY C 109 -11.24 -30.55 -7.37
C GLY C 109 -11.57 -30.78 -5.92
N ILE C 110 -12.85 -30.66 -5.54
CA ILE C 110 -13.21 -30.86 -4.15
C ILE C 110 -14.15 -32.02 -3.87
N VAL C 111 -15.40 -31.91 -4.30
CA VAL C 111 -16.42 -32.94 -4.06
C VAL C 111 -15.97 -34.36 -4.40
N MET C 112 -15.55 -34.58 -5.64
CA MET C 112 -15.10 -35.90 -6.03
C MET C 112 -13.95 -36.40 -5.17
N SER C 113 -13.01 -35.52 -4.84
CA SER C 113 -11.86 -35.88 -4.03
C SER C 113 -12.26 -36.34 -2.63
N TYR C 114 -13.23 -35.67 -2.03
CA TYR C 114 -13.68 -36.07 -0.69
C TYR C 114 -14.22 -37.50 -0.74
N ILE C 115 -14.93 -37.82 -1.81
CA ILE C 115 -15.52 -39.14 -1.99
C ILE C 115 -14.47 -40.21 -2.26
N THR C 116 -13.60 -39.98 -3.24
CA THR C 116 -12.57 -40.96 -3.57
C THR C 116 -11.47 -41.08 -2.55
N ASN C 117 -11.40 -40.16 -1.59
CA ASN C 117 -10.37 -40.21 -0.56
C ASN C 117 -10.82 -40.76 0.78
N HIS C 118 -12.12 -40.73 1.04
CA HIS C 118 -12.62 -41.20 2.31
C HIS C 118 -13.94 -41.96 2.17
N GLY C 119 -14.44 -42.08 0.95
CA GLY C 119 -15.70 -42.79 0.77
C GLY C 119 -15.59 -44.29 0.98
N SER C 120 -16.60 -45.01 0.52
CA SER C 120 -16.61 -46.47 0.62
C SER C 120 -16.60 -47.04 -0.79
N GLU C 121 -16.15 -48.27 -0.97
CA GLU C 121 -16.14 -48.82 -2.32
C GLU C 121 -17.53 -48.67 -2.93
N GLU C 122 -18.58 -48.73 -2.11
CA GLU C 122 -19.94 -48.60 -2.60
C GLU C 122 -20.23 -47.16 -3.00
N GLN C 123 -19.95 -46.23 -2.09
CA GLN C 123 -20.16 -44.81 -2.37
C GLN C 123 -19.35 -44.43 -3.62
N ILE C 124 -18.07 -44.76 -3.61
CA ILE C 124 -17.19 -44.44 -4.73
C ILE C 124 -17.72 -44.90 -6.08
N LYS C 125 -18.17 -46.15 -6.16
CA LYS C 125 -18.69 -46.70 -7.40
C LYS C 125 -19.98 -46.06 -7.86
N HIS C 126 -20.82 -45.70 -6.89
CA HIS C 126 -22.12 -45.08 -7.19
C HIS C 126 -22.06 -43.62 -7.66
N PHE C 127 -20.98 -42.92 -7.29
CA PHE C 127 -20.86 -41.51 -7.67
C PHE C 127 -19.86 -41.15 -8.75
N ILE C 128 -18.59 -41.44 -8.54
CA ILE C 128 -17.56 -41.07 -9.49
C ILE C 128 -17.92 -41.25 -10.95
N PRO C 129 -18.37 -42.45 -11.33
CA PRO C 129 -18.73 -42.64 -12.74
C PRO C 129 -19.61 -41.50 -13.26
N GLN C 130 -20.79 -41.36 -12.66
CA GLN C 130 -21.77 -40.32 -13.02
C GLN C 130 -21.27 -38.89 -12.86
N MET C 131 -20.32 -38.66 -11.96
CA MET C 131 -19.79 -37.32 -11.76
C MET C 131 -18.77 -36.98 -12.84
N THR C 132 -18.11 -38.01 -13.35
CA THR C 132 -17.12 -37.84 -14.41
C THR C 132 -17.84 -37.52 -15.72
N ALA C 133 -18.99 -38.16 -15.91
CA ALA C 133 -19.80 -37.97 -17.10
C ALA C 133 -20.50 -36.63 -17.01
N GLY C 134 -20.36 -35.99 -15.87
CA GLY C 134 -21.00 -34.71 -15.67
C GLY C 134 -22.49 -34.83 -15.62
N LYS C 135 -22.99 -36.03 -15.29
CA LYS C 135 -24.42 -36.25 -15.20
C LYS C 135 -24.90 -36.15 -13.76
N CYS C 136 -23.95 -36.02 -12.84
CA CYS C 136 -24.26 -35.91 -11.42
C CYS C 136 -23.38 -34.77 -10.90
N ILE C 137 -23.96 -33.58 -10.78
CA ILE C 137 -23.20 -32.43 -10.32
C ILE C 137 -23.16 -32.29 -8.80
N GLY C 138 -21.95 -32.24 -8.23
CA GLY C 138 -21.82 -32.15 -6.80
C GLY C 138 -21.49 -30.78 -6.22
N ALA C 139 -21.77 -30.62 -4.93
CA ALA C 139 -21.51 -29.37 -4.26
C ALA C 139 -21.11 -29.67 -2.82
N ILE C 140 -20.51 -28.68 -2.16
CA ILE C 140 -20.08 -28.85 -0.77
C ILE C 140 -20.87 -27.82 0.05
N ALA C 141 -21.36 -28.23 1.23
CA ALA C 141 -22.15 -27.30 2.02
C ALA C 141 -21.79 -27.29 3.50
N MET C 142 -20.98 -26.31 3.89
CA MET C 142 -20.58 -26.18 5.28
C MET C 142 -21.15 -24.91 5.88
N THR C 143 -20.84 -23.80 5.24
CA THR C 143 -21.28 -22.48 5.71
C THR C 143 -22.77 -22.38 6.02
N GLU C 144 -23.10 -21.63 7.06
CA GLU C 144 -24.48 -21.42 7.45
C GLU C 144 -24.70 -19.93 7.73
N PRO C 145 -25.99 -19.44 7.59
CA PRO C 145 -26.13 -17.97 7.74
C PRO C 145 -25.45 -17.34 8.94
N GLY C 146 -25.44 -17.98 10.10
CA GLY C 146 -24.76 -17.33 11.20
C GLY C 146 -23.33 -17.75 11.46
N ALA C 147 -22.80 -18.65 10.66
CA ALA C 147 -21.43 -19.09 10.89
C ALA C 147 -20.72 -19.64 9.67
N GLY C 148 -19.60 -18.98 9.34
CA GLY C 148 -18.80 -19.40 8.21
C GLY C 148 -17.34 -19.57 8.53
N SER C 149 -16.88 -18.87 9.57
CA SER C 149 -15.50 -18.96 9.98
C SER C 149 -15.50 -19.73 11.30
N ASP C 150 -16.45 -19.44 12.18
CA ASP C 150 -16.53 -20.13 13.46
C ASP C 150 -17.28 -21.47 13.30
N LEU C 151 -16.53 -22.57 13.23
CA LEU C 151 -17.10 -23.92 13.06
C LEU C 151 -17.90 -24.31 14.29
N GLN C 152 -17.46 -23.81 15.43
CA GLN C 152 -18.12 -24.07 16.71
C GLN C 152 -19.56 -23.58 16.63
N GLY C 153 -19.91 -22.91 15.54
CA GLY C 153 -21.26 -22.38 15.40
C GLY C 153 -22.17 -22.93 14.31
N ILE C 154 -21.81 -24.04 13.68
CA ILE C 154 -22.71 -24.57 12.66
C ILE C 154 -23.75 -25.39 13.38
N LYS C 155 -25.02 -25.07 13.11
CA LYS C 155 -26.14 -25.73 13.77
C LYS C 155 -26.69 -26.95 13.04
N THR C 156 -26.37 -27.10 11.76
CA THR C 156 -26.88 -28.25 11.03
C THR C 156 -26.46 -29.48 11.78
N ASN C 157 -27.42 -30.31 12.12
CA ASN C 157 -27.14 -31.52 12.87
C ASN C 157 -27.79 -32.77 12.33
N ALA C 158 -27.27 -33.91 12.74
CA ALA C 158 -27.80 -35.20 12.33
C ALA C 158 -27.84 -36.12 13.55
N LYS C 159 -29.04 -36.37 14.09
CA LYS C 159 -29.20 -37.27 15.25
C LYS C 159 -29.26 -38.70 14.73
N LYS C 160 -28.51 -39.59 15.35
CA LYS C 160 -28.51 -40.97 14.92
C LYS C 160 -29.79 -41.67 15.41
N ASP C 161 -30.35 -42.50 14.56
CA ASP C 161 -31.56 -43.24 14.87
C ASP C 161 -31.43 -44.64 14.25
N GLY C 162 -30.97 -45.59 15.04
CA GLY C 162 -30.77 -46.92 14.51
C GLY C 162 -29.52 -46.78 13.66
N SER C 163 -29.57 -47.21 12.40
CA SER C 163 -28.41 -47.07 11.52
C SER C 163 -28.66 -45.85 10.64
N ASP C 164 -29.80 -45.19 10.90
CA ASP C 164 -30.27 -44.00 10.18
C ASP C 164 -29.78 -42.69 10.82
N TRP C 165 -29.84 -41.60 10.06
CA TRP C 165 -29.46 -40.27 10.55
C TRP C 165 -30.57 -39.26 10.17
N ILE C 166 -31.03 -38.50 11.16
CA ILE C 166 -32.09 -37.51 10.94
C ILE C 166 -31.48 -36.13 10.80
N LEU C 167 -31.16 -35.77 9.57
CA LEU C 167 -30.54 -34.48 9.23
C LEU C 167 -31.48 -33.27 9.21
N ASN C 168 -31.17 -32.26 10.01
CA ASN C 168 -31.97 -31.04 10.07
C ASN C 168 -31.06 -29.81 9.93
N GLY C 169 -31.59 -28.71 9.40
CA GLY C 169 -30.77 -27.51 9.27
C GLY C 169 -30.77 -26.85 7.90
N SER C 170 -29.76 -26.03 7.65
CA SER C 170 -29.67 -25.32 6.37
C SER C 170 -28.24 -24.87 6.06
N LYS C 171 -27.98 -24.57 4.80
CA LYS C 171 -26.67 -24.09 4.38
C LYS C 171 -26.88 -22.86 3.52
N VAL C 172 -25.83 -22.07 3.30
CA VAL C 172 -25.96 -20.88 2.47
C VAL C 172 -24.66 -20.57 1.73
N PHE C 173 -24.78 -19.95 0.55
CA PHE C 173 -23.63 -19.61 -0.30
C PHE C 173 -23.09 -20.88 -0.96
N ILE C 174 -23.94 -21.84 -1.28
CA ILE C 174 -23.50 -23.10 -1.87
C ILE C 174 -23.36 -23.12 -3.40
N SER C 175 -22.12 -23.19 -3.88
CA SER C 175 -21.83 -23.21 -5.31
C SER C 175 -22.45 -24.45 -5.97
N ASN C 176 -22.90 -24.31 -7.22
CA ASN C 176 -23.59 -25.37 -7.98
C ASN C 176 -24.78 -25.81 -7.16
N GLY C 177 -25.23 -24.92 -6.27
CA GLY C 177 -26.35 -25.21 -5.39
C GLY C 177 -27.65 -25.59 -6.06
N SER C 178 -28.00 -24.85 -7.10
CA SER C 178 -29.21 -25.11 -7.82
C SER C 178 -29.05 -26.44 -8.58
N LEU C 179 -28.08 -26.49 -9.49
CA LEU C 179 -27.81 -27.68 -10.31
C LEU C 179 -27.47 -28.95 -9.53
N SER C 180 -26.91 -28.79 -8.34
CA SER C 180 -26.49 -29.89 -7.49
C SER C 180 -27.33 -31.17 -7.45
N ASP C 181 -26.69 -32.28 -7.81
CA ASP C 181 -27.34 -33.58 -7.77
C ASP C 181 -26.92 -34.23 -6.44
N VAL C 182 -25.70 -33.95 -5.99
CA VAL C 182 -25.21 -34.49 -4.73
C VAL C 182 -24.53 -33.40 -3.90
N VAL C 183 -24.87 -33.32 -2.62
CA VAL C 183 -24.26 -32.29 -1.77
C VAL C 183 -23.57 -32.87 -0.54
N ILE C 184 -22.32 -32.48 -0.33
CA ILE C 184 -21.60 -32.95 0.85
C ILE C 184 -21.93 -31.97 1.99
N VAL C 185 -22.84 -32.36 2.86
CA VAL C 185 -23.25 -31.50 3.96
C VAL C 185 -22.47 -31.77 5.23
N VAL C 186 -22.01 -30.70 5.88
CA VAL C 186 -21.27 -30.83 7.14
C VAL C 186 -22.24 -30.64 8.32
N ALA C 187 -22.36 -31.65 9.17
CA ALA C 187 -23.29 -31.52 10.29
C ALA C 187 -22.70 -31.89 11.63
N VAL C 188 -23.31 -31.38 12.70
CA VAL C 188 -22.88 -31.68 14.06
C VAL C 188 -23.50 -33.02 14.46
N THR C 189 -22.67 -34.02 14.71
CA THR C 189 -23.18 -35.33 15.12
C THR C 189 -23.01 -35.56 16.62
N ASN C 190 -22.09 -34.82 17.23
CA ASN C 190 -21.81 -34.95 18.66
C ASN C 190 -21.83 -33.60 19.39
N HIS C 191 -22.98 -33.20 19.93
CA HIS C 191 -23.13 -31.88 20.60
C HIS C 191 -22.38 -31.79 21.93
N GLU C 192 -22.29 -32.90 22.67
CA GLU C 192 -21.66 -32.92 24.00
C GLU C 192 -20.21 -33.38 23.83
N ALA C 193 -19.61 -33.10 22.67
CA ALA C 193 -18.23 -33.49 22.38
C ALA C 193 -17.22 -32.55 23.05
N PRO C 194 -15.89 -32.91 23.06
CA PRO C 194 -15.00 -31.95 23.74
C PRO C 194 -14.93 -30.58 23.06
N SER C 195 -14.48 -30.52 21.82
CA SER C 195 -14.47 -29.25 21.13
C SER C 195 -15.45 -29.53 19.98
N PRO C 196 -15.68 -28.54 19.10
CA PRO C 196 -16.62 -28.80 18.00
C PRO C 196 -15.94 -29.50 16.83
N ALA C 197 -14.64 -29.69 16.96
CA ALA C 197 -13.82 -30.30 15.94
C ALA C 197 -13.81 -31.82 16.12
N HIS C 198 -14.67 -32.33 17.01
CA HIS C 198 -14.75 -33.77 17.23
C HIS C 198 -16.19 -34.25 17.17
N GLY C 199 -17.08 -33.34 16.78
CA GLY C 199 -18.48 -33.66 16.69
C GLY C 199 -19.07 -33.36 15.32
N ILE C 200 -18.28 -33.61 14.29
CA ILE C 200 -18.74 -33.34 12.93
C ILE C 200 -18.56 -34.52 12.00
N SER C 201 -19.61 -34.82 11.23
CA SER C 201 -19.57 -35.90 10.28
C SER C 201 -19.97 -35.32 8.93
N LEU C 202 -19.56 -36.00 7.86
CA LEU C 202 -19.92 -35.57 6.51
C LEU C 202 -21.05 -36.48 6.06
N PHE C 203 -21.97 -35.96 5.26
CA PHE C 203 -23.10 -36.77 4.77
C PHE C 203 -23.33 -36.51 3.29
N LEU C 204 -23.55 -37.58 2.54
CA LEU C 204 -23.81 -37.45 1.12
C LEU C 204 -25.31 -37.31 0.87
N VAL C 205 -25.80 -36.06 0.82
CA VAL C 205 -27.21 -35.78 0.59
C VAL C 205 -27.45 -35.69 -0.89
N GLU C 206 -28.47 -36.41 -1.38
CA GLU C 206 -28.79 -36.43 -2.80
C GLU C 206 -30.13 -35.80 -3.16
N ASN C 207 -30.22 -35.30 -4.39
CA ASN C 207 -31.44 -34.68 -4.85
C ASN C 207 -32.47 -35.76 -5.05
N GLY C 208 -33.58 -35.61 -4.34
CA GLY C 208 -34.66 -36.58 -4.42
C GLY C 208 -34.98 -37.02 -3.00
N MET C 209 -34.03 -36.88 -2.11
CA MET C 209 -34.28 -37.26 -0.74
C MET C 209 -35.39 -36.40 -0.20
N LYS C 210 -36.40 -37.05 0.37
CA LYS C 210 -37.53 -36.35 0.92
C LYS C 210 -37.03 -35.44 2.04
N GLY C 211 -37.32 -34.15 1.94
CA GLY C 211 -36.89 -33.22 2.95
C GLY C 211 -35.72 -32.36 2.51
N PHE C 212 -35.21 -32.62 1.31
CA PHE C 212 -34.10 -31.83 0.80
C PHE C 212 -34.61 -30.79 -0.20
N ILE C 213 -34.95 -29.62 0.31
CA ILE C 213 -35.47 -28.54 -0.52
C ILE C 213 -34.37 -27.59 -0.97
N LYS C 214 -34.33 -27.30 -2.27
CA LYS C 214 -33.33 -26.38 -2.81
C LYS C 214 -33.89 -24.98 -2.63
N GLY C 215 -33.11 -24.10 -2.01
CA GLY C 215 -33.56 -22.75 -1.79
C GLY C 215 -33.40 -21.90 -3.04
N ARG C 216 -33.68 -20.61 -2.92
CA ARG C 216 -33.57 -19.72 -4.06
C ARG C 216 -32.14 -19.32 -4.40
N LYS C 217 -31.92 -18.91 -5.64
CA LYS C 217 -30.60 -18.46 -6.08
C LYS C 217 -30.36 -17.09 -5.49
N LEU C 218 -29.19 -16.94 -4.89
CA LEU C 218 -28.82 -15.67 -4.27
C LEU C 218 -28.40 -14.66 -5.33
N HIS C 219 -28.76 -13.40 -5.12
CA HIS C 219 -28.40 -12.34 -6.07
C HIS C 219 -27.05 -11.75 -5.68
N LYS C 220 -26.01 -12.03 -6.49
CA LYS C 220 -24.66 -11.55 -6.19
C LYS C 220 -24.12 -10.35 -7.01
N MET C 221 -22.94 -9.86 -6.66
CA MET C 221 -22.37 -8.74 -7.40
C MET C 221 -21.47 -9.31 -8.49
N GLY C 222 -21.21 -10.60 -8.40
CA GLY C 222 -20.35 -11.24 -9.38
C GLY C 222 -20.74 -12.69 -9.52
N LEU C 223 -19.92 -13.46 -10.23
CA LEU C 223 -20.19 -14.88 -10.49
C LEU C 223 -21.66 -15.00 -10.88
N LYS C 224 -22.10 -14.11 -11.75
CA LYS C 224 -23.49 -14.07 -12.20
C LYS C 224 -24.02 -15.37 -12.82
N ALA C 225 -23.12 -16.19 -13.36
CA ALA C 225 -23.55 -17.45 -13.99
C ALA C 225 -23.35 -18.67 -13.10
N GLN C 226 -22.94 -18.42 -11.86
CA GLN C 226 -22.70 -19.46 -10.87
C GLN C 226 -24.03 -19.51 -10.07
N ASP C 227 -24.67 -20.68 -10.06
CA ASP C 227 -25.95 -20.83 -9.36
C ASP C 227 -25.68 -21.02 -7.88
N THR C 228 -25.50 -19.93 -7.14
CA THR C 228 -25.24 -20.03 -5.71
C THR C 228 -26.59 -19.99 -4.99
N ALA C 229 -26.91 -21.03 -4.23
CA ALA C 229 -28.18 -21.06 -3.53
C ALA C 229 -28.06 -21.43 -2.07
N GLU C 230 -29.20 -21.42 -1.38
CA GLU C 230 -29.24 -21.84 0.02
C GLU C 230 -30.03 -23.15 0.04
N LEU C 231 -29.63 -24.09 0.90
CA LEU C 231 -30.29 -25.39 0.97
C LEU C 231 -30.93 -25.60 2.34
N PHE C 232 -31.93 -26.47 2.40
CA PHE C 232 -32.60 -26.77 3.67
C PHE C 232 -32.71 -28.27 3.85
N PHE C 233 -32.67 -28.70 5.11
CA PHE C 233 -32.78 -30.10 5.48
C PHE C 233 -33.89 -30.15 6.52
N GLU C 234 -35.00 -30.76 6.13
CA GLU C 234 -36.18 -30.88 6.98
C GLU C 234 -36.42 -32.34 7.38
N ASP C 235 -35.89 -32.71 8.54
CA ASP C 235 -36.04 -34.06 9.06
C ASP C 235 -35.83 -35.10 7.99
N ILE C 236 -34.71 -34.98 7.27
CA ILE C 236 -34.36 -35.93 6.23
C ILE C 236 -33.82 -37.20 6.88
N ARG C 237 -34.37 -38.34 6.51
CA ARG C 237 -33.92 -39.62 7.06
C ARG C 237 -32.89 -40.22 6.11
N LEU C 238 -31.62 -39.99 6.42
CA LEU C 238 -30.54 -40.50 5.60
C LEU C 238 -30.22 -41.94 5.94
N PRO C 239 -30.03 -42.79 4.92
CA PRO C 239 -29.70 -44.18 5.20
C PRO C 239 -28.27 -44.19 5.71
N ALA C 240 -27.80 -45.31 6.23
CA ALA C 240 -26.45 -45.41 6.75
C ALA C 240 -25.43 -45.23 5.65
N SER C 241 -25.87 -45.39 4.40
CA SER C 241 -24.96 -45.22 3.26
C SER C 241 -24.73 -43.73 2.96
N ALA C 242 -25.52 -42.87 3.59
CA ALA C 242 -25.38 -41.43 3.37
C ALA C 242 -24.14 -40.87 4.05
N LEU C 243 -23.73 -41.49 5.17
CA LEU C 243 -22.55 -41.05 5.92
C LEU C 243 -21.24 -41.27 5.18
N LEU C 244 -20.49 -40.19 4.99
CA LEU C 244 -19.20 -40.23 4.31
C LEU C 244 -18.07 -40.34 5.32
N GLY C 245 -17.43 -41.50 5.36
CA GLY C 245 -16.32 -41.70 6.28
C GLY C 245 -16.78 -42.05 7.68
N GLU C 246 -15.85 -42.03 8.63
CA GLU C 246 -16.17 -42.36 10.02
C GLU C 246 -17.02 -41.32 10.73
N GLU C 247 -17.92 -41.80 11.57
CA GLU C 247 -18.79 -40.93 12.33
C GLU C 247 -17.93 -39.99 13.17
N ASN C 248 -18.38 -38.76 13.28
CA ASN C 248 -17.70 -37.73 14.06
C ASN C 248 -16.28 -37.37 13.67
N LYS C 249 -15.75 -37.98 12.61
CA LYS C 249 -14.40 -37.65 12.16
C LYS C 249 -14.45 -36.73 10.95
N GLY C 250 -15.56 -36.01 10.78
CA GLY C 250 -15.72 -35.11 9.64
C GLY C 250 -14.69 -34.00 9.56
N PHE C 251 -14.37 -33.42 10.70
CA PHE C 251 -13.39 -32.36 10.77
C PHE C 251 -12.05 -32.82 10.18
N TYR C 252 -11.65 -34.03 10.53
CA TYR C 252 -10.40 -34.63 10.05
C TYR C 252 -10.35 -34.73 8.52
N TYR C 253 -11.46 -35.07 7.88
CA TYR C 253 -11.45 -35.17 6.42
C TYR C 253 -11.31 -33.77 5.84
N ILE C 254 -12.11 -32.83 6.35
CA ILE C 254 -12.04 -31.46 5.87
C ILE C 254 -10.59 -30.98 5.90
N MET C 255 -9.99 -30.98 7.09
CA MET C 255 -8.61 -30.55 7.25
C MET C 255 -7.68 -31.13 6.18
N LYS C 256 -7.82 -32.42 5.92
CA LYS C 256 -7.00 -33.12 4.93
C LYS C 256 -7.16 -32.58 3.52
N GLU C 257 -8.39 -32.19 3.18
CA GLU C 257 -8.66 -31.66 1.84
C GLU C 257 -8.38 -30.17 1.66
N LEU C 258 -8.56 -29.37 2.72
CA LEU C 258 -8.34 -27.94 2.65
C LEU C 258 -7.13 -27.44 1.83
N PRO C 259 -5.97 -28.08 1.99
CA PRO C 259 -4.81 -27.63 1.21
C PRO C 259 -5.10 -27.58 -0.28
N GLN C 260 -5.74 -28.61 -0.82
CA GLN C 260 -6.07 -28.66 -2.24
C GLN C 260 -7.08 -27.58 -2.62
N GLU C 261 -8.07 -27.34 -1.76
CA GLU C 261 -9.08 -26.33 -2.05
C GLU C 261 -8.44 -24.95 -2.10
N ARG C 262 -7.51 -24.70 -1.20
CA ARG C 262 -6.85 -23.41 -1.16
C ARG C 262 -5.80 -23.25 -2.25
N LEU C 263 -5.21 -24.35 -2.69
CA LEU C 263 -4.22 -24.24 -3.74
C LEU C 263 -4.98 -23.93 -5.01
N LEU C 264 -6.11 -24.62 -5.19
CA LEU C 264 -6.95 -24.45 -6.37
C LEU C 264 -7.42 -22.98 -6.51
N ILE C 265 -7.99 -22.42 -5.44
CA ILE C 265 -8.45 -21.05 -5.44
C ILE C 265 -7.28 -20.14 -5.80
N ALA C 266 -6.10 -20.48 -5.29
CA ALA C 266 -4.90 -19.71 -5.53
C ALA C 266 -4.48 -19.69 -6.99
N ASP C 267 -4.43 -20.87 -7.62
CA ASP C 267 -4.01 -20.92 -9.00
C ASP C 267 -5.04 -20.24 -9.87
N VAL C 268 -6.31 -20.40 -9.52
CA VAL C 268 -7.39 -19.78 -10.26
C VAL C 268 -7.22 -18.27 -10.21
N ALA C 269 -6.75 -17.77 -9.08
CA ALA C 269 -6.55 -16.34 -8.88
C ALA C 269 -5.42 -15.82 -9.76
N ILE C 270 -4.25 -16.41 -9.58
CA ILE C 270 -3.10 -15.98 -10.34
C ILE C 270 -3.30 -16.19 -11.84
N SER C 271 -4.15 -17.13 -12.22
CA SER C 271 -4.37 -17.32 -13.64
C SER C 271 -5.29 -16.20 -14.14
N ALA C 272 -6.23 -15.79 -13.29
CA ALA C 272 -7.14 -14.71 -13.66
C ALA C 272 -6.31 -13.43 -13.81
N SER C 273 -5.35 -13.24 -12.92
CA SER C 273 -4.48 -12.07 -12.98
C SER C 273 -3.68 -12.11 -14.29
N GLU C 274 -3.20 -13.30 -14.66
CA GLU C 274 -2.42 -13.45 -15.90
C GLU C 274 -3.31 -13.06 -17.08
N PHE C 275 -4.56 -13.47 -17.03
CA PHE C 275 -5.52 -13.13 -18.08
C PHE C 275 -5.70 -11.61 -18.12
N MET C 276 -6.09 -11.03 -17.00
CA MET C 276 -6.32 -9.59 -16.91
C MET C 276 -5.13 -8.77 -17.38
N PHE C 277 -3.91 -9.15 -16.97
CA PHE C 277 -2.74 -8.41 -17.40
C PHE C 277 -2.70 -8.37 -18.91
N GLU C 278 -2.66 -9.55 -19.53
CA GLU C 278 -2.62 -9.62 -20.98
C GLU C 278 -3.77 -8.87 -21.65
N GLU C 279 -4.95 -8.92 -21.04
CA GLU C 279 -6.11 -8.23 -21.60
C GLU C 279 -5.92 -6.72 -21.61
N THR C 280 -5.32 -6.21 -20.54
CA THR C 280 -5.09 -4.78 -20.37
C THR C 280 -3.91 -4.27 -21.22
N ARG C 281 -2.82 -5.02 -21.23
CA ARG C 281 -1.64 -4.65 -22.03
C ARG C 281 -2.10 -4.46 -23.46
N ASN C 282 -2.85 -5.44 -23.93
CA ASN C 282 -3.39 -5.44 -25.28
C ASN C 282 -4.21 -4.17 -25.49
N TYR C 283 -5.13 -3.90 -24.57
CA TYR C 283 -6.00 -2.72 -24.67
C TYR C 283 -5.25 -1.39 -24.76
N VAL C 284 -4.27 -1.17 -23.88
CA VAL C 284 -3.50 0.08 -23.93
C VAL C 284 -2.67 0.26 -25.21
N LYS C 285 -2.22 -0.84 -25.81
CA LYS C 285 -1.45 -0.75 -27.04
C LYS C 285 -2.29 -0.29 -28.23
N GLN C 286 -3.58 -0.61 -28.21
CA GLN C 286 -4.50 -0.23 -29.28
C GLN C 286 -5.31 1.03 -28.98
N ARG C 287 -5.24 1.50 -27.75
CA ARG C 287 -6.00 2.69 -27.36
C ARG C 287 -5.23 3.94 -27.75
N LYS C 288 -5.69 4.61 -28.81
CA LYS C 288 -5.02 5.83 -29.26
C LYS C 288 -5.33 7.04 -28.39
N ALA C 289 -4.27 7.74 -27.96
CA ALA C 289 -4.42 8.94 -27.13
C ALA C 289 -3.22 9.91 -27.27
N PHE C 290 -3.51 11.18 -27.51
CA PHE C 290 -2.47 12.20 -27.65
C PHE C 290 -1.56 11.94 -28.85
N GLY C 291 -2.14 11.49 -29.95
CA GLY C 291 -1.39 11.22 -31.16
C GLY C 291 -0.48 10.01 -31.08
N LYS C 292 -0.62 9.24 -30.00
CA LYS C 292 0.17 8.03 -29.77
C LYS C 292 -0.77 7.08 -29.03
N THR C 293 -0.26 6.05 -28.38
CA THR C 293 -1.15 5.16 -27.64
C THR C 293 -1.04 5.44 -26.17
N VAL C 294 -1.83 4.72 -25.37
CA VAL C 294 -1.81 4.88 -23.92
C VAL C 294 -0.52 4.27 -23.43
N ALA C 295 -0.03 3.27 -24.16
CA ALA C 295 1.21 2.58 -23.81
C ALA C 295 2.47 3.42 -24.02
N HIS C 296 2.35 4.59 -24.62
CA HIS C 296 3.51 5.44 -24.82
C HIS C 296 3.78 6.27 -23.58
N LEU C 297 2.76 6.44 -22.75
CA LEU C 297 2.88 7.21 -21.50
C LEU C 297 3.81 6.45 -20.55
N GLN C 298 4.80 7.12 -19.96
CA GLN C 298 5.72 6.42 -19.06
C GLN C 298 5.00 5.77 -17.86
N THR C 299 4.02 6.45 -17.28
CA THR C 299 3.29 5.89 -16.15
C THR C 299 2.63 4.54 -16.45
N VAL C 300 1.88 4.45 -17.54
CA VAL C 300 1.21 3.21 -17.91
C VAL C 300 2.27 2.10 -17.99
N GLN C 301 3.44 2.46 -18.50
CA GLN C 301 4.52 1.51 -18.65
C GLN C 301 4.95 0.96 -17.31
N HIS C 302 5.14 1.82 -16.32
CA HIS C 302 5.55 1.34 -15.02
C HIS C 302 4.46 0.56 -14.26
N LYS C 303 3.20 1.01 -14.36
CA LYS C 303 2.10 0.31 -13.69
C LYS C 303 2.07 -1.09 -14.29
N LEU C 304 2.39 -1.18 -15.57
CA LEU C 304 2.40 -2.47 -16.25
C LEU C 304 3.58 -3.33 -15.79
N ALA C 305 4.74 -2.69 -15.59
CA ALA C 305 5.91 -3.41 -15.13
C ALA C 305 5.63 -3.93 -13.72
N GLU C 306 5.10 -3.06 -12.86
CA GLU C 306 4.77 -3.44 -11.48
C GLU C 306 3.82 -4.64 -11.46
N LEU C 307 2.72 -4.52 -12.18
CA LEU C 307 1.76 -5.60 -12.26
C LEU C 307 2.42 -6.90 -12.73
N LYS C 308 3.01 -6.88 -13.94
CA LYS C 308 3.66 -8.08 -14.46
C LYS C 308 4.66 -8.70 -13.46
N THR C 309 5.40 -7.86 -12.75
CA THR C 309 6.38 -8.36 -11.80
C THR C 309 5.73 -9.15 -10.67
N HIS C 310 4.64 -8.64 -10.10
CA HIS C 310 3.93 -9.34 -9.03
C HIS C 310 3.25 -10.61 -9.54
N ILE C 311 2.77 -10.57 -10.78
CA ILE C 311 2.10 -11.73 -11.34
C ILE C 311 3.10 -12.84 -11.64
N CYS C 312 4.30 -12.46 -12.10
CA CYS C 312 5.33 -13.43 -12.42
C CYS C 312 5.91 -14.03 -11.15
N VAL C 313 5.99 -13.21 -10.11
CA VAL C 313 6.51 -13.63 -8.84
C VAL C 313 5.51 -14.54 -8.12
N THR C 314 4.24 -14.16 -8.09
CA THR C 314 3.26 -15.00 -7.42
C THR C 314 3.06 -16.29 -8.19
N ARG C 315 3.27 -16.23 -9.52
CA ARG C 315 3.15 -17.42 -10.35
C ARG C 315 4.30 -18.37 -10.00
N ALA C 316 5.47 -17.81 -9.76
CA ALA C 316 6.62 -18.64 -9.40
C ALA C 316 6.28 -19.46 -8.16
N PHE C 317 5.75 -18.78 -7.14
CA PHE C 317 5.39 -19.42 -5.89
C PHE C 317 4.23 -20.39 -6.01
N VAL C 318 3.28 -20.08 -6.89
CA VAL C 318 2.15 -20.97 -7.06
C VAL C 318 2.55 -22.24 -7.80
N ASP C 319 3.43 -22.13 -8.80
CA ASP C 319 3.86 -23.30 -9.55
C ASP C 319 4.58 -24.25 -8.58
N ASN C 320 5.39 -23.65 -7.72
CA ASN C 320 6.12 -24.41 -6.72
C ASN C 320 5.16 -25.19 -5.81
N CYS C 321 3.99 -24.62 -5.55
CA CYS C 321 2.99 -25.28 -4.70
C CYS C 321 2.40 -26.48 -5.43
N LEU C 322 2.14 -26.33 -6.72
CA LEU C 322 1.60 -27.44 -7.51
C LEU C 322 2.60 -28.61 -7.45
N GLN C 323 3.84 -28.34 -7.85
CA GLN C 323 4.88 -29.36 -7.81
C GLN C 323 4.85 -30.07 -6.45
N LEU C 324 4.80 -29.29 -5.37
CA LEU C 324 4.76 -29.85 -4.01
C LEU C 324 3.51 -30.70 -3.80
N HIS C 325 2.38 -30.23 -4.32
CA HIS C 325 1.13 -30.97 -4.17
C HIS C 325 1.13 -32.25 -5.00
N GLU C 326 1.82 -32.24 -6.14
CA GLU C 326 1.90 -33.45 -6.95
C GLU C 326 2.63 -34.53 -6.20
N ALA C 327 3.60 -34.10 -5.38
CA ALA C 327 4.41 -34.99 -4.55
C ALA C 327 3.70 -35.21 -3.23
N LYS C 328 2.46 -34.74 -3.11
CA LYS C 328 1.68 -34.89 -1.88
C LYS C 328 2.38 -34.29 -0.65
N ARG C 329 3.21 -33.29 -0.88
CA ARG C 329 3.92 -32.66 0.21
C ARG C 329 3.60 -31.17 0.33
N LEU C 330 2.32 -30.84 0.27
CA LEU C 330 1.87 -29.46 0.37
C LEU C 330 1.11 -29.35 1.69
N ASP C 331 1.66 -28.60 2.65
CA ASP C 331 1.00 -28.46 3.95
C ASP C 331 -0.02 -27.34 3.98
N SER C 332 -0.74 -27.26 5.08
CA SER C 332 -1.77 -26.25 5.25
C SER C 332 -1.26 -24.83 5.03
N ALA C 333 -0.29 -24.42 5.85
CA ALA C 333 0.27 -23.07 5.78
C ALA C 333 0.68 -22.63 4.37
N THR C 334 1.50 -23.42 3.70
CA THR C 334 1.95 -23.08 2.35
C THR C 334 0.77 -22.88 1.43
N ALA C 335 -0.26 -23.70 1.61
CA ALA C 335 -1.47 -23.63 0.82
C ALA C 335 -2.28 -22.37 1.16
N CYS C 336 -2.30 -21.99 2.44
CA CYS C 336 -3.01 -20.78 2.83
C CYS C 336 -2.26 -19.62 2.24
N MET C 337 -0.94 -19.65 2.40
CA MET C 337 -0.09 -18.59 1.87
C MET C 337 -0.43 -18.27 0.42
N ALA C 338 -0.59 -19.28 -0.43
CA ALA C 338 -0.88 -19.05 -1.83
C ALA C 338 -2.30 -18.57 -2.05
N LYS C 339 -3.24 -19.13 -1.31
CA LYS C 339 -4.64 -18.73 -1.48
C LYS C 339 -4.85 -17.29 -1.04
N TYR C 340 -4.22 -16.91 0.06
CA TYR C 340 -4.34 -15.55 0.59
C TYR C 340 -3.70 -14.47 -0.28
N TRP C 341 -2.42 -14.62 -0.61
CA TRP C 341 -1.75 -13.62 -1.42
C TRP C 341 -2.26 -13.60 -2.85
N ALA C 342 -2.29 -14.75 -3.50
CA ALA C 342 -2.76 -14.78 -4.87
C ALA C 342 -4.11 -14.07 -4.98
N SER C 343 -5.03 -14.38 -4.08
CA SER C 343 -6.35 -13.75 -4.15
C SER C 343 -6.33 -12.24 -3.90
N GLU C 344 -5.52 -11.76 -2.96
CA GLU C 344 -5.49 -10.31 -2.74
C GLU C 344 -4.89 -9.66 -3.99
N LEU C 345 -3.83 -10.25 -4.53
CA LEU C 345 -3.18 -9.70 -5.72
C LEU C 345 -4.15 -9.65 -6.88
N GLN C 346 -4.94 -10.71 -7.01
CA GLN C 346 -5.92 -10.78 -8.09
C GLN C 346 -6.81 -9.53 -8.06
N ASN C 347 -7.19 -9.11 -6.87
CA ASN C 347 -8.03 -7.94 -6.76
C ASN C 347 -7.27 -6.65 -6.99
N SER C 348 -6.04 -6.59 -6.50
CA SER C 348 -5.24 -5.39 -6.75
C SER C 348 -5.07 -5.28 -8.26
N VAL C 349 -4.69 -6.39 -8.89
CA VAL C 349 -4.50 -6.41 -10.33
C VAL C 349 -5.78 -6.02 -11.05
N ALA C 350 -6.90 -6.59 -10.64
CA ALA C 350 -8.16 -6.28 -11.29
C ALA C 350 -8.51 -4.79 -11.19
N TYR C 351 -8.15 -4.16 -10.08
CA TYR C 351 -8.47 -2.74 -9.89
C TYR C 351 -7.68 -1.83 -10.81
N ASP C 352 -6.40 -2.13 -10.97
CA ASP C 352 -5.56 -1.30 -11.83
C ASP C 352 -5.80 -1.58 -13.31
N CYS C 353 -6.31 -2.78 -13.62
CA CYS C 353 -6.59 -3.11 -15.00
C CYS C 353 -7.86 -2.41 -15.43
N VAL C 354 -8.78 -2.23 -14.49
CA VAL C 354 -10.02 -1.51 -14.79
C VAL C 354 -9.70 -0.05 -15.04
N GLN C 355 -8.78 0.51 -14.25
CA GLN C 355 -8.41 1.92 -14.43
C GLN C 355 -7.80 2.13 -15.81
N LEU C 356 -6.81 1.31 -16.13
CA LEU C 356 -6.13 1.40 -17.40
C LEU C 356 -7.12 1.33 -18.55
N HIS C 357 -8.29 0.72 -18.33
CA HIS C 357 -9.30 0.64 -19.40
C HIS C 357 -10.15 1.92 -19.43
N GLY C 358 -9.78 2.91 -18.62
CA GLY C 358 -10.55 4.13 -18.59
C GLY C 358 -11.98 3.82 -18.17
N GLY C 359 -12.93 4.58 -18.71
CA GLY C 359 -14.32 4.34 -18.37
C GLY C 359 -14.92 3.08 -18.96
N TRP C 360 -14.28 2.53 -19.98
CA TRP C 360 -14.79 1.32 -20.63
C TRP C 360 -14.63 0.11 -19.74
N GLY C 361 -13.77 0.23 -18.73
CA GLY C 361 -13.55 -0.88 -17.82
C GLY C 361 -14.68 -1.03 -16.81
N TYR C 362 -15.70 -0.19 -16.94
CA TYR C 362 -16.85 -0.22 -16.04
C TYR C 362 -18.06 -0.78 -16.78
N MET C 363 -17.89 -1.02 -18.07
CA MET C 363 -18.95 -1.54 -18.92
C MET C 363 -18.93 -3.06 -18.97
N TRP C 364 -20.05 -3.69 -18.61
CA TRP C 364 -20.16 -5.16 -18.59
C TRP C 364 -19.76 -5.78 -19.93
N GLU C 365 -19.90 -5.00 -20.99
CA GLU C 365 -19.53 -5.44 -22.33
C GLU C 365 -18.06 -5.86 -22.36
N TYR C 366 -17.23 -5.15 -21.59
CA TYR C 366 -15.80 -5.47 -21.54
C TYR C 366 -15.45 -6.57 -20.55
N PRO C 367 -14.55 -7.48 -20.94
CA PRO C 367 -14.15 -8.57 -20.06
C PRO C 367 -13.59 -8.14 -18.73
N ILE C 368 -12.76 -7.10 -18.72
CA ILE C 368 -12.16 -6.66 -17.47
C ILE C 368 -13.18 -6.28 -16.41
N ALA C 369 -14.40 -5.96 -16.81
CA ALA C 369 -15.44 -5.60 -15.85
C ALA C 369 -15.91 -6.86 -15.09
N LYS C 370 -16.17 -7.94 -15.82
CA LYS C 370 -16.59 -9.21 -15.21
C LYS C 370 -15.47 -9.61 -14.25
N ALA C 371 -14.25 -9.53 -14.74
CA ALA C 371 -13.10 -9.90 -13.93
C ALA C 371 -13.07 -9.15 -12.60
N TYR C 372 -13.48 -7.89 -12.61
CA TYR C 372 -13.44 -7.10 -11.39
C TYR C 372 -14.34 -7.63 -10.27
N VAL C 373 -15.61 -7.83 -10.55
CA VAL C 373 -16.51 -8.33 -9.54
C VAL C 373 -16.27 -9.80 -9.28
N ASP C 374 -15.96 -10.54 -10.35
CA ASP C 374 -15.69 -11.96 -10.24
C ASP C 374 -14.48 -12.22 -9.36
N ALA C 375 -13.59 -11.25 -9.26
CA ALA C 375 -12.38 -11.41 -8.46
C ALA C 375 -12.52 -11.14 -6.97
N ARG C 376 -13.50 -10.32 -6.61
CA ARG C 376 -13.73 -9.94 -5.22
C ARG C 376 -14.19 -11.11 -4.34
N VAL C 377 -14.66 -12.18 -4.94
CA VAL C 377 -15.14 -13.32 -4.17
C VAL C 377 -14.04 -14.23 -3.62
N GLN C 378 -12.90 -14.27 -4.29
CA GLN C 378 -11.78 -15.14 -3.88
C GLN C 378 -11.12 -14.84 -2.54
N PRO C 379 -11.01 -13.56 -2.17
CA PRO C 379 -10.38 -13.32 -0.87
C PRO C 379 -11.33 -13.74 0.26
N ILE C 380 -12.54 -14.15 -0.10
CA ILE C 380 -13.52 -14.54 0.91
C ILE C 380 -13.77 -16.02 1.07
N TYR C 381 -14.17 -16.71 0.01
CA TYR C 381 -14.42 -18.13 0.16
C TYR C 381 -13.14 -18.98 0.21
N GLY C 382 -13.28 -20.21 0.69
CA GLY C 382 -12.14 -21.10 0.82
C GLY C 382 -11.54 -20.77 2.18
N GLY C 383 -12.22 -19.86 2.88
CA GLY C 383 -11.77 -19.39 4.17
C GLY C 383 -11.32 -17.98 3.84
N THR C 384 -11.70 -17.00 4.68
CA THR C 384 -11.33 -15.62 4.42
C THR C 384 -9.81 -15.48 4.52
N ASN C 385 -9.27 -14.43 3.90
CA ASN C 385 -7.83 -14.20 3.94
C ASN C 385 -7.34 -13.95 5.37
N GLU C 386 -8.25 -13.54 6.25
CA GLU C 386 -7.89 -13.32 7.64
C GLU C 386 -7.68 -14.68 8.30
N ILE C 387 -8.60 -15.60 8.06
CA ILE C 387 -8.46 -16.93 8.63
C ILE C 387 -7.22 -17.57 8.06
N MET C 388 -6.84 -17.18 6.84
CA MET C 388 -5.65 -17.71 6.19
C MET C 388 -4.44 -17.30 7.02
N LYS C 389 -4.39 -16.02 7.36
CA LYS C 389 -3.30 -15.50 8.16
C LYS C 389 -3.27 -16.16 9.51
N GLU C 390 -4.45 -16.44 10.06
CA GLU C 390 -4.53 -17.09 11.37
C GLU C 390 -3.77 -18.40 11.34
N LEU C 391 -4.01 -19.18 10.29
CA LEU C 391 -3.37 -20.48 10.13
C LEU C 391 -1.88 -20.38 9.85
N ILE C 392 -1.49 -19.39 9.06
CA ILE C 392 -0.09 -19.17 8.73
C ILE C 392 0.60 -18.77 10.02
N ALA C 393 -0.02 -17.82 10.72
CA ALA C 393 0.51 -17.31 11.98
C ALA C 393 0.63 -18.32 13.10
N ARG C 394 0.01 -19.49 12.90
CA ARG C 394 0.04 -20.57 13.88
C ARG C 394 1.48 -21.03 14.05
N GLU C 395 2.07 -21.58 12.99
CA GLU C 395 3.44 -22.09 13.06
C GLU C 395 4.51 -21.07 13.45
N ILE C 396 4.20 -19.79 13.30
CA ILE C 396 5.13 -18.72 13.62
C ILE C 396 5.25 -18.48 15.13
N VAL C 397 4.10 -18.29 15.77
CA VAL C 397 4.06 -17.98 17.19
C VAL C 397 3.98 -19.15 18.18
N PHE C 398 3.24 -20.19 17.82
CA PHE C 398 3.08 -21.35 18.71
C PHE C 398 3.90 -22.55 18.23
N ASP C 399 4.92 -22.93 19.01
CA ASP C 399 5.78 -24.05 18.64
C ASP C 399 4.99 -25.36 18.47
N LYS C 400 5.23 -26.06 17.36
CA LYS C 400 4.56 -27.33 17.04
C LYS C 400 4.44 -28.29 18.24
N GLU D 3 -22.28 26.65 18.04
CA GLU D 3 -21.84 27.02 19.42
C GLU D 3 -20.80 26.05 19.97
N GLU D 4 -21.07 24.75 19.86
CA GLU D 4 -20.17 23.73 20.35
C GLU D 4 -20.30 22.49 19.44
N ARG D 5 -20.02 22.67 18.15
CA ARG D 5 -20.11 21.59 17.16
C ARG D 5 -18.90 20.64 17.13
N LEU D 6 -19.17 19.35 17.03
CA LEU D 6 -18.12 18.34 17.00
C LEU D 6 -17.67 17.95 15.58
N GLU D 7 -16.39 17.63 15.44
CA GLU D 7 -15.85 17.19 14.17
C GLU D 7 -16.06 15.67 14.08
N THR D 8 -16.12 15.11 12.87
CA THR D 8 -16.36 13.67 12.71
C THR D 8 -15.65 12.67 13.63
N PRO D 9 -14.35 12.87 13.93
CA PRO D 9 -13.68 11.91 14.81
C PRO D 9 -14.41 11.72 16.14
N SER D 10 -14.84 12.83 16.71
CA SER D 10 -15.51 12.84 18.01
C SER D 10 -17.01 12.53 18.00
N ALA D 11 -17.65 12.67 16.85
CA ALA D 11 -19.09 12.42 16.75
C ALA D 11 -19.44 10.97 17.10
N LYS D 12 -20.68 10.73 17.49
CA LYS D 12 -21.09 9.38 17.82
C LYS D 12 -20.97 8.50 16.58
N LYS D 13 -21.45 9.02 15.46
CA LYS D 13 -21.40 8.35 14.16
C LYS D 13 -20.97 9.37 13.10
N LEU D 14 -20.11 8.95 12.18
CA LEU D 14 -19.63 9.86 11.14
C LEU D 14 -20.73 10.60 10.42
N THR D 15 -21.93 10.02 10.40
CA THR D 15 -23.05 10.61 9.69
C THR D 15 -24.04 11.36 10.56
N ASP D 16 -23.74 11.55 11.84
CA ASP D 16 -24.67 12.26 12.70
C ASP D 16 -25.02 13.63 12.18
N ILE D 17 -26.08 14.23 12.71
CA ILE D 17 -26.48 15.54 12.28
C ILE D 17 -25.98 16.59 13.27
N GLY D 18 -25.60 17.76 12.76
CA GLY D 18 -25.14 18.82 13.63
C GLY D 18 -23.70 18.74 14.03
N ILE D 19 -22.87 18.22 13.14
CA ILE D 19 -21.43 18.11 13.39
C ILE D 19 -20.66 18.76 12.24
N ARG D 20 -19.36 18.95 12.41
CA ARG D 20 -18.52 19.61 11.42
C ARG D 20 -18.75 21.12 11.57
N ARG D 21 -17.66 21.88 11.55
CA ARG D 21 -17.77 23.33 11.74
C ARG D 21 -18.36 24.16 10.61
N ILE D 22 -18.22 23.71 9.37
CA ILE D 22 -18.74 24.49 8.25
C ILE D 22 -20.24 24.62 8.23
N PHE D 23 -20.94 23.87 9.08
CA PHE D 23 -22.39 23.97 9.07
C PHE D 23 -23.03 24.78 10.20
N SER D 24 -24.14 25.41 9.86
CA SER D 24 -24.93 26.24 10.76
C SER D 24 -26.17 25.45 11.14
N PRO D 25 -26.85 25.86 12.23
CA PRO D 25 -28.08 25.18 12.69
C PRO D 25 -29.20 25.16 11.65
N GLU D 26 -29.17 26.09 10.71
CA GLU D 26 -30.20 26.14 9.67
C GLU D 26 -29.87 25.02 8.70
N HIS D 27 -28.57 24.81 8.49
CA HIS D 27 -28.13 23.75 7.62
C HIS D 27 -28.57 22.43 8.25
N ASP D 28 -28.45 22.36 9.58
CA ASP D 28 -28.87 21.14 10.24
C ASP D 28 -30.34 20.85 9.96
N ILE D 29 -31.21 21.84 10.16
CA ILE D 29 -32.65 21.65 9.92
C ILE D 29 -32.91 21.17 8.50
N PHE D 30 -32.19 21.75 7.55
CA PHE D 30 -32.32 21.38 6.15
C PHE D 30 -31.89 19.94 5.93
N ARG D 31 -30.74 19.58 6.48
CA ARG D 31 -30.19 18.22 6.36
C ARG D 31 -31.16 17.14 6.88
N LYS D 32 -31.83 17.43 7.98
CA LYS D 32 -32.75 16.47 8.56
C LYS D 32 -33.92 16.19 7.64
N SER D 33 -34.33 17.20 6.89
CA SER D 33 -35.45 17.03 5.97
C SER D 33 -34.99 16.36 4.69
N VAL D 34 -33.80 16.71 4.22
CA VAL D 34 -33.30 16.06 3.01
C VAL D 34 -33.16 14.57 3.31
N ARG D 35 -32.61 14.26 4.49
CA ARG D 35 -32.45 12.88 4.90
C ARG D 35 -33.80 12.19 5.02
N LYS D 36 -34.79 12.88 5.58
CA LYS D 36 -36.08 12.23 5.69
C LYS D 36 -36.47 11.85 4.28
N PHE D 37 -36.35 12.82 3.38
CA PHE D 37 -36.72 12.63 1.99
C PHE D 37 -36.14 11.37 1.35
N PHE D 38 -34.87 11.10 1.56
CA PHE D 38 -34.29 9.91 0.96
C PHE D 38 -34.82 8.67 1.61
N GLN D 39 -34.98 8.69 2.92
CA GLN D 39 -35.50 7.52 3.63
C GLN D 39 -36.88 7.12 3.11
N GLU D 40 -37.72 8.10 2.81
CA GLU D 40 -39.08 7.86 2.34
C GLU D 40 -39.37 7.84 0.83
N GLU D 41 -38.77 8.74 0.06
CA GLU D 41 -39.07 8.77 -1.37
C GLU D 41 -38.04 8.07 -2.26
N VAL D 42 -36.83 7.86 -1.76
CA VAL D 42 -35.82 7.21 -2.58
C VAL D 42 -35.50 5.77 -2.17
N ILE D 43 -34.92 5.57 -1.01
CA ILE D 43 -34.55 4.22 -0.58
C ILE D 43 -35.57 3.12 -0.87
N PRO D 44 -36.86 3.38 -0.61
CA PRO D 44 -37.88 2.35 -0.85
C PRO D 44 -38.04 1.82 -2.29
N HIS D 45 -37.93 2.69 -3.28
CA HIS D 45 -38.09 2.29 -4.67
C HIS D 45 -36.82 1.93 -5.40
N HIS D 46 -35.68 2.21 -4.78
CA HIS D 46 -34.41 1.99 -5.45
C HIS D 46 -34.15 0.63 -6.08
N SER D 47 -34.48 -0.44 -5.36
CA SER D 47 -34.23 -1.78 -5.88
C SER D 47 -34.96 -1.99 -7.21
N GLU D 48 -36.16 -1.42 -7.36
CA GLU D 48 -36.91 -1.56 -8.61
C GLU D 48 -36.31 -0.76 -9.76
N TRP D 49 -35.81 0.43 -9.45
CA TRP D 49 -35.21 1.25 -10.50
C TRP D 49 -33.99 0.48 -11.02
N GLU D 50 -33.24 -0.14 -10.12
CA GLU D 50 -32.09 -0.94 -10.52
C GLU D 50 -32.50 -1.92 -11.62
N LYS D 51 -33.61 -2.62 -11.39
CA LYS D 51 -34.11 -3.58 -12.38
C LYS D 51 -34.61 -2.82 -13.60
N ALA D 52 -35.08 -1.61 -13.37
CA ALA D 52 -35.61 -0.79 -14.45
C ALA D 52 -34.53 -0.13 -15.32
N GLY D 53 -33.39 0.20 -14.72
CA GLY D 53 -32.31 0.83 -15.46
C GLY D 53 -32.23 2.34 -15.26
N GLU D 54 -33.19 2.89 -14.52
CA GLU D 54 -33.23 4.33 -14.27
C GLU D 54 -34.28 4.64 -13.21
N VAL D 55 -34.21 5.81 -12.59
CA VAL D 55 -35.19 6.18 -11.59
C VAL D 55 -36.44 6.67 -12.32
N SER D 56 -37.48 7.02 -11.57
CA SER D 56 -38.71 7.47 -12.19
C SER D 56 -38.72 8.98 -12.32
N ARG D 57 -39.47 9.50 -13.28
CA ARG D 57 -39.56 10.93 -13.43
C ARG D 57 -40.26 11.46 -12.20
N GLU D 58 -41.17 10.65 -11.65
CA GLU D 58 -41.92 11.03 -10.47
C GLU D 58 -41.01 11.37 -9.28
N VAL D 59 -39.91 10.64 -9.13
CA VAL D 59 -38.99 10.91 -8.03
C VAL D 59 -38.24 12.22 -8.29
N TRP D 60 -38.07 12.60 -9.56
CA TRP D 60 -37.42 13.86 -9.92
C TRP D 60 -38.40 14.99 -9.62
N GLU D 61 -39.59 14.88 -10.20
CA GLU D 61 -40.68 15.84 -10.02
C GLU D 61 -40.88 16.20 -8.55
N LYS D 62 -40.63 15.25 -7.66
CA LYS D 62 -40.81 15.49 -6.23
C LYS D 62 -39.61 16.18 -5.62
N ALA D 63 -38.42 15.71 -6.00
CA ALA D 63 -37.19 16.28 -5.48
C ALA D 63 -37.23 17.78 -5.77
N GLY D 64 -37.89 18.13 -6.87
CA GLY D 64 -37.99 19.53 -7.24
C GLY D 64 -39.02 20.25 -6.41
N LYS D 65 -40.18 19.64 -6.22
CA LYS D 65 -41.21 20.28 -5.42
C LYS D 65 -40.75 20.41 -3.98
N GLN D 66 -39.78 19.58 -3.61
CA GLN D 66 -39.23 19.59 -2.25
C GLN D 66 -38.11 20.60 -2.06
N GLY D 67 -37.58 21.10 -3.18
CA GLY D 67 -36.51 22.08 -3.13
C GLY D 67 -35.12 21.47 -3.05
N LEU D 68 -34.95 20.29 -3.63
CA LEU D 68 -33.65 19.64 -3.62
C LEU D 68 -32.84 19.86 -4.90
N LEU D 69 -33.52 20.32 -5.97
CA LEU D 69 -32.81 20.56 -7.22
C LEU D 69 -32.42 22.04 -7.35
N GLY D 70 -31.26 22.29 -7.94
CA GLY D 70 -30.79 23.65 -8.13
C GLY D 70 -30.65 24.44 -6.84
N VAL D 71 -30.14 23.79 -5.80
CA VAL D 71 -30.00 24.46 -4.52
C VAL D 71 -28.94 25.56 -4.46
N ASN D 72 -27.90 25.46 -5.28
CA ASN D 72 -26.90 26.53 -5.26
C ASN D 72 -27.09 27.47 -6.45
N ILE D 73 -28.28 27.43 -7.03
CA ILE D 73 -28.60 28.27 -8.17
C ILE D 73 -29.38 29.49 -7.67
N ALA D 74 -28.91 30.68 -8.04
CA ALA D 74 -29.52 31.95 -7.64
C ALA D 74 -31.07 32.00 -7.73
N GLU D 75 -31.70 32.38 -6.62
CA GLU D 75 -33.16 32.46 -6.57
C GLU D 75 -33.73 33.42 -7.60
N HIS D 76 -33.01 34.49 -7.92
CA HIS D 76 -33.49 35.44 -8.91
C HIS D 76 -33.22 34.91 -10.34
N LEU D 77 -32.54 33.78 -10.43
CA LEU D 77 -32.25 33.17 -11.73
C LEU D 77 -33.15 31.96 -11.98
N GLY D 78 -33.95 31.60 -10.98
CA GLY D 78 -34.85 30.47 -11.13
C GLY D 78 -34.61 29.29 -10.21
N GLY D 79 -33.52 29.33 -9.44
CA GLY D 79 -33.20 28.25 -8.52
C GLY D 79 -33.77 28.55 -7.15
N ILE D 80 -33.47 27.70 -6.17
CA ILE D 80 -33.95 27.89 -4.77
C ILE D 80 -33.05 28.91 -4.08
N GLY D 81 -31.78 29.00 -4.49
CA GLY D 81 -30.87 30.02 -3.95
C GLY D 81 -30.39 29.82 -2.51
N GLY D 82 -29.59 28.77 -2.27
CA GLY D 82 -28.92 28.53 -0.97
C GLY D 82 -27.42 28.64 -1.15
N ASP D 83 -26.64 28.52 -0.07
CA ASP D 83 -25.19 28.63 -0.21
C ASP D 83 -24.67 27.30 -0.75
N LEU D 84 -23.36 27.16 -0.82
CA LEU D 84 -22.80 25.93 -1.33
C LEU D 84 -23.05 24.81 -0.33
N TYR D 85 -22.88 25.12 0.94
CA TYR D 85 -23.09 24.13 1.98
C TYR D 85 -24.45 23.43 1.87
N SER D 86 -25.45 24.16 1.44
CA SER D 86 -26.77 23.58 1.32
C SER D 86 -26.84 22.63 0.12
N ALA D 87 -25.98 22.87 -0.86
CA ALA D 87 -25.94 22.03 -2.06
C ALA D 87 -25.30 20.69 -1.72
N ALA D 88 -24.21 20.76 -0.99
CA ALA D 88 -23.47 19.58 -0.59
C ALA D 88 -24.31 18.70 0.34
N ILE D 89 -25.19 19.33 1.11
CA ILE D 89 -26.01 18.54 2.01
C ILE D 89 -26.81 17.56 1.17
N VAL D 90 -27.21 17.99 -0.03
CA VAL D 90 -27.98 17.12 -0.91
C VAL D 90 -27.08 16.02 -1.50
N TRP D 91 -25.88 16.35 -1.93
CA TRP D 91 -24.97 15.35 -2.49
C TRP D 91 -24.72 14.28 -1.43
N GLU D 92 -24.33 14.75 -0.25
CA GLU D 92 -23.99 13.90 0.88
C GLU D 92 -25.11 12.99 1.36
N GLU D 93 -26.29 13.56 1.60
CA GLU D 93 -27.43 12.77 2.04
C GLU D 93 -27.84 11.71 1.01
N GLN D 94 -27.64 12.00 -0.28
CA GLN D 94 -27.96 11.00 -1.30
C GLN D 94 -26.94 9.88 -1.14
N ALA D 95 -25.69 10.27 -0.94
CA ALA D 95 -24.63 9.29 -0.75
C ALA D 95 -24.98 8.43 0.46
N TYR D 96 -25.26 9.08 1.59
CA TYR D 96 -25.58 8.33 2.81
C TYR D 96 -26.71 7.34 2.61
N SER D 97 -27.64 7.62 1.69
CA SER D 97 -28.75 6.70 1.48
C SER D 97 -28.29 5.53 0.64
N ASN D 98 -27.02 5.61 0.21
CA ASN D 98 -26.41 4.60 -0.63
C ASN D 98 -27.27 4.24 -1.82
N CYS D 99 -27.83 5.25 -2.45
CA CYS D 99 -28.66 5.07 -3.62
C CYS D 99 -28.04 5.97 -4.71
N SER D 100 -27.50 5.35 -5.75
CA SER D 100 -26.85 6.09 -6.81
C SER D 100 -27.69 6.34 -8.06
N GLY D 101 -28.92 5.83 -8.07
CA GLY D 101 -29.79 6.02 -9.23
C GLY D 101 -30.04 7.46 -9.62
N PRO D 102 -30.66 8.24 -8.73
CA PRO D 102 -30.96 9.65 -9.00
C PRO D 102 -29.69 10.38 -9.38
N GLY D 103 -29.75 11.11 -10.51
CA GLY D 103 -28.60 11.88 -10.96
C GLY D 103 -28.82 13.36 -10.69
N PHE D 104 -29.27 13.70 -9.49
CA PHE D 104 -29.54 15.09 -9.16
C PHE D 104 -28.31 15.97 -9.22
N SER D 105 -27.18 15.44 -8.78
CA SER D 105 -25.94 16.21 -8.76
C SER D 105 -25.45 16.68 -10.13
N ILE D 106 -25.39 15.77 -11.10
CA ILE D 106 -24.95 16.15 -12.45
C ILE D 106 -25.86 17.25 -12.92
N HIS D 107 -27.13 17.05 -12.64
CA HIS D 107 -28.19 17.97 -12.99
C HIS D 107 -28.07 19.30 -12.26
N SER D 108 -28.22 19.28 -10.93
CA SER D 108 -28.17 20.49 -10.10
C SER D 108 -26.83 21.20 -9.98
N GLY D 109 -25.77 20.46 -9.70
CA GLY D 109 -24.48 21.11 -9.51
C GLY D 109 -23.63 21.36 -10.74
N ILE D 110 -23.99 20.78 -11.88
CA ILE D 110 -23.20 20.99 -13.07
C ILE D 110 -23.96 21.67 -14.20
N VAL D 111 -24.84 20.93 -14.84
CA VAL D 111 -25.61 21.49 -15.93
C VAL D 111 -26.23 22.85 -15.59
N MET D 112 -27.00 22.93 -14.52
CA MET D 112 -27.60 24.20 -14.16
C MET D 112 -26.59 25.33 -13.98
N SER D 113 -25.40 25.02 -13.47
CA SER D 113 -24.35 26.03 -13.27
C SER D 113 -23.85 26.56 -14.63
N TYR D 114 -23.68 25.65 -15.58
CA TYR D 114 -23.23 26.03 -16.91
C TYR D 114 -24.26 26.96 -17.53
N ILE D 115 -25.54 26.66 -17.36
CA ILE D 115 -26.59 27.47 -17.95
C ILE D 115 -26.76 28.83 -17.31
N THR D 116 -26.59 28.93 -16.00
CA THR D 116 -26.73 30.22 -15.33
C THR D 116 -25.44 31.05 -15.40
N ASN D 117 -24.30 30.38 -15.24
CA ASN D 117 -23.01 31.08 -15.28
C ASN D 117 -22.62 31.55 -16.67
N HIS D 118 -23.25 31.04 -17.72
CA HIS D 118 -22.83 31.44 -19.06
C HIS D 118 -23.93 31.54 -20.10
N GLY D 119 -25.19 31.38 -19.69
CA GLY D 119 -26.28 31.46 -20.64
C GLY D 119 -26.96 32.81 -20.76
N SER D 120 -27.59 33.05 -21.90
CA SER D 120 -28.30 34.30 -22.15
C SER D 120 -29.45 34.46 -21.16
N GLU D 121 -29.96 35.68 -21.00
CA GLU D 121 -31.05 35.91 -20.06
C GLU D 121 -32.25 35.06 -20.51
N GLU D 122 -32.32 34.82 -21.81
CA GLU D 122 -33.39 34.04 -22.41
C GLU D 122 -33.25 32.57 -22.06
N GLN D 123 -32.11 31.98 -22.45
CA GLN D 123 -31.84 30.59 -22.17
C GLN D 123 -32.17 30.25 -20.71
N ILE D 124 -31.62 31.02 -19.77
CA ILE D 124 -31.85 30.80 -18.35
C ILE D 124 -33.34 30.81 -18.00
N LYS D 125 -34.04 31.81 -18.51
CA LYS D 125 -35.47 31.97 -18.26
C LYS D 125 -36.22 30.72 -18.74
N HIS D 126 -35.83 30.21 -19.90
CA HIS D 126 -36.46 29.04 -20.50
C HIS D 126 -36.19 27.70 -19.84
N PHE D 127 -34.95 27.50 -19.39
CA PHE D 127 -34.57 26.24 -18.76
C PHE D 127 -34.64 26.18 -17.25
N ILE D 128 -33.84 26.98 -16.58
CA ILE D 128 -33.77 26.98 -15.12
C ILE D 128 -35.04 26.66 -14.33
N PRO D 129 -36.15 27.35 -14.61
CA PRO D 129 -37.35 27.03 -13.84
C PRO D 129 -37.79 25.56 -13.90
N GLN D 130 -37.94 25.02 -15.10
CA GLN D 130 -38.33 23.62 -15.27
C GLN D 130 -37.33 22.67 -14.61
N MET D 131 -36.05 23.01 -14.72
CA MET D 131 -35.00 22.19 -14.14
C MET D 131 -35.10 22.18 -12.62
N THR D 132 -35.50 23.29 -12.03
CA THR D 132 -35.62 23.34 -10.60
C THR D 132 -36.82 22.54 -10.13
N ALA D 133 -37.88 22.54 -10.94
CA ALA D 133 -39.09 21.79 -10.62
C ALA D 133 -38.92 20.32 -10.94
N GLY D 134 -37.82 19.99 -11.60
CA GLY D 134 -37.57 18.60 -11.95
C GLY D 134 -38.34 18.15 -13.17
N LYS D 135 -39.01 19.08 -13.86
CA LYS D 135 -39.78 18.75 -15.04
C LYS D 135 -38.86 18.57 -16.24
N CYS D 136 -37.71 19.25 -16.18
CA CYS D 136 -36.70 19.19 -17.24
C CYS D 136 -35.37 18.68 -16.68
N ILE D 137 -35.07 17.41 -16.94
CA ILE D 137 -33.85 16.77 -16.43
C ILE D 137 -32.62 17.03 -17.29
N GLY D 138 -31.53 17.44 -16.64
CA GLY D 138 -30.30 17.76 -17.34
C GLY D 138 -29.18 16.73 -17.42
N ALA D 139 -28.37 16.84 -18.48
CA ALA D 139 -27.26 15.95 -18.73
C ALA D 139 -26.20 16.68 -19.54
N ILE D 140 -24.95 16.24 -19.44
CA ILE D 140 -23.84 16.86 -20.16
C ILE D 140 -23.01 15.81 -20.87
N ALA D 141 -22.85 15.94 -22.19
CA ALA D 141 -22.09 14.93 -22.93
C ALA D 141 -20.82 15.44 -23.62
N MET D 142 -19.68 15.02 -23.11
CA MET D 142 -18.38 15.42 -23.66
C MET D 142 -17.49 14.26 -24.07
N THR D 143 -17.65 13.11 -23.43
CA THR D 143 -16.81 11.97 -23.77
C THR D 143 -17.31 11.26 -25.01
N GLU D 144 -16.37 10.70 -25.77
CA GLU D 144 -16.72 10.01 -26.99
C GLU D 144 -16.00 8.67 -27.06
N PRO D 145 -16.50 7.75 -27.91
CA PRO D 145 -15.87 6.43 -28.04
C PRO D 145 -14.37 6.57 -28.03
N GLY D 146 -13.86 7.43 -28.92
CA GLY D 146 -12.42 7.64 -29.02
C GLY D 146 -11.77 8.52 -27.97
N ALA D 147 -12.33 9.71 -27.75
CA ALA D 147 -11.65 10.65 -26.83
C ALA D 147 -12.37 11.09 -25.54
N GLY D 148 -11.81 10.64 -24.40
CA GLY D 148 -12.19 11.04 -23.04
C GLY D 148 -11.28 11.79 -22.09
N SER D 149 -9.99 11.54 -22.21
CA SER D 149 -8.95 12.16 -21.41
C SER D 149 -8.30 13.17 -22.36
N ASP D 150 -8.28 12.83 -23.65
CA ASP D 150 -7.68 13.68 -24.68
C ASP D 150 -8.71 14.57 -25.37
N LEU D 151 -9.34 15.43 -24.57
CA LEU D 151 -10.36 16.37 -25.02
C LEU D 151 -10.04 17.08 -26.33
N GLN D 152 -8.76 17.32 -26.56
CA GLN D 152 -8.31 17.99 -27.78
C GLN D 152 -8.53 17.10 -29.02
N GLY D 153 -9.03 15.88 -28.79
CA GLY D 153 -9.28 14.96 -29.87
C GLY D 153 -10.67 14.35 -30.03
N ILE D 154 -11.70 15.12 -29.67
CA ILE D 154 -13.07 14.64 -29.80
C ILE D 154 -13.65 15.20 -31.10
N LYS D 155 -14.21 14.32 -31.92
CA LYS D 155 -14.74 14.69 -33.24
C LYS D 155 -16.19 15.20 -33.43
N THR D 156 -16.97 15.30 -32.36
CA THR D 156 -18.33 15.81 -32.51
C THR D 156 -18.18 17.25 -32.99
N ASN D 157 -18.88 17.62 -34.06
CA ASN D 157 -18.76 18.99 -34.60
C ASN D 157 -20.06 19.72 -34.95
N ALA D 158 -19.98 21.05 -35.04
CA ALA D 158 -21.13 21.91 -35.37
C ALA D 158 -20.72 22.97 -36.38
N LYS D 159 -21.32 22.95 -37.56
CA LYS D 159 -21.00 23.93 -38.59
C LYS D 159 -22.14 24.92 -38.81
N LYS D 160 -21.80 26.17 -39.10
CA LYS D 160 -22.82 27.18 -39.32
C LYS D 160 -23.42 27.07 -40.71
N ASP D 161 -24.71 27.40 -40.81
CA ASP D 161 -25.44 27.34 -42.08
C ASP D 161 -26.44 28.49 -41.99
N GLY D 162 -25.93 29.70 -41.87
CA GLY D 162 -26.77 30.86 -41.74
C GLY D 162 -26.71 31.18 -40.27
N SER D 163 -27.84 31.40 -39.61
CA SER D 163 -27.79 31.68 -38.20
C SER D 163 -27.78 30.37 -37.43
N ASP D 164 -28.07 29.28 -38.15
CA ASP D 164 -28.12 27.95 -37.56
C ASP D 164 -26.80 27.22 -37.47
N TRP D 165 -26.79 26.22 -36.61
CA TRP D 165 -25.62 25.37 -36.37
C TRP D 165 -26.05 23.95 -36.67
N ILE D 166 -25.37 23.29 -37.60
CA ILE D 166 -25.71 21.92 -37.93
C ILE D 166 -24.74 21.05 -37.11
N LEU D 167 -25.29 20.26 -36.19
CA LEU D 167 -24.50 19.39 -35.32
C LEU D 167 -24.44 17.92 -35.74
N ASN D 168 -23.24 17.37 -35.72
CA ASN D 168 -23.03 15.96 -36.07
C ASN D 168 -22.03 15.35 -35.09
N GLY D 169 -22.29 14.10 -34.70
CA GLY D 169 -21.42 13.42 -33.77
C GLY D 169 -22.10 12.41 -32.86
N SER D 170 -21.42 12.03 -31.78
CA SER D 170 -21.96 11.07 -30.83
C SER D 170 -21.14 11.07 -29.55
N LYS D 171 -21.85 11.00 -28.42
CA LYS D 171 -21.22 10.97 -27.12
C LYS D 171 -21.48 9.60 -26.51
N VAL D 172 -20.77 9.28 -25.44
CA VAL D 172 -20.92 7.99 -24.77
C VAL D 172 -20.74 8.18 -23.25
N PHE D 173 -21.29 7.25 -22.47
CA PHE D 173 -21.23 7.30 -21.00
C PHE D 173 -21.99 8.51 -20.44
N ILE D 174 -23.09 8.94 -21.07
CA ILE D 174 -23.78 10.13 -20.58
C ILE D 174 -24.82 9.91 -19.46
N SER D 175 -24.47 10.34 -18.25
CA SER D 175 -25.35 10.20 -17.09
C SER D 175 -26.70 10.88 -17.37
N ASN D 176 -27.79 10.29 -16.88
CA ASN D 176 -29.13 10.83 -17.11
C ASN D 176 -29.44 10.83 -18.59
N GLY D 177 -28.59 10.17 -19.37
CA GLY D 177 -28.76 10.12 -20.81
C GLY D 177 -30.14 9.69 -21.27
N SER D 178 -30.77 8.78 -20.55
CA SER D 178 -32.10 8.30 -20.91
C SER D 178 -33.20 9.31 -20.55
N LEU D 179 -33.18 9.81 -19.31
CA LEU D 179 -34.19 10.77 -18.86
C LEU D 179 -33.96 12.19 -19.38
N SER D 180 -32.73 12.49 -19.77
CA SER D 180 -32.36 13.82 -20.25
C SER D 180 -33.32 14.53 -21.21
N ASP D 181 -33.66 15.77 -20.87
CA ASP D 181 -34.52 16.59 -21.71
C ASP D 181 -33.63 17.62 -22.40
N VAL D 182 -32.61 18.09 -21.68
CA VAL D 182 -31.63 19.04 -22.21
C VAL D 182 -30.22 18.50 -21.96
N VAL D 183 -29.41 18.44 -23.01
CA VAL D 183 -28.06 17.93 -22.90
C VAL D 183 -27.01 18.93 -23.39
N ILE D 184 -26.15 19.39 -22.48
CA ILE D 184 -25.10 20.33 -22.87
C ILE D 184 -24.07 19.54 -23.67
N VAL D 185 -24.09 19.69 -24.98
CA VAL D 185 -23.16 18.97 -25.83
C VAL D 185 -21.89 19.78 -26.13
N VAL D 186 -20.76 19.10 -26.00
CA VAL D 186 -19.46 19.69 -26.26
C VAL D 186 -19.02 19.36 -27.69
N ALA D 187 -18.91 20.36 -28.56
CA ALA D 187 -18.50 20.07 -29.94
C ALA D 187 -17.46 21.01 -30.55
N VAL D 188 -16.76 20.51 -31.56
CA VAL D 188 -15.72 21.24 -32.28
C VAL D 188 -16.33 22.24 -33.28
N THR D 189 -16.11 23.53 -33.07
CA THR D 189 -16.64 24.53 -34.01
C THR D 189 -15.55 25.12 -34.89
N ASN D 190 -14.32 25.11 -34.41
CA ASN D 190 -13.22 25.66 -35.19
C ASN D 190 -12.34 24.42 -35.41
N HIS D 191 -12.38 23.88 -36.63
CA HIS D 191 -11.58 22.69 -36.96
C HIS D 191 -10.18 23.21 -37.30
N GLU D 192 -9.97 24.51 -37.14
CA GLU D 192 -8.67 25.12 -37.44
C GLU D 192 -8.12 26.16 -36.48
N ALA D 193 -8.49 26.07 -35.20
CA ALA D 193 -7.98 27.01 -34.22
C ALA D 193 -6.54 26.56 -33.94
N PRO D 194 -5.68 27.48 -33.45
CA PRO D 194 -4.29 27.11 -33.17
C PRO D 194 -4.26 25.81 -32.34
N SER D 195 -4.91 25.86 -31.17
CA SER D 195 -5.02 24.72 -30.27
C SER D 195 -6.50 24.37 -30.16
N PRO D 196 -6.84 23.08 -30.19
CA PRO D 196 -8.24 22.65 -30.09
C PRO D 196 -8.99 23.23 -28.89
N ALA D 197 -8.26 23.90 -28.01
CA ALA D 197 -8.82 24.52 -26.82
C ALA D 197 -9.39 25.91 -27.11
N HIS D 198 -9.45 26.27 -28.39
CA HIS D 198 -9.99 27.55 -28.79
C HIS D 198 -10.91 27.33 -29.99
N GLY D 199 -11.42 26.09 -30.08
CA GLY D 199 -12.30 25.74 -31.16
C GLY D 199 -13.46 24.86 -30.72
N ILE D 200 -13.82 24.95 -29.44
CA ILE D 200 -14.92 24.16 -28.91
C ILE D 200 -16.04 25.07 -28.43
N SER D 201 -17.28 24.65 -28.68
CA SER D 201 -18.45 25.43 -28.26
C SER D 201 -19.39 24.53 -27.47
N LEU D 202 -20.32 25.13 -26.74
CA LEU D 202 -21.28 24.35 -25.95
C LEU D 202 -22.69 24.59 -26.48
N PHE D 203 -23.46 23.52 -26.65
CA PHE D 203 -24.83 23.64 -27.15
C PHE D 203 -25.84 23.01 -26.22
N LEU D 204 -27.01 23.63 -26.12
CA LEU D 204 -28.06 23.06 -25.29
C LEU D 204 -28.96 22.26 -26.22
N VAL D 205 -28.62 20.99 -26.47
CA VAL D 205 -29.45 20.16 -27.34
C VAL D 205 -30.63 19.64 -26.53
N GLU D 206 -31.77 19.49 -27.19
CA GLU D 206 -32.97 19.06 -26.48
C GLU D 206 -33.71 17.86 -27.07
N ASN D 207 -34.45 17.16 -26.20
CA ASN D 207 -35.23 16.02 -26.65
C ASN D 207 -36.25 16.69 -27.54
N GLY D 208 -36.49 16.10 -28.71
CA GLY D 208 -37.46 16.70 -29.62
C GLY D 208 -36.83 17.25 -30.88
N MET D 209 -35.54 17.57 -30.84
CA MET D 209 -34.87 18.09 -32.03
C MET D 209 -34.70 16.95 -33.04
N LYS D 210 -35.08 17.19 -34.29
CA LYS D 210 -34.95 16.16 -35.31
C LYS D 210 -33.48 15.86 -35.47
N GLY D 211 -33.13 14.58 -35.44
CA GLY D 211 -31.74 14.18 -35.61
C GLY D 211 -31.03 13.89 -34.29
N PHE D 212 -31.74 14.02 -33.18
CA PHE D 212 -31.14 13.75 -31.89
C PHE D 212 -31.55 12.37 -31.43
N ILE D 213 -30.66 11.41 -31.62
CA ILE D 213 -30.95 10.03 -31.27
C ILE D 213 -30.31 9.56 -29.98
N LYS D 214 -31.15 9.11 -29.05
CA LYS D 214 -30.67 8.59 -27.78
C LYS D 214 -30.42 7.10 -27.97
N GLY D 215 -29.22 6.66 -27.59
CA GLY D 215 -28.84 5.26 -27.75
C GLY D 215 -29.25 4.33 -26.62
N ARG D 216 -28.90 3.06 -26.79
CA ARG D 216 -29.20 2.01 -25.82
C ARG D 216 -28.62 2.30 -24.44
N LYS D 217 -29.33 1.90 -23.39
CA LYS D 217 -28.82 2.11 -22.03
C LYS D 217 -27.71 1.11 -21.75
N LEU D 218 -26.58 1.63 -21.31
CA LEU D 218 -25.40 0.84 -21.04
C LEU D 218 -25.47 -0.11 -19.85
N HIS D 219 -25.02 -1.34 -20.11
CA HIS D 219 -24.99 -2.40 -19.09
C HIS D 219 -23.66 -2.18 -18.36
N LYS D 220 -23.74 -1.86 -17.07
CA LYS D 220 -22.53 -1.59 -16.28
C LYS D 220 -22.37 -2.55 -15.09
N MET D 221 -21.26 -2.44 -14.36
CA MET D 221 -21.07 -3.30 -13.19
C MET D 221 -21.62 -2.59 -11.96
N GLY D 222 -21.84 -1.29 -12.07
CA GLY D 222 -22.36 -0.49 -10.98
C GLY D 222 -23.35 0.57 -11.43
N LEU D 223 -23.74 1.46 -10.53
CA LEU D 223 -24.71 2.50 -10.86
C LEU D 223 -25.84 1.85 -11.65
N LYS D 224 -26.25 0.67 -11.20
CA LYS D 224 -27.30 -0.09 -11.84
C LYS D 224 -28.58 0.71 -12.11
N ALA D 225 -28.87 1.68 -11.25
CA ALA D 225 -30.07 2.48 -11.40
C ALA D 225 -29.85 3.82 -12.14
N GLN D 226 -28.59 4.10 -12.48
CA GLN D 226 -28.22 5.32 -13.21
C GLN D 226 -28.39 5.00 -14.71
N ASP D 227 -29.13 5.84 -15.42
CA ASP D 227 -29.38 5.61 -16.84
C ASP D 227 -28.25 6.17 -17.73
N THR D 228 -27.09 5.53 -17.70
CA THR D 228 -25.95 5.97 -18.52
C THR D 228 -26.15 5.48 -19.94
N ALA D 229 -26.15 6.39 -20.92
CA ALA D 229 -26.37 5.95 -22.30
C ALA D 229 -25.55 6.69 -23.34
N GLU D 230 -25.69 6.27 -24.61
CA GLU D 230 -24.99 6.90 -25.72
C GLU D 230 -25.92 7.85 -26.44
N LEU D 231 -25.35 8.90 -27.02
CA LEU D 231 -26.13 9.87 -27.77
C LEU D 231 -25.54 9.99 -29.18
N PHE D 232 -26.40 10.17 -30.18
CA PHE D 232 -25.96 10.34 -31.54
C PHE D 232 -26.61 11.60 -32.10
N PHE D 233 -25.89 12.28 -33.00
CA PHE D 233 -26.37 13.50 -33.63
C PHE D 233 -26.24 13.34 -35.13
N GLU D 234 -27.39 13.33 -35.80
CA GLU D 234 -27.43 13.16 -37.25
C GLU D 234 -28.05 14.38 -37.94
N ASP D 235 -27.16 15.30 -38.32
CA ASP D 235 -27.50 16.56 -38.99
C ASP D 235 -28.57 17.38 -38.27
N ILE D 236 -28.36 17.58 -36.98
CA ILE D 236 -29.33 18.33 -36.18
C ILE D 236 -29.18 19.81 -36.46
N ARG D 237 -30.29 20.43 -36.88
CA ARG D 237 -30.30 21.85 -37.19
C ARG D 237 -30.63 22.65 -35.95
N LEU D 238 -29.61 23.28 -35.36
CA LEU D 238 -29.75 24.07 -34.14
C LEU D 238 -29.92 25.57 -34.39
N PRO D 239 -31.03 26.15 -33.81
CA PRO D 239 -31.08 27.59 -34.05
C PRO D 239 -29.99 28.31 -33.32
N ALA D 240 -29.95 29.60 -33.54
CA ALA D 240 -28.90 30.41 -32.95
C ALA D 240 -28.87 30.27 -31.43
N SER D 241 -30.04 30.25 -30.82
CA SER D 241 -30.16 30.16 -29.36
C SER D 241 -29.65 28.86 -28.74
N ALA D 242 -29.35 27.87 -29.56
CA ALA D 242 -28.87 26.59 -29.04
C ALA D 242 -27.47 26.77 -28.47
N LEU D 243 -26.76 27.75 -29.01
CA LEU D 243 -25.39 28.06 -28.57
C LEU D 243 -25.36 28.57 -27.13
N LEU D 244 -24.60 27.88 -26.30
CA LEU D 244 -24.45 28.27 -24.90
C LEU D 244 -23.16 29.06 -24.75
N GLY D 245 -23.28 30.35 -24.45
CA GLY D 245 -22.10 31.17 -24.31
C GLY D 245 -21.58 31.64 -25.65
N GLU D 246 -20.33 32.11 -25.66
CA GLU D 246 -19.73 32.61 -26.88
C GLU D 246 -19.21 31.49 -27.74
N GLU D 247 -19.18 31.75 -29.05
CA GLU D 247 -18.70 30.76 -30.00
C GLU D 247 -17.19 30.51 -29.83
N ASN D 248 -16.80 29.25 -29.78
CA ASN D 248 -15.41 28.83 -29.61
C ASN D 248 -14.81 29.04 -28.22
N LYS D 249 -15.60 29.56 -27.30
CA LYS D 249 -15.14 29.78 -25.93
C LYS D 249 -15.44 28.53 -25.12
N GLY D 250 -15.99 27.51 -25.78
CA GLY D 250 -16.33 26.27 -25.09
C GLY D 250 -15.41 25.66 -24.06
N PHE D 251 -14.14 25.54 -24.40
CA PHE D 251 -13.17 24.95 -23.50
C PHE D 251 -13.07 25.84 -22.26
N TYR D 252 -12.99 27.16 -22.46
CA TYR D 252 -12.88 28.09 -21.35
C TYR D 252 -14.00 27.96 -20.30
N TYR D 253 -15.25 27.87 -20.75
CA TYR D 253 -16.35 27.74 -19.79
C TYR D 253 -16.18 26.49 -18.96
N ILE D 254 -15.72 25.43 -19.62
CA ILE D 254 -15.47 24.13 -18.99
C ILE D 254 -14.42 24.24 -17.87
N MET D 255 -13.24 24.73 -18.24
CA MET D 255 -12.13 24.90 -17.29
C MET D 255 -12.57 25.58 -16.01
N LYS D 256 -13.54 26.47 -16.13
CA LYS D 256 -14.01 27.21 -14.96
C LYS D 256 -15.02 26.42 -14.13
N GLU D 257 -15.67 25.44 -14.74
CA GLU D 257 -16.66 24.64 -14.02
C GLU D 257 -16.08 23.34 -13.47
N LEU D 258 -15.02 22.83 -14.09
CA LEU D 258 -14.43 21.59 -13.62
C LEU D 258 -14.18 21.57 -12.11
N PRO D 259 -13.56 22.63 -11.57
CA PRO D 259 -13.28 22.69 -10.13
C PRO D 259 -14.48 22.25 -9.30
N GLN D 260 -15.68 22.68 -9.67
CA GLN D 260 -16.87 22.28 -8.93
C GLN D 260 -17.31 20.84 -9.23
N GLU D 261 -17.12 20.38 -10.47
CA GLU D 261 -17.49 19.01 -10.83
C GLU D 261 -16.64 18.02 -10.03
N ARG D 262 -15.43 18.44 -9.67
CA ARG D 262 -14.51 17.58 -8.93
C ARG D 262 -14.75 17.64 -7.44
N LEU D 263 -15.16 18.80 -6.95
CA LEU D 263 -15.44 18.98 -5.54
C LEU D 263 -16.64 18.09 -5.24
N LEU D 264 -17.62 18.16 -6.12
CA LEU D 264 -18.84 17.39 -6.01
C LEU D 264 -18.48 15.92 -5.85
N ILE D 265 -17.62 15.41 -6.71
CA ILE D 265 -17.21 14.02 -6.64
C ILE D 265 -16.49 13.73 -5.32
N ALA D 266 -15.47 14.53 -5.01
CA ALA D 266 -14.72 14.35 -3.77
C ALA D 266 -15.62 14.19 -2.54
N ASP D 267 -16.59 15.10 -2.39
CA ASP D 267 -17.47 15.04 -1.25
C ASP D 267 -18.34 13.80 -1.28
N VAL D 268 -18.89 13.48 -2.45
CA VAL D 268 -19.74 12.31 -2.61
C VAL D 268 -18.99 11.05 -2.18
N ALA D 269 -17.72 10.95 -2.57
CA ALA D 269 -16.88 9.80 -2.26
C ALA D 269 -16.55 9.66 -0.76
N ILE D 270 -16.18 10.77 -0.13
CA ILE D 270 -15.85 10.71 1.30
C ILE D 270 -17.12 10.45 2.11
N SER D 271 -18.26 10.91 1.60
CA SER D 271 -19.54 10.72 2.25
C SER D 271 -19.89 9.25 2.12
N ALA D 272 -19.67 8.71 0.92
CA ALA D 272 -19.92 7.31 0.66
C ALA D 272 -19.07 6.56 1.67
N SER D 273 -17.81 6.96 1.82
CA SER D 273 -16.91 6.32 2.78
C SER D 273 -17.47 6.35 4.20
N GLU D 274 -18.01 7.49 4.61
CA GLU D 274 -18.58 7.58 5.93
C GLU D 274 -19.76 6.60 6.08
N PHE D 275 -20.61 6.54 5.05
CA PHE D 275 -21.75 5.62 5.07
C PHE D 275 -21.31 4.19 5.17
N MET D 276 -20.27 3.82 4.42
CA MET D 276 -19.80 2.45 4.45
C MET D 276 -19.22 2.14 5.83
N PHE D 277 -18.49 3.08 6.38
CA PHE D 277 -17.89 2.88 7.68
C PHE D 277 -18.89 2.62 8.80
N GLU D 278 -19.99 3.37 8.87
CA GLU D 278 -20.95 3.14 9.94
C GLU D 278 -21.73 1.85 9.73
N GLU D 279 -21.95 1.49 8.47
CA GLU D 279 -22.66 0.26 8.13
C GLU D 279 -21.85 -0.93 8.60
N THR D 280 -20.59 -0.98 8.18
CA THR D 280 -19.70 -2.07 8.54
C THR D 280 -19.43 -2.10 10.05
N ARG D 281 -19.14 -0.96 10.67
CA ARG D 281 -18.92 -0.95 12.12
C ARG D 281 -20.13 -1.63 12.74
N ASN D 282 -21.28 -1.32 12.19
CA ASN D 282 -22.50 -1.89 12.69
C ASN D 282 -22.49 -3.40 12.53
N TYR D 283 -22.36 -3.85 11.29
CA TYR D 283 -22.34 -5.28 11.02
C TYR D 283 -21.46 -6.06 11.98
N VAL D 284 -20.19 -5.68 12.10
CA VAL D 284 -19.29 -6.42 12.96
C VAL D 284 -19.58 -6.34 14.46
N LYS D 285 -20.41 -5.41 14.88
CA LYS D 285 -20.71 -5.33 16.31
C LYS D 285 -21.88 -6.23 16.65
N GLN D 286 -22.62 -6.67 15.64
CA GLN D 286 -23.76 -7.55 15.84
C GLN D 286 -23.52 -8.96 15.28
N ARG D 287 -22.36 -9.17 14.67
CA ARG D 287 -22.04 -10.46 14.09
C ARG D 287 -21.38 -11.39 15.10
N LYS D 288 -22.16 -12.34 15.62
CA LYS D 288 -21.63 -13.28 16.60
C LYS D 288 -20.53 -14.16 16.00
N ALA D 289 -19.51 -14.46 16.80
CA ALA D 289 -18.42 -15.31 16.38
C ALA D 289 -17.48 -15.60 17.55
N PHE D 290 -17.11 -16.87 17.67
CA PHE D 290 -16.21 -17.33 18.72
C PHE D 290 -16.67 -16.96 20.11
N GLY D 291 -17.98 -17.06 20.34
CA GLY D 291 -18.51 -16.75 21.66
C GLY D 291 -18.69 -15.28 21.96
N LYS D 292 -18.41 -14.44 20.96
CA LYS D 292 -18.54 -12.99 21.11
C LYS D 292 -18.77 -12.47 19.68
N THR D 293 -18.71 -11.15 19.48
CA THR D 293 -18.88 -10.57 18.15
C THR D 293 -17.56 -10.45 17.40
N VAL D 294 -17.57 -10.07 16.13
CA VAL D 294 -16.29 -9.98 15.43
C VAL D 294 -15.61 -8.67 15.81
N ALA D 295 -16.38 -7.72 16.31
CA ALA D 295 -15.80 -6.45 16.74
C ALA D 295 -14.90 -6.64 17.96
N HIS D 296 -14.90 -7.85 18.54
CA HIS D 296 -14.04 -8.12 19.68
C HIS D 296 -12.63 -8.50 19.22
N LEU D 297 -12.52 -8.93 17.97
CA LEU D 297 -11.22 -9.29 17.42
C LEU D 297 -10.34 -8.06 17.23
N GLN D 298 -9.08 -8.14 17.69
CA GLN D 298 -8.18 -7.00 17.58
C GLN D 298 -7.81 -6.59 16.15
N THR D 299 -7.69 -7.57 15.25
CA THR D 299 -7.35 -7.24 13.87
C THR D 299 -8.48 -6.39 13.30
N VAL D 300 -9.69 -6.73 13.73
CA VAL D 300 -10.88 -6.01 13.31
C VAL D 300 -10.88 -4.63 13.93
N GLN D 301 -10.45 -4.56 15.19
CA GLN D 301 -10.41 -3.28 15.88
C GLN D 301 -9.42 -2.33 15.25
N HIS D 302 -8.27 -2.85 14.83
CA HIS D 302 -7.30 -1.97 14.20
C HIS D 302 -7.66 -1.68 12.75
N LYS D 303 -8.33 -2.62 12.11
CA LYS D 303 -8.74 -2.41 10.73
C LYS D 303 -9.73 -1.24 10.75
N LEU D 304 -10.61 -1.21 11.75
CA LEU D 304 -11.60 -0.13 11.86
C LEU D 304 -10.96 1.19 12.25
N ALA D 305 -9.87 1.12 13.03
CA ALA D 305 -9.19 2.34 13.44
C ALA D 305 -8.53 2.99 12.23
N GLU D 306 -7.87 2.18 11.40
CA GLU D 306 -7.20 2.68 10.19
C GLU D 306 -8.21 3.30 9.22
N LEU D 307 -9.37 2.66 9.10
CA LEU D 307 -10.41 3.17 8.21
C LEU D 307 -10.99 4.48 8.70
N LYS D 308 -11.29 4.59 9.99
CA LYS D 308 -11.87 5.81 10.51
C LYS D 308 -10.89 6.95 10.39
N THR D 309 -9.64 6.69 10.74
CA THR D 309 -8.63 7.73 10.67
C THR D 309 -8.54 8.30 9.27
N HIS D 310 -8.40 7.44 8.25
CA HIS D 310 -8.29 7.95 6.90
C HIS D 310 -9.52 8.64 6.41
N ILE D 311 -10.67 8.29 6.96
CA ILE D 311 -11.92 8.93 6.56
C ILE D 311 -12.08 10.31 7.22
N CYS D 312 -11.68 10.43 8.48
CA CYS D 312 -11.78 11.71 9.17
C CYS D 312 -10.73 12.67 8.66
N VAL D 313 -9.52 12.17 8.45
CA VAL D 313 -8.46 13.01 7.95
C VAL D 313 -8.89 13.58 6.61
N THR D 314 -9.32 12.73 5.68
CA THR D 314 -9.75 13.19 4.37
C THR D 314 -10.96 14.11 4.43
N ARG D 315 -11.94 13.77 5.27
CA ARG D 315 -13.14 14.60 5.43
C ARG D 315 -12.68 16.02 5.75
N ALA D 316 -11.73 16.14 6.67
CA ALA D 316 -11.20 17.43 7.06
C ALA D 316 -10.79 18.23 5.84
N PHE D 317 -10.05 17.59 4.94
CA PHE D 317 -9.59 18.28 3.75
C PHE D 317 -10.75 18.65 2.81
N VAL D 318 -11.71 17.76 2.63
CA VAL D 318 -12.83 18.08 1.75
C VAL D 318 -13.64 19.24 2.33
N ASP D 319 -13.91 19.18 3.64
CA ASP D 319 -14.65 20.26 4.32
C ASP D 319 -13.86 21.56 4.19
N ASN D 320 -12.54 21.43 4.18
CA ASN D 320 -11.67 22.58 4.01
C ASN D 320 -11.92 23.12 2.59
N CYS D 321 -12.05 22.22 1.63
CA CYS D 321 -12.29 22.63 0.25
C CYS D 321 -13.67 23.27 0.08
N LEU D 322 -14.69 22.71 0.69
CA LEU D 322 -16.04 23.29 0.60
C LEU D 322 -15.98 24.75 1.08
N GLN D 323 -15.27 24.98 2.18
CA GLN D 323 -15.11 26.31 2.75
C GLN D 323 -14.56 27.29 1.72
N LEU D 324 -13.57 26.83 0.97
CA LEU D 324 -12.94 27.66 -0.06
C LEU D 324 -13.86 27.93 -1.24
N HIS D 325 -14.46 26.88 -1.80
CA HIS D 325 -15.33 27.06 -2.96
C HIS D 325 -16.50 27.97 -2.65
N GLU D 326 -16.92 28.03 -1.39
CA GLU D 326 -18.01 28.92 -0.98
C GLU D 326 -17.54 30.37 -1.11
N ALA D 327 -16.25 30.60 -0.87
CA ALA D 327 -15.67 31.93 -0.97
C ALA D 327 -15.11 32.14 -2.37
N LYS D 328 -15.34 31.15 -3.24
CA LYS D 328 -14.86 31.19 -4.61
C LYS D 328 -13.32 31.29 -4.71
N ARG D 329 -12.63 30.58 -3.80
CA ARG D 329 -11.17 30.56 -3.78
C ARG D 329 -10.67 29.13 -3.88
N LEU D 330 -11.40 28.31 -4.62
CA LEU D 330 -11.04 26.91 -4.82
C LEU D 330 -10.42 26.78 -6.20
N ASP D 331 -9.11 26.59 -6.27
CA ASP D 331 -8.46 26.48 -7.57
C ASP D 331 -8.53 25.09 -8.15
N SER D 332 -8.10 24.97 -9.40
CA SER D 332 -8.10 23.71 -10.13
C SER D 332 -7.31 22.63 -9.41
N ALA D 333 -6.05 22.91 -9.11
CA ALA D 333 -5.22 21.93 -8.44
C ALA D 333 -5.90 21.41 -7.17
N THR D 334 -6.31 22.31 -6.29
CA THR D 334 -6.95 21.91 -5.04
C THR D 334 -8.11 20.93 -5.25
N ALA D 335 -9.15 21.36 -5.97
CA ALA D 335 -10.29 20.49 -6.24
C ALA D 335 -9.78 19.14 -6.73
N CYS D 336 -8.78 19.15 -7.60
CA CYS D 336 -8.22 17.90 -8.12
C CYS D 336 -7.71 16.96 -7.04
N MET D 337 -7.02 17.51 -6.04
CA MET D 337 -6.51 16.70 -4.93
C MET D 337 -7.67 16.02 -4.18
N ALA D 338 -8.77 16.74 -3.99
CA ALA D 338 -9.94 16.19 -3.30
C ALA D 338 -10.61 15.09 -4.11
N LYS D 339 -10.85 15.33 -5.39
CA LYS D 339 -11.49 14.34 -6.26
C LYS D 339 -10.72 13.04 -6.25
N TYR D 340 -9.43 13.16 -6.51
CA TYR D 340 -8.52 12.01 -6.57
C TYR D 340 -8.34 11.20 -5.29
N TRP D 341 -7.90 11.84 -4.22
CA TRP D 341 -7.70 11.10 -2.99
C TRP D 341 -9.03 10.51 -2.52
N ALA D 342 -10.04 11.37 -2.36
CA ALA D 342 -11.34 10.90 -1.90
C ALA D 342 -11.92 9.78 -2.75
N SER D 343 -11.69 9.81 -4.05
CA SER D 343 -12.22 8.75 -4.90
C SER D 343 -11.39 7.48 -4.75
N GLU D 344 -10.09 7.60 -4.49
CA GLU D 344 -9.30 6.39 -4.34
C GLU D 344 -9.60 5.74 -3.01
N LEU D 345 -9.74 6.55 -1.97
CA LEU D 345 -10.03 6.05 -0.64
C LEU D 345 -11.39 5.37 -0.59
N GLN D 346 -12.38 5.97 -1.26
CA GLN D 346 -13.72 5.42 -1.30
C GLN D 346 -13.66 3.95 -1.68
N ASN D 347 -12.78 3.64 -2.65
CA ASN D 347 -12.62 2.28 -3.13
C ASN D 347 -11.85 1.39 -2.15
N SER D 348 -10.80 1.93 -1.54
CA SER D 348 -10.03 1.16 -0.58
C SER D 348 -10.90 0.87 0.63
N VAL D 349 -11.76 1.82 1.00
CA VAL D 349 -12.67 1.64 2.14
C VAL D 349 -13.65 0.50 1.82
N ALA D 350 -14.25 0.55 0.63
CA ALA D 350 -15.21 -0.45 0.20
C ALA D 350 -14.62 -1.85 0.15
N TYR D 351 -13.37 -1.96 -0.27
CA TYR D 351 -12.74 -3.26 -0.34
C TYR D 351 -12.67 -3.88 1.04
N ASP D 352 -12.25 -3.09 2.00
CA ASP D 352 -12.11 -3.53 3.38
C ASP D 352 -13.44 -3.72 4.08
N CYS D 353 -14.45 -2.95 3.68
CA CYS D 353 -15.75 -3.08 4.31
C CYS D 353 -16.50 -4.30 3.79
N VAL D 354 -16.21 -4.70 2.56
CA VAL D 354 -16.87 -5.91 2.03
C VAL D 354 -16.20 -7.07 2.73
N GLN D 355 -14.89 -6.96 2.94
CA GLN D 355 -14.12 -8.02 3.59
C GLN D 355 -14.60 -8.30 5.02
N LEU D 356 -14.98 -7.25 5.73
CA LEU D 356 -15.45 -7.40 7.11
C LEU D 356 -16.86 -7.97 7.18
N HIS D 357 -17.57 -7.98 6.05
CA HIS D 357 -18.92 -8.53 6.03
C HIS D 357 -18.81 -10.01 5.71
N GLY D 358 -17.59 -10.42 5.38
CA GLY D 358 -17.37 -11.82 5.03
C GLY D 358 -18.11 -12.07 3.74
N GLY D 359 -18.69 -13.26 3.61
CA GLY D 359 -19.42 -13.61 2.41
C GLY D 359 -20.71 -12.83 2.17
N TRP D 360 -21.27 -12.19 3.19
CA TRP D 360 -22.50 -11.43 2.98
C TRP D 360 -22.23 -10.14 2.25
N GLY D 361 -20.97 -9.74 2.25
CA GLY D 361 -20.59 -8.53 1.57
C GLY D 361 -20.63 -8.72 0.07
N TYR D 362 -20.73 -9.97 -0.38
CA TYR D 362 -20.76 -10.24 -1.81
C TYR D 362 -22.19 -10.30 -2.32
N MET D 363 -23.14 -10.29 -1.39
CA MET D 363 -24.57 -10.38 -1.72
C MET D 363 -25.20 -9.03 -2.02
N TRP D 364 -26.01 -8.99 -3.07
CA TRP D 364 -26.65 -7.74 -3.46
C TRP D 364 -27.71 -7.25 -2.44
N GLU D 365 -28.17 -8.13 -1.57
CA GLU D 365 -29.18 -7.72 -0.59
C GLU D 365 -28.58 -6.85 0.51
N TYR D 366 -27.27 -6.88 0.65
CA TYR D 366 -26.57 -6.08 1.66
C TYR D 366 -26.03 -4.79 1.01
N PRO D 367 -26.34 -3.63 1.61
CA PRO D 367 -25.90 -2.33 1.10
C PRO D 367 -24.45 -2.28 0.60
N ILE D 368 -23.52 -2.80 1.40
CA ILE D 368 -22.12 -2.75 1.04
C ILE D 368 -21.77 -3.31 -0.33
N ALA D 369 -22.55 -4.28 -0.82
CA ALA D 369 -22.27 -4.83 -2.13
C ALA D 369 -22.50 -3.75 -3.18
N LYS D 370 -23.62 -3.04 -3.06
CA LYS D 370 -23.95 -1.93 -3.99
C LYS D 370 -22.84 -0.89 -3.90
N ALA D 371 -22.51 -0.49 -2.67
CA ALA D 371 -21.49 0.50 -2.41
C ALA D 371 -20.15 0.20 -3.07
N TYR D 372 -19.79 -1.09 -3.12
CA TYR D 372 -18.53 -1.52 -3.71
C TYR D 372 -18.43 -1.30 -5.22
N VAL D 373 -19.41 -1.75 -5.98
CA VAL D 373 -19.34 -1.56 -7.43
C VAL D 373 -19.65 -0.12 -7.80
N ASP D 374 -20.40 0.57 -6.94
CA ASP D 374 -20.75 1.97 -7.17
C ASP D 374 -19.52 2.83 -7.02
N ALA D 375 -18.63 2.43 -6.13
CA ALA D 375 -17.42 3.17 -5.87
C ALA D 375 -16.38 3.16 -7.00
N ARG D 376 -16.32 2.07 -7.77
CA ARG D 376 -15.32 1.96 -8.83
C ARG D 376 -15.43 2.96 -9.97
N VAL D 377 -16.54 3.67 -10.06
CA VAL D 377 -16.72 4.63 -11.14
C VAL D 377 -16.06 5.98 -10.82
N GLN D 378 -16.05 6.33 -9.55
CA GLN D 378 -15.52 7.59 -9.07
C GLN D 378 -14.09 7.92 -9.43
N PRO D 379 -13.18 6.92 -9.40
CA PRO D 379 -11.79 7.23 -9.77
C PRO D 379 -11.69 7.38 -11.28
N ILE D 380 -12.81 7.14 -11.98
CA ILE D 380 -12.80 7.23 -13.43
C ILE D 380 -13.42 8.49 -14.02
N TYR D 381 -14.69 8.81 -13.71
CA TYR D 381 -15.26 10.02 -14.29
C TYR D 381 -14.85 11.32 -13.64
N GLY D 382 -15.14 12.42 -14.33
CA GLY D 382 -14.76 13.74 -13.85
C GLY D 382 -13.29 13.90 -14.19
N GLY D 383 -12.81 13.04 -15.09
CA GLY D 383 -11.41 13.03 -15.47
C GLY D 383 -10.85 11.98 -14.53
N THR D 384 -10.17 10.98 -15.08
CA THR D 384 -9.62 9.91 -14.25
C THR D 384 -8.61 10.47 -13.26
N ASN D 385 -8.15 9.64 -12.32
CA ASN D 385 -7.18 10.09 -11.33
C ASN D 385 -5.80 10.28 -11.94
N GLU D 386 -5.49 9.51 -12.98
CA GLU D 386 -4.22 9.68 -13.66
C GLU D 386 -4.18 11.16 -14.08
N ILE D 387 -5.24 11.60 -14.76
CA ILE D 387 -5.34 12.99 -15.20
C ILE D 387 -5.30 13.95 -14.02
N MET D 388 -5.98 13.60 -12.93
CA MET D 388 -5.97 14.45 -11.73
C MET D 388 -4.53 14.75 -11.35
N LYS D 389 -3.67 13.74 -11.43
CA LYS D 389 -2.26 13.92 -11.09
C LYS D 389 -1.54 14.83 -12.08
N GLU D 390 -1.88 14.71 -13.37
CA GLU D 390 -1.27 15.56 -14.39
C GLU D 390 -1.50 17.01 -14.02
N LEU D 391 -2.76 17.35 -13.74
CA LEU D 391 -3.12 18.71 -13.37
C LEU D 391 -2.43 19.14 -12.09
N ILE D 392 -2.46 18.29 -11.07
CA ILE D 392 -1.83 18.62 -9.80
C ILE D 392 -0.35 18.91 -10.01
N ALA D 393 0.32 18.06 -10.79
CA ALA D 393 1.79 18.17 -11.03
C ALA D 393 2.17 19.44 -11.80
N ARG D 394 1.21 20.06 -12.49
CA ARG D 394 1.47 21.26 -13.30
C ARG D 394 2.18 22.32 -12.46
N GLU D 395 1.51 22.76 -11.39
CA GLU D 395 2.05 23.78 -10.51
C GLU D 395 3.25 23.32 -9.71
N ILE D 396 3.50 22.01 -9.72
CA ILE D 396 4.61 21.43 -8.99
C ILE D 396 5.92 21.55 -9.75
N VAL D 397 5.91 21.05 -11.00
CA VAL D 397 7.09 21.03 -11.85
C VAL D 397 7.17 22.13 -12.92
N PHE D 398 6.03 22.73 -13.28
CA PHE D 398 6.03 23.78 -14.29
C PHE D 398 5.49 25.06 -13.65
N ASP D 399 6.23 25.58 -12.68
CA ASP D 399 5.89 26.80 -11.95
C ASP D 399 5.61 27.92 -12.93
N LYS D 400 4.56 28.69 -12.65
CA LYS D 400 4.17 29.82 -13.50
C LYS D 400 5.38 30.64 -13.93
#